data_5ISP
# 
_entry.id   5ISP 
# 
_audit_conform.dict_name       mmcif_pdbx.dic 
_audit_conform.dict_version    5.387 
_audit_conform.dict_location   http://mmcif.pdb.org/dictionaries/ascii/mmcif_pdbx.dic 
# 
loop_
_database_2.database_id 
_database_2.database_code 
_database_2.pdbx_database_accession 
_database_2.pdbx_DOI 
PDB   5ISP         pdb_00005isp 10.2210/pdb5isp/pdb 
WWPDB D_1000219372 ?            ?                   
# 
loop_
_pdbx_audit_revision_history.ordinal 
_pdbx_audit_revision_history.data_content_type 
_pdbx_audit_revision_history.major_revision 
_pdbx_audit_revision_history.minor_revision 
_pdbx_audit_revision_history.revision_date 
1 'Structure model' 1 0 2017-06-28 
2 'Structure model' 1 1 2017-09-20 
3 'Structure model' 1 2 2017-11-01 
4 'Structure model' 1 3 2019-12-11 
5 'Structure model' 1 4 2024-03-06 
# 
_pdbx_audit_revision_details.ordinal             1 
_pdbx_audit_revision_details.revision_ordinal    1 
_pdbx_audit_revision_details.data_content_type   'Structure model' 
_pdbx_audit_revision_details.provider            repository 
_pdbx_audit_revision_details.type                'Initial release' 
_pdbx_audit_revision_details.description         ? 
_pdbx_audit_revision_details.details             ? 
# 
loop_
_pdbx_audit_revision_group.ordinal 
_pdbx_audit_revision_group.revision_ordinal 
_pdbx_audit_revision_group.data_content_type 
_pdbx_audit_revision_group.group 
1 2 'Structure model' 'Author supporting evidence' 
2 3 'Structure model' 'Author supporting evidence' 
3 4 'Structure model' 'Author supporting evidence' 
4 5 'Structure model' 'Data collection'            
5 5 'Structure model' 'Database references'        
# 
loop_
_pdbx_audit_revision_category.ordinal 
_pdbx_audit_revision_category.revision_ordinal 
_pdbx_audit_revision_category.data_content_type 
_pdbx_audit_revision_category.category 
1 2 'Structure model' pdbx_audit_support                 
2 3 'Structure model' pdbx_struct_assembly_auth_evidence 
3 4 'Structure model' pdbx_audit_support                 
4 5 'Structure model' chem_comp_atom                     
5 5 'Structure model' chem_comp_bond                     
6 5 'Structure model' database_2                         
# 
loop_
_pdbx_audit_revision_item.ordinal 
_pdbx_audit_revision_item.revision_ordinal 
_pdbx_audit_revision_item.data_content_type 
_pdbx_audit_revision_item.item 
1 2 'Structure model' '_pdbx_audit_support.funding_organization' 
2 4 'Structure model' '_pdbx_audit_support.funding_organization' 
3 5 'Structure model' '_database_2.pdbx_DOI'                     
4 5 'Structure model' '_database_2.pdbx_database_accession'      
# 
_pdbx_database_status.status_code                     REL 
_pdbx_database_status.status_code_sf                  REL 
_pdbx_database_status.status_code_mr                  ? 
_pdbx_database_status.entry_id                        5ISP 
_pdbx_database_status.recvd_initial_deposition_date   2016-03-15 
_pdbx_database_status.SG_entry                        N 
_pdbx_database_status.deposit_site                    RCSB 
_pdbx_database_status.process_site                    RCSB 
_pdbx_database_status.status_code_cs                  ? 
_pdbx_database_status.methods_development_category    ? 
_pdbx_database_status.pdb_format_compatible           Y 
_pdbx_database_status.status_code_nmr_data            ? 
# 
loop_
_pdbx_database_related.content_type 
_pdbx_database_related.db_id 
_pdbx_database_related.db_name 
_pdbx_database_related.details 
unspecified 5HF2 PDB . 
unspecified 5HF0 PDB . 
unspecified 5ISQ PDB . 
unspecified 5IST PDB . 
# 
loop_
_audit_author.name 
_audit_author.pdbx_ordinal 
'Anderson, A.C.' 1 
'Reeve, S.M.'    2 
# 
_citation.abstract                  ? 
_citation.abstract_id_CAS           ? 
_citation.book_id_ISBN              ? 
_citation.book_publisher            ? 
_citation.book_publisher_city       ? 
_citation.book_title                ? 
_citation.coordinate_linkage        ? 
_citation.country                   US 
_citation.database_id_Medline       ? 
_citation.details                   ? 
_citation.id                        primary 
_citation.journal_abbrev            'J. Med. Chem.' 
_citation.journal_id_ASTM           JMCMAR 
_citation.journal_id_CSD            0151 
_citation.journal_id_ISSN           1520-4804 
_citation.journal_full              ? 
_citation.journal_issue             ? 
_citation.journal_volume            59 
_citation.language                  ? 
_citation.page_first                6493 
_citation.page_last                 6500 
_citation.title                     
;Charged Propargyl-Linked Antifolates Reveal Mechanisms of Antifolate Resistance and Inhibit Trimethoprim-Resistant MRSA Strains Possessing Clinically Relevant Mutations.
;
_citation.year                      2016 
_citation.database_id_CSD           ? 
_citation.pdbx_database_id_DOI      10.1021/acs.jmedchem.6b00688 
_citation.pdbx_database_id_PubMed   27308944 
_citation.unpublished_flag          ? 
# 
loop_
_citation_author.citation_id 
_citation_author.name 
_citation_author.ordinal 
_citation_author.identifier_ORCID 
primary 'Reeve, S.M.'      1 ? 
primary 'Scocchera, E.'    2 ? 
primary 'Ferreira, J.J.'   3 ? 
primary 'G-Dayanandan, N.' 4 ? 
primary 'Keshipeddy, S.'   5 ? 
primary 'Wright, D.L.'     6 ? 
primary 'Anderson, A.C.'   7 ? 
# 
loop_
_entity.id 
_entity.type 
_entity.src_method 
_entity.pdbx_description 
_entity.formula_weight 
_entity.pdbx_number_of_molecules 
_entity.pdbx_ec 
_entity.pdbx_mutation 
_entity.pdbx_fragment 
_entity.details 
1 polymer     man 'Dihydrofolate reductase'                                                                    18411.977 1   
1.5.1.3 F99Y ? ? 
2 non-polymer syn 'NADP NICOTINAMIDE-ADENINE-DINUCLEOTIDE PHOSPHATE'                                           743.405   1   ? ? ? 
? 
3 non-polymer syn '4-[3-[3-[2,4-bis(azanyl)-6-ethyl-pyrimidin-5-yl]prop-2-ynyl]-4-methoxy-phenyl]benzoic acid' 402.446   1   ? ? ? 
? 
4 non-polymer syn GLYCEROL                                                                                     92.094    1   ? ? ? 
? 
5 water       nat water                                                                                        18.015    100 ? ? ? 
? 
# 
_entity_name_com.entity_id   1 
_entity_name_com.name        DHFR 
# 
_entity_poly.entity_id                      1 
_entity_poly.type                           'polypeptide(L)' 
_entity_poly.nstd_linkage                   no 
_entity_poly.nstd_monomer                   no 
_entity_poly.pdbx_seq_one_letter_code       
;TLSILVAHDLQRVIGFENQLPWHLPNDLKHVKKLSTGHTLVMGRKTFESIGKPLPNRRNVVLTSDTSFNVEGVDVIHSIE
DIYQLPGHVFIFGGQTLYEEMIDKVDDMYITVIEGKFRGDTFFPPYTFEDWEVASSVEGKLDEKNTIPHTFLHLIRKLEH
;
_entity_poly.pdbx_seq_one_letter_code_can   
;TLSILVAHDLQRVIGFENQLPWHLPNDLKHVKKLSTGHTLVMGRKTFESIGKPLPNRRNVVLTSDTSFNVEGVDVIHSIE
DIYQLPGHVFIFGGQTLYEEMIDKVDDMYITVIEGKFRGDTFFPPYTFEDWEVASSVEGKLDEKNTIPHTFLHLIRKLEH
;
_entity_poly.pdbx_strand_id                 X 
_entity_poly.pdbx_target_identifier         ? 
# 
loop_
_pdbx_entity_nonpoly.entity_id 
_pdbx_entity_nonpoly.name 
_pdbx_entity_nonpoly.comp_id 
2 'NADP NICOTINAMIDE-ADENINE-DINUCLEOTIDE PHOSPHATE'                                           NAP 
3 '4-[3-[3-[2,4-bis(azanyl)-6-ethyl-pyrimidin-5-yl]prop-2-ynyl]-4-methoxy-phenyl]benzoic acid' U06 
4 GLYCEROL                                                                                     GOL 
5 water                                                                                        HOH 
# 
loop_
_entity_poly_seq.entity_id 
_entity_poly_seq.num 
_entity_poly_seq.mon_id 
_entity_poly_seq.hetero 
1 1   THR n 
1 2   LEU n 
1 3   SER n 
1 4   ILE n 
1 5   LEU n 
1 6   VAL n 
1 7   ALA n 
1 8   HIS n 
1 9   ASP n 
1 10  LEU n 
1 11  GLN n 
1 12  ARG n 
1 13  VAL n 
1 14  ILE n 
1 15  GLY n 
1 16  PHE n 
1 17  GLU n 
1 18  ASN n 
1 19  GLN n 
1 20  LEU n 
1 21  PRO n 
1 22  TRP n 
1 23  HIS n 
1 24  LEU n 
1 25  PRO n 
1 26  ASN n 
1 27  ASP n 
1 28  LEU n 
1 29  LYS n 
1 30  HIS n 
1 31  VAL n 
1 32  LYS n 
1 33  LYS n 
1 34  LEU n 
1 35  SER n 
1 36  THR n 
1 37  GLY n 
1 38  HIS n 
1 39  THR n 
1 40  LEU n 
1 41  VAL n 
1 42  MET n 
1 43  GLY n 
1 44  ARG n 
1 45  LYS n 
1 46  THR n 
1 47  PHE n 
1 48  GLU n 
1 49  SER n 
1 50  ILE n 
1 51  GLY n 
1 52  LYS n 
1 53  PRO n 
1 54  LEU n 
1 55  PRO n 
1 56  ASN n 
1 57  ARG n 
1 58  ARG n 
1 59  ASN n 
1 60  VAL n 
1 61  VAL n 
1 62  LEU n 
1 63  THR n 
1 64  SER n 
1 65  ASP n 
1 66  THR n 
1 67  SER n 
1 68  PHE n 
1 69  ASN n 
1 70  VAL n 
1 71  GLU n 
1 72  GLY n 
1 73  VAL n 
1 74  ASP n 
1 75  VAL n 
1 76  ILE n 
1 77  HIS n 
1 78  SER n 
1 79  ILE n 
1 80  GLU n 
1 81  ASP n 
1 82  ILE n 
1 83  TYR n 
1 84  GLN n 
1 85  LEU n 
1 86  PRO n 
1 87  GLY n 
1 88  HIS n 
1 89  VAL n 
1 90  PHE n 
1 91  ILE n 
1 92  PHE n 
1 93  GLY n 
1 94  GLY n 
1 95  GLN n 
1 96  THR n 
1 97  LEU n 
1 98  TYR n 
1 99  GLU n 
1 100 GLU n 
1 101 MET n 
1 102 ILE n 
1 103 ASP n 
1 104 LYS n 
1 105 VAL n 
1 106 ASP n 
1 107 ASP n 
1 108 MET n 
1 109 TYR n 
1 110 ILE n 
1 111 THR n 
1 112 VAL n 
1 113 ILE n 
1 114 GLU n 
1 115 GLY n 
1 116 LYS n 
1 117 PHE n 
1 118 ARG n 
1 119 GLY n 
1 120 ASP n 
1 121 THR n 
1 122 PHE n 
1 123 PHE n 
1 124 PRO n 
1 125 PRO n 
1 126 TYR n 
1 127 THR n 
1 128 PHE n 
1 129 GLU n 
1 130 ASP n 
1 131 TRP n 
1 132 GLU n 
1 133 VAL n 
1 134 ALA n 
1 135 SER n 
1 136 SER n 
1 137 VAL n 
1 138 GLU n 
1 139 GLY n 
1 140 LYS n 
1 141 LEU n 
1 142 ASP n 
1 143 GLU n 
1 144 LYS n 
1 145 ASN n 
1 146 THR n 
1 147 ILE n 
1 148 PRO n 
1 149 HIS n 
1 150 THR n 
1 151 PHE n 
1 152 LEU n 
1 153 HIS n 
1 154 LEU n 
1 155 ILE n 
1 156 ARG n 
1 157 LYS n 
1 158 LEU n 
1 159 GLU n 
1 160 HIS n 
# 
_entity_src_gen.entity_id                          1 
_entity_src_gen.pdbx_src_id                        1 
_entity_src_gen.pdbx_alt_source_flag               sample 
_entity_src_gen.pdbx_seq_type                      'Biological sequence' 
_entity_src_gen.pdbx_beg_seq_num                   1 
_entity_src_gen.pdbx_end_seq_num                   160 
_entity_src_gen.gene_src_common_name               ? 
_entity_src_gen.gene_src_genus                     ? 
_entity_src_gen.pdbx_gene_src_gene                 folA 
_entity_src_gen.gene_src_species                   ? 
_entity_src_gen.gene_src_strain                    ? 
_entity_src_gen.gene_src_tissue                    ? 
_entity_src_gen.gene_src_tissue_fraction           ? 
_entity_src_gen.gene_src_details                   ? 
_entity_src_gen.pdbx_gene_src_fragment             ? 
_entity_src_gen.pdbx_gene_src_scientific_name      'Staphylococcus aureus' 
_entity_src_gen.pdbx_gene_src_ncbi_taxonomy_id     1280 
_entity_src_gen.pdbx_gene_src_variant              ? 
_entity_src_gen.pdbx_gene_src_cell_line            ? 
_entity_src_gen.pdbx_gene_src_atcc                 43300 
_entity_src_gen.pdbx_gene_src_organ                ? 
_entity_src_gen.pdbx_gene_src_organelle            ? 
_entity_src_gen.pdbx_gene_src_cell                 ? 
_entity_src_gen.pdbx_gene_src_cellular_location    ? 
_entity_src_gen.host_org_common_name               ? 
_entity_src_gen.pdbx_host_org_scientific_name      'Escherichia coli' 
_entity_src_gen.pdbx_host_org_ncbi_taxonomy_id     469008 
_entity_src_gen.host_org_genus                     ? 
_entity_src_gen.pdbx_host_org_gene                 ? 
_entity_src_gen.pdbx_host_org_organ                ? 
_entity_src_gen.host_org_species                   ? 
_entity_src_gen.pdbx_host_org_tissue               ? 
_entity_src_gen.pdbx_host_org_tissue_fraction      ? 
_entity_src_gen.pdbx_host_org_strain               'BL21(DE2)' 
_entity_src_gen.pdbx_host_org_variant              ? 
_entity_src_gen.pdbx_host_org_cell_line            ? 
_entity_src_gen.pdbx_host_org_atcc                 ? 
_entity_src_gen.pdbx_host_org_culture_collection   ? 
_entity_src_gen.pdbx_host_org_cell                 ? 
_entity_src_gen.pdbx_host_org_organelle            ? 
_entity_src_gen.pdbx_host_org_cellular_location    ? 
_entity_src_gen.pdbx_host_org_vector_type          Plasmid 
_entity_src_gen.pdbx_host_org_vector               ? 
_entity_src_gen.host_org_details                   ? 
_entity_src_gen.expression_system_id               ? 
_entity_src_gen.plasmid_name                       pET41a+ 
_entity_src_gen.plasmid_details                    ? 
_entity_src_gen.pdbx_description                   ? 
# 
loop_
_chem_comp.id 
_chem_comp.type 
_chem_comp.mon_nstd_flag 
_chem_comp.name 
_chem_comp.pdbx_synonyms 
_chem_comp.formula 
_chem_comp.formula_weight 
ALA 'L-peptide linking' y ALANINE                                                                                      ? 
'C3 H7 N O2'        89.093  
ARG 'L-peptide linking' y ARGININE                                                                                     ? 
'C6 H15 N4 O2 1'    175.209 
ASN 'L-peptide linking' y ASPARAGINE                                                                                   ? 
'C4 H8 N2 O3'       132.118 
ASP 'L-peptide linking' y 'ASPARTIC ACID'                                                                              ? 
'C4 H7 N O4'        133.103 
GLN 'L-peptide linking' y GLUTAMINE                                                                                    ? 
'C5 H10 N2 O3'      146.144 
GLU 'L-peptide linking' y 'GLUTAMIC ACID'                                                                              ? 
'C5 H9 N O4'        147.129 
GLY 'peptide linking'   y GLYCINE                                                                                      ? 
'C2 H5 N O2'        75.067  
GOL non-polymer         . GLYCEROL                                                                                     
'GLYCERIN; PROPANE-1,2,3-TRIOL'                                                                                  'C3 H8 O3' 92.094 
HIS 'L-peptide linking' y HISTIDINE                                                                                    ? 
'C6 H10 N3 O2 1'    156.162 
HOH non-polymer         . WATER                                                                                        ? 'H2 O' 
18.015  
ILE 'L-peptide linking' y ISOLEUCINE                                                                                   ? 
'C6 H13 N O2'       131.173 
LEU 'L-peptide linking' y LEUCINE                                                                                      ? 
'C6 H13 N O2'       131.173 
LYS 'L-peptide linking' y LYSINE                                                                                       ? 
'C6 H15 N2 O2 1'    147.195 
MET 'L-peptide linking' y METHIONINE                                                                                   ? 
'C5 H11 N O2 S'     149.211 
NAP non-polymer         . 'NADP NICOTINAMIDE-ADENINE-DINUCLEOTIDE PHOSPHATE'                                           
;2'-MONOPHOSPHOADENOSINE 5'-DIPHOSPHORIBOSE
;
'C21 H28 N7 O17 P3' 743.405 
PHE 'L-peptide linking' y PHENYLALANINE                                                                                ? 
'C9 H11 N O2'       165.189 
PRO 'L-peptide linking' y PROLINE                                                                                      ? 
'C5 H9 N O2'        115.130 
SER 'L-peptide linking' y SERINE                                                                                       ? 
'C3 H7 N O3'        105.093 
THR 'L-peptide linking' y THREONINE                                                                                    ? 
'C4 H9 N O3'        119.119 
TRP 'L-peptide linking' y TRYPTOPHAN                                                                                   ? 
'C11 H12 N2 O2'     204.225 
TYR 'L-peptide linking' y TYROSINE                                                                                     ? 
'C9 H11 N O3'       181.189 
U06 non-polymer         . '4-[3-[3-[2,4-bis(azanyl)-6-ethyl-pyrimidin-5-yl]prop-2-ynyl]-4-methoxy-phenyl]benzoic acid' 
;3'-(3-(2,4-diamino-6-ethylpyrimidin-5-yl)prop-2-yn-1-yl)-4'-methoxy-[1,1'-biphenyl]-4-carboxylic acid; UCP1106
;
'C23 H22 N4 O3'     402.446 
VAL 'L-peptide linking' y VALINE                                                                                       ? 
'C5 H11 N O2'       117.146 
# 
loop_
_pdbx_poly_seq_scheme.asym_id 
_pdbx_poly_seq_scheme.entity_id 
_pdbx_poly_seq_scheme.seq_id 
_pdbx_poly_seq_scheme.mon_id 
_pdbx_poly_seq_scheme.ndb_seq_num 
_pdbx_poly_seq_scheme.pdb_seq_num 
_pdbx_poly_seq_scheme.auth_seq_num 
_pdbx_poly_seq_scheme.pdb_mon_id 
_pdbx_poly_seq_scheme.auth_mon_id 
_pdbx_poly_seq_scheme.pdb_strand_id 
_pdbx_poly_seq_scheme.pdb_ins_code 
_pdbx_poly_seq_scheme.hetero 
A 1 1   THR 1   1   1   THR THR X . n 
A 1 2   LEU 2   2   2   LEU LEU X . n 
A 1 3   SER 3   3   3   SER SER X . n 
A 1 4   ILE 4   4   4   ILE ILE X . n 
A 1 5   LEU 5   5   5   LEU LEU X . n 
A 1 6   VAL 6   6   6   VAL VAL X . n 
A 1 7   ALA 7   7   7   ALA ALA X . n 
A 1 8   HIS 8   8   8   HIS HIS X . n 
A 1 9   ASP 9   9   9   ASP ASP X . n 
A 1 10  LEU 10  10  10  LEU LEU X . n 
A 1 11  GLN 11  11  11  GLN GLN X . n 
A 1 12  ARG 12  12  12  ARG ARG X . n 
A 1 13  VAL 13  13  13  VAL VAL X . n 
A 1 14  ILE 14  14  14  ILE ILE X . n 
A 1 15  GLY 15  15  15  GLY GLY X . n 
A 1 16  PHE 16  16  16  PHE PHE X . n 
A 1 17  GLU 17  17  17  GLU GLU X . n 
A 1 18  ASN 18  18  18  ASN ASN X . n 
A 1 19  GLN 19  19  19  GLN GLN X . n 
A 1 20  LEU 20  20  20  LEU LEU X . n 
A 1 21  PRO 21  21  21  PRO PRO X . n 
A 1 22  TRP 22  22  22  TRP TRP X . n 
A 1 23  HIS 23  23  23  HIS HIS X . n 
A 1 24  LEU 24  24  24  LEU LEU X . n 
A 1 25  PRO 25  25  25  PRO PRO X . n 
A 1 26  ASN 26  26  26  ASN ASN X . n 
A 1 27  ASP 27  27  27  ASP ASP X . n 
A 1 28  LEU 28  28  28  LEU LEU X . n 
A 1 29  LYS 29  29  29  LYS LYS X . n 
A 1 30  HIS 30  30  30  HIS HIS X . n 
A 1 31  VAL 31  31  31  VAL VAL X . n 
A 1 32  LYS 32  32  32  LYS LYS X . n 
A 1 33  LYS 33  33  33  LYS LYS X . n 
A 1 34  LEU 34  34  34  LEU LEU X . n 
A 1 35  SER 35  35  35  SER SER X . n 
A 1 36  THR 36  36  36  THR THR X . n 
A 1 37  GLY 37  37  37  GLY GLY X . n 
A 1 38  HIS 38  38  38  HIS HIS X . n 
A 1 39  THR 39  39  39  THR THR X . n 
A 1 40  LEU 40  40  40  LEU LEU X . n 
A 1 41  VAL 41  41  41  VAL VAL X . n 
A 1 42  MET 42  42  42  MET MET X . n 
A 1 43  GLY 43  43  43  GLY GLY X . n 
A 1 44  ARG 44  44  44  ARG ARG X . n 
A 1 45  LYS 45  45  45  LYS LYS X . n 
A 1 46  THR 46  46  46  THR THR X . n 
A 1 47  PHE 47  47  47  PHE PHE X . n 
A 1 48  GLU 48  48  48  GLU GLU X . n 
A 1 49  SER 49  49  49  SER SER X . n 
A 1 50  ILE 50  50  50  ILE ILE X . n 
A 1 51  GLY 51  51  51  GLY GLY X . n 
A 1 52  LYS 52  52  52  LYS LYS X . n 
A 1 53  PRO 53  53  53  PRO PRO X . n 
A 1 54  LEU 54  54  54  LEU LEU X . n 
A 1 55  PRO 55  55  55  PRO PRO X . n 
A 1 56  ASN 56  56  56  ASN ASN X . n 
A 1 57  ARG 57  57  57  ARG ARG X . n 
A 1 58  ARG 58  58  58  ARG ARG X . n 
A 1 59  ASN 59  59  59  ASN ASN X . n 
A 1 60  VAL 60  60  60  VAL VAL X . n 
A 1 61  VAL 61  61  61  VAL VAL X . n 
A 1 62  LEU 62  62  62  LEU LEU X . n 
A 1 63  THR 63  63  63  THR THR X . n 
A 1 64  SER 64  64  64  SER SER X . n 
A 1 65  ASP 65  65  65  ASP ASP X . n 
A 1 66  THR 66  66  66  THR THR X . n 
A 1 67  SER 67  67  67  SER SER X . n 
A 1 68  PHE 68  68  68  PHE PHE X . n 
A 1 69  ASN 69  69  69  ASN ASN X . n 
A 1 70  VAL 70  70  70  VAL VAL X . n 
A 1 71  GLU 71  71  71  GLU GLU X . n 
A 1 72  GLY 72  72  72  GLY GLY X . n 
A 1 73  VAL 73  73  73  VAL VAL X . n 
A 1 74  ASP 74  74  74  ASP ASP X . n 
A 1 75  VAL 75  75  75  VAL VAL X . n 
A 1 76  ILE 76  76  76  ILE ILE X . n 
A 1 77  HIS 77  77  77  HIS HIS X . n 
A 1 78  SER 78  78  78  SER SER X . n 
A 1 79  ILE 79  79  79  ILE ILE X . n 
A 1 80  GLU 80  80  80  GLU GLU X . n 
A 1 81  ASP 81  81  81  ASP ASP X . n 
A 1 82  ILE 82  82  82  ILE ILE X . n 
A 1 83  TYR 83  83  83  TYR TYR X . n 
A 1 84  GLN 84  84  84  GLN GLN X . n 
A 1 85  LEU 85  85  85  LEU LEU X . n 
A 1 86  PRO 86  86  86  PRO PRO X . n 
A 1 87  GLY 87  87  87  GLY GLY X . n 
A 1 88  HIS 88  88  88  HIS HIS X . n 
A 1 89  VAL 89  89  89  VAL VAL X . n 
A 1 90  PHE 90  90  90  PHE PHE X . n 
A 1 91  ILE 91  91  91  ILE ILE X . n 
A 1 92  PHE 92  92  92  PHE PHE X . n 
A 1 93  GLY 93  93  93  GLY GLY X . n 
A 1 94  GLY 94  94  94  GLY GLY X . n 
A 1 95  GLN 95  95  95  GLN GLN X . n 
A 1 96  THR 96  96  96  THR THR X . n 
A 1 97  LEU 97  97  97  LEU LEU X . n 
A 1 98  TYR 98  98  98  TYR TYR X . n 
A 1 99  GLU 99  99  99  GLU GLU X . n 
A 1 100 GLU 100 100 100 GLU GLU X . n 
A 1 101 MET 101 101 101 MET MET X . n 
A 1 102 ILE 102 102 102 ILE ILE X . n 
A 1 103 ASP 103 103 103 ASP ASP X . n 
A 1 104 LYS 104 104 104 LYS LYS X . n 
A 1 105 VAL 105 105 105 VAL VAL X . n 
A 1 106 ASP 106 106 106 ASP ASP X . n 
A 1 107 ASP 107 107 107 ASP ASP X . n 
A 1 108 MET 108 108 108 MET MET X . n 
A 1 109 TYR 109 109 109 TYR TYR X . n 
A 1 110 ILE 110 110 110 ILE ILE X . n 
A 1 111 THR 111 111 111 THR THR X . n 
A 1 112 VAL 112 112 112 VAL VAL X . n 
A 1 113 ILE 113 113 113 ILE ILE X . n 
A 1 114 GLU 114 114 114 GLU GLU X . n 
A 1 115 GLY 115 115 115 GLY GLY X . n 
A 1 116 LYS 116 116 116 LYS LYS X . n 
A 1 117 PHE 117 117 117 PHE PHE X . n 
A 1 118 ARG 118 118 118 ARG ARG X . n 
A 1 119 GLY 119 119 119 GLY GLY X . n 
A 1 120 ASP 120 120 120 ASP ASP X . n 
A 1 121 THR 121 121 121 THR THR X . n 
A 1 122 PHE 122 122 122 PHE PHE X . n 
A 1 123 PHE 123 123 123 PHE PHE X . n 
A 1 124 PRO 124 124 124 PRO PRO X . n 
A 1 125 PRO 125 125 125 PRO PRO X . n 
A 1 126 TYR 126 126 126 TYR TYR X . n 
A 1 127 THR 127 127 127 THR THR X . n 
A 1 128 PHE 128 128 128 PHE PHE X . n 
A 1 129 GLU 129 129 129 GLU GLU X . n 
A 1 130 ASP 130 130 130 ASP ASP X . n 
A 1 131 TRP 131 131 131 TRP TRP X . n 
A 1 132 GLU 132 132 132 GLU GLU X . n 
A 1 133 VAL 133 133 133 VAL VAL X . n 
A 1 134 ALA 134 134 134 ALA ALA X . n 
A 1 135 SER 135 135 135 SER SER X . n 
A 1 136 SER 136 136 136 SER SER X . n 
A 1 137 VAL 137 137 137 VAL VAL X . n 
A 1 138 GLU 138 138 138 GLU GLU X . n 
A 1 139 GLY 139 139 139 GLY GLY X . n 
A 1 140 LYS 140 140 140 LYS LYS X . n 
A 1 141 LEU 141 141 141 LEU LEU X . n 
A 1 142 ASP 142 142 142 ASP ASP X . n 
A 1 143 GLU 143 143 143 GLU GLU X . n 
A 1 144 LYS 144 144 144 LYS LYS X . n 
A 1 145 ASN 145 145 145 ASN ASN X . n 
A 1 146 THR 146 146 146 THR THR X . n 
A 1 147 ILE 147 147 147 ILE ILE X . n 
A 1 148 PRO 148 148 148 PRO PRO X . n 
A 1 149 HIS 149 149 149 HIS HIS X . n 
A 1 150 THR 150 150 150 THR THR X . n 
A 1 151 PHE 151 151 151 PHE PHE X . n 
A 1 152 LEU 152 152 152 LEU LEU X . n 
A 1 153 HIS 153 153 153 HIS HIS X . n 
A 1 154 LEU 154 154 154 LEU LEU X . n 
A 1 155 ILE 155 155 155 ILE ILE X . n 
A 1 156 ARG 156 156 156 ARG ARG X . n 
A 1 157 LYS 157 157 157 LYS LYS X . n 
A 1 158 LEU 158 158 ?   ?   ?   X . n 
A 1 159 GLU 159 159 ?   ?   ?   X . n 
A 1 160 HIS 160 160 ?   ?   ?   X . n 
# 
loop_
_pdbx_nonpoly_scheme.asym_id 
_pdbx_nonpoly_scheme.entity_id 
_pdbx_nonpoly_scheme.mon_id 
_pdbx_nonpoly_scheme.ndb_seq_num 
_pdbx_nonpoly_scheme.pdb_seq_num 
_pdbx_nonpoly_scheme.auth_seq_num 
_pdbx_nonpoly_scheme.pdb_mon_id 
_pdbx_nonpoly_scheme.auth_mon_id 
_pdbx_nonpoly_scheme.pdb_strand_id 
_pdbx_nonpoly_scheme.pdb_ins_code 
B 2 NAP 1   201 207 NAP NAP X . 
C 3 U06 1   202 1   U06 DRG X . 
D 4 GOL 1   203 221 GOL GOL X . 
E 5 HOH 1   301 68  HOH HOH X . 
E 5 HOH 2   302 89  HOH HOH X . 
E 5 HOH 3   303 105 HOH HOH X . 
E 5 HOH 4   304 76  HOH HOH X . 
E 5 HOH 5   305 45  HOH HOH X . 
E 5 HOH 6   306 64  HOH HOH X . 
E 5 HOH 7   307 62  HOH HOH X . 
E 5 HOH 8   308 88  HOH HOH X . 
E 5 HOH 9   309 73  HOH HOH X . 
E 5 HOH 10  310 1   HOH HOH X . 
E 5 HOH 11  311 77  HOH HOH X . 
E 5 HOH 12  312 79  HOH HOH X . 
E 5 HOH 13  313 41  HOH HOH X . 
E 5 HOH 14  314 86  HOH HOH X . 
E 5 HOH 15  315 26  HOH HOH X . 
E 5 HOH 16  316 16  HOH HOH X . 
E 5 HOH 17  317 92  HOH HOH X . 
E 5 HOH 18  318 55  HOH HOH X . 
E 5 HOH 19  319 35  HOH HOH X . 
E 5 HOH 20  320 54  HOH HOH X . 
E 5 HOH 21  321 22  HOH HOH X . 
E 5 HOH 22  322 3   HOH HOH X . 
E 5 HOH 23  323 72  HOH HOH X . 
E 5 HOH 24  324 78  HOH HOH X . 
E 5 HOH 25  325 9   HOH HOH X . 
E 5 HOH 26  326 56  HOH HOH X . 
E 5 HOH 27  327 7   HOH HOH X . 
E 5 HOH 28  328 42  HOH HOH X . 
E 5 HOH 29  329 48  HOH HOH X . 
E 5 HOH 30  330 32  HOH HOH X . 
E 5 HOH 31  331 17  HOH HOH X . 
E 5 HOH 32  332 60  HOH HOH X . 
E 5 HOH 33  333 69  HOH HOH X . 
E 5 HOH 34  334 46  HOH HOH X . 
E 5 HOH 35  335 82  HOH HOH X . 
E 5 HOH 36  336 18  HOH HOH X . 
E 5 HOH 37  337 50  HOH HOH X . 
E 5 HOH 38  338 4   HOH HOH X . 
E 5 HOH 39  339 65  HOH HOH X . 
E 5 HOH 40  340 25  HOH HOH X . 
E 5 HOH 41  341 34  HOH HOH X . 
E 5 HOH 42  342 36  HOH HOH X . 
E 5 HOH 43  343 31  HOH HOH X . 
E 5 HOH 44  344 90  HOH HOH X . 
E 5 HOH 45  345 12  HOH HOH X . 
E 5 HOH 46  346 57  HOH HOH X . 
E 5 HOH 47  347 97  HOH HOH X . 
E 5 HOH 48  348 47  HOH HOH X . 
E 5 HOH 49  349 91  HOH HOH X . 
E 5 HOH 50  350 33  HOH HOH X . 
E 5 HOH 51  351 8   HOH HOH X . 
E 5 HOH 52  352 104 HOH HOH X . 
E 5 HOH 53  353 5   HOH HOH X . 
E 5 HOH 54  354 49  HOH HOH X . 
E 5 HOH 55  355 74  HOH HOH X . 
E 5 HOH 56  356 84  HOH HOH X . 
E 5 HOH 57  357 37  HOH HOH X . 
E 5 HOH 58  358 39  HOH HOH X . 
E 5 HOH 59  359 6   HOH HOH X . 
E 5 HOH 60  360 96  HOH HOH X . 
E 5 HOH 61  361 98  HOH HOH X . 
E 5 HOH 62  362 28  HOH HOH X . 
E 5 HOH 63  363 94  HOH HOH X . 
E 5 HOH 64  364 15  HOH HOH X . 
E 5 HOH 65  365 20  HOH HOH X . 
E 5 HOH 66  366 67  HOH HOH X . 
E 5 HOH 67  367 51  HOH HOH X . 
E 5 HOH 68  368 23  HOH HOH X . 
E 5 HOH 69  369 11  HOH HOH X . 
E 5 HOH 70  370 2   HOH HOH X . 
E 5 HOH 71  371 58  HOH HOH X . 
E 5 HOH 72  372 70  HOH HOH X . 
E 5 HOH 73  373 85  HOH HOH X . 
E 5 HOH 74  374 21  HOH HOH X . 
E 5 HOH 75  375 93  HOH HOH X . 
E 5 HOH 76  376 95  HOH HOH X . 
E 5 HOH 77  377 71  HOH HOH X . 
E 5 HOH 78  378 99  HOH HOH X . 
E 5 HOH 79  379 10  HOH HOH X . 
E 5 HOH 80  380 30  HOH HOH X . 
E 5 HOH 81  381 103 HOH HOH X . 
E 5 HOH 82  382 44  HOH HOH X . 
E 5 HOH 83  383 38  HOH HOH X . 
E 5 HOH 84  384 83  HOH HOH X . 
E 5 HOH 85  385 14  HOH HOH X . 
E 5 HOH 86  386 101 HOH HOH X . 
E 5 HOH 87  387 81  HOH HOH X . 
E 5 HOH 88  388 66  HOH HOH X . 
E 5 HOH 89  389 13  HOH HOH X . 
E 5 HOH 90  390 87  HOH HOH X . 
E 5 HOH 91  391 80  HOH HOH X . 
E 5 HOH 92  392 100 HOH HOH X . 
E 5 HOH 93  393 43  HOH HOH X . 
E 5 HOH 94  394 19  HOH HOH X . 
E 5 HOH 95  395 29  HOH HOH X . 
E 5 HOH 96  396 106 HOH HOH X . 
E 5 HOH 97  397 40  HOH HOH X . 
E 5 HOH 98  398 102 HOH HOH X . 
E 5 HOH 99  399 75  HOH HOH X . 
E 5 HOH 100 400 27  HOH HOH X . 
# 
loop_
_software.citation_id 
_software.classification 
_software.compiler_name 
_software.compiler_version 
_software.contact_author 
_software.contact_author_email 
_software.date 
_software.description 
_software.dependencies 
_software.hardware 
_software.language 
_software.location 
_software.mods 
_software.name 
_software.os 
_software.os_version 
_software.type 
_software.version 
_software.pdbx_ordinal 
? refinement       ? ? ? ? ? ? ? ? ? ? ? PHENIX   ? ? ? 1.9_1692 1 
? 'data reduction' ? ? ? ? ? ? ? ? ? ? ? HKL-2000 ? ? ? .        2 
? 'model building' ? ? ? ? ? ? ? ? ? ? ? PHENIX   ? ? ? .        3 
? 'data scaling'   ? ? ? ? ? ? ? ? ? ? ? HKL-2000 ? ? ? .        4 
# 
_cell.angle_alpha                  90.00 
_cell.angle_alpha_esd              ? 
_cell.angle_beta                   90.00 
_cell.angle_beta_esd               ? 
_cell.angle_gamma                  120.00 
_cell.angle_gamma_esd              ? 
_cell.entry_id                     5ISP 
_cell.details                      ? 
_cell.formula_units_Z              ? 
_cell.length_a                     79.129 
_cell.length_a_esd                 ? 
_cell.length_b                     79.129 
_cell.length_b_esd                 ? 
_cell.length_c                     107.405 
_cell.length_c_esd                 ? 
_cell.volume                       ? 
_cell.volume_esd                   ? 
_cell.Z_PDB                        12 
_cell.reciprocal_angle_alpha       ? 
_cell.reciprocal_angle_beta        ? 
_cell.reciprocal_angle_gamma       ? 
_cell.reciprocal_angle_alpha_esd   ? 
_cell.reciprocal_angle_beta_esd    ? 
_cell.reciprocal_angle_gamma_esd   ? 
_cell.reciprocal_length_a          ? 
_cell.reciprocal_length_b          ? 
_cell.reciprocal_length_c          ? 
_cell.reciprocal_length_a_esd      ? 
_cell.reciprocal_length_b_esd      ? 
_cell.reciprocal_length_c_esd      ? 
_cell.pdbx_unique_axis             ? 
# 
_symmetry.entry_id                         5ISP 
_symmetry.cell_setting                     ? 
_symmetry.Int_Tables_number                178 
_symmetry.space_group_name_Hall            ? 
_symmetry.space_group_name_H-M             'P 61 2 2' 
_symmetry.pdbx_full_space_group_name_H-M   ? 
# 
_exptl.absorpt_coefficient_mu     ? 
_exptl.absorpt_correction_T_max   ? 
_exptl.absorpt_correction_T_min   ? 
_exptl.absorpt_correction_type    ? 
_exptl.absorpt_process_details    ? 
_exptl.entry_id                   5ISP 
_exptl.crystals_number            1 
_exptl.details                    ? 
_exptl.method                     'X-RAY DIFFRACTION' 
_exptl.method_details             ? 
# 
_exptl_crystal.colour                      ? 
_exptl_crystal.density_diffrn              ? 
_exptl_crystal.density_Matthews            2.64 
_exptl_crystal.density_method              ? 
_exptl_crystal.density_percent_sol         53.34 
_exptl_crystal.description                 ? 
_exptl_crystal.F_000                       ? 
_exptl_crystal.id                          1 
_exptl_crystal.preparation                 ? 
_exptl_crystal.size_max                    ? 
_exptl_crystal.size_mid                    ? 
_exptl_crystal.size_min                    ? 
_exptl_crystal.size_rad                    ? 
_exptl_crystal.colour_lustre               ? 
_exptl_crystal.colour_modifier             ? 
_exptl_crystal.colour_primary              ? 
_exptl_crystal.density_meas                ? 
_exptl_crystal.density_meas_esd            ? 
_exptl_crystal.density_meas_gt             ? 
_exptl_crystal.density_meas_lt             ? 
_exptl_crystal.density_meas_temp           ? 
_exptl_crystal.density_meas_temp_esd       ? 
_exptl_crystal.density_meas_temp_gt        ? 
_exptl_crystal.density_meas_temp_lt        ? 
_exptl_crystal.pdbx_crystal_image_url      ? 
_exptl_crystal.pdbx_crystal_image_format   ? 
_exptl_crystal.pdbx_mosaicity              ? 
_exptl_crystal.pdbx_mosaicity_esd          ? 
# 
_exptl_crystal_grow.apparatus       ? 
_exptl_crystal_grow.atmosphere      ? 
_exptl_crystal_grow.crystal_id      1 
_exptl_crystal_grow.details         ? 
_exptl_crystal_grow.method          'VAPOR DIFFUSION, HANGING DROP' 
_exptl_crystal_grow.method_ref      ? 
_exptl_crystal_grow.pH              ? 
_exptl_crystal_grow.pressure        ? 
_exptl_crystal_grow.pressure_esd    ? 
_exptl_crystal_grow.seeding         ? 
_exptl_crystal_grow.seeding_ref     ? 
_exptl_crystal_grow.temp            277 
_exptl_crystal_grow.temp_details    ? 
_exptl_crystal_grow.temp_esd        ? 
_exptl_crystal_grow.time            ? 
_exptl_crystal_grow.pdbx_details    '0.1M MES pH 6.0, 0.2M Sodium Acetate, 13% PEG 10,000, 20% gamma-butyrolactone and 14.25 mg/mL' 
_exptl_crystal_grow.pdbx_pH_range   ? 
# 
_diffrn.ambient_environment    ? 
_diffrn.ambient_temp           100 
_diffrn.ambient_temp_details   ? 
_diffrn.ambient_temp_esd       ? 
_diffrn.crystal_id             1 
_diffrn.crystal_support        ? 
_diffrn.crystal_treatment      ? 
_diffrn.details                ? 
_diffrn.id                     1 
_diffrn.ambient_pressure       ? 
_diffrn.ambient_pressure_esd   ? 
_diffrn.ambient_pressure_gt    ? 
_diffrn.ambient_pressure_lt    ? 
_diffrn.ambient_temp_gt        ? 
_diffrn.ambient_temp_lt        ? 
# 
_diffrn_detector.details                      ? 
_diffrn_detector.detector                     CCD 
_diffrn_detector.diffrn_id                    1 
_diffrn_detector.type                         'ADSC QUANTUM 315r' 
_diffrn_detector.area_resol_mean              ? 
_diffrn_detector.dtime                        ? 
_diffrn_detector.pdbx_frames_total            ? 
_diffrn_detector.pdbx_collection_time_total   ? 
_diffrn_detector.pdbx_collection_date         2015-03-24 
# 
_diffrn_radiation.collimation                      ? 
_diffrn_radiation.diffrn_id                        1 
_diffrn_radiation.filter_edge                      ? 
_diffrn_radiation.inhomogeneity                    ? 
_diffrn_radiation.monochromator                    ? 
_diffrn_radiation.polarisn_norm                    ? 
_diffrn_radiation.polarisn_ratio                   ? 
_diffrn_radiation.probe                            ? 
_diffrn_radiation.type                             ? 
_diffrn_radiation.xray_symbol                      ? 
_diffrn_radiation.wavelength_id                    1 
_diffrn_radiation.pdbx_monochromatic_or_laue_m_l   M 
_diffrn_radiation.pdbx_wavelength_list             ? 
_diffrn_radiation.pdbx_wavelength                  ? 
_diffrn_radiation.pdbx_diffrn_protocol             'SINGLE WAVELENGTH' 
_diffrn_radiation.pdbx_analyzer                    ? 
_diffrn_radiation.pdbx_scattering_type             x-ray 
# 
_diffrn_radiation_wavelength.id           1 
_diffrn_radiation_wavelength.wavelength   0.979 
_diffrn_radiation_wavelength.wt           1.0 
# 
_diffrn_source.current                     ? 
_diffrn_source.details                     ? 
_diffrn_source.diffrn_id                   1 
_diffrn_source.power                       ? 
_diffrn_source.size                        ? 
_diffrn_source.source                      SYNCHROTRON 
_diffrn_source.target                      ? 
_diffrn_source.type                        'SSRL BEAMLINE BL7-1' 
_diffrn_source.voltage                     ? 
_diffrn_source.take-off_angle              ? 
_diffrn_source.pdbx_wavelength_list        0.979 
_diffrn_source.pdbx_wavelength             ? 
_diffrn_source.pdbx_synchrotron_beamline   BL7-1 
_diffrn_source.pdbx_synchrotron_site       SSRL 
# 
_reflns.B_iso_Wilson_estimate            ? 
_reflns.entry_id                         5ISP 
_reflns.data_reduction_details           ? 
_reflns.data_reduction_method            ? 
_reflns.d_resolution_high                1.84 
_reflns.d_resolution_low                 28.85 
_reflns.details                          ? 
_reflns.limit_h_max                      ? 
_reflns.limit_h_min                      ? 
_reflns.limit_k_max                      ? 
_reflns.limit_k_min                      ? 
_reflns.limit_l_max                      ? 
_reflns.limit_l_min                      ? 
_reflns.number_all                       ? 
_reflns.number_obs                       17979 
_reflns.observed_criterion               ? 
_reflns.observed_criterion_F_max         ? 
_reflns.observed_criterion_F_min         ? 
_reflns.observed_criterion_I_max         ? 
_reflns.observed_criterion_I_min         ? 
_reflns.observed_criterion_sigma_F       ? 
_reflns.observed_criterion_sigma_I       ? 
_reflns.percent_possible_obs             99.9 
_reflns.R_free_details                   ? 
_reflns.Rmerge_F_all                     ? 
_reflns.Rmerge_F_obs                     ? 
_reflns.Friedel_coverage                 ? 
_reflns.number_gt                        ? 
_reflns.threshold_expression             ? 
_reflns.pdbx_redundancy                  8.2 
_reflns.pdbx_Rmerge_I_obs                ? 
_reflns.pdbx_Rmerge_I_all                ? 
_reflns.pdbx_Rsym_value                  0.105 
_reflns.pdbx_netI_over_av_sigmaI         ? 
_reflns.pdbx_netI_over_sigmaI            48.4 
_reflns.pdbx_res_netI_over_av_sigmaI_2   ? 
_reflns.pdbx_res_netI_over_sigmaI_2      ? 
_reflns.pdbx_chi_squared                 ? 
_reflns.pdbx_scaling_rejects             ? 
_reflns.pdbx_d_res_high_opt              ? 
_reflns.pdbx_d_res_low_opt               ? 
_reflns.pdbx_d_res_opt_method            ? 
_reflns.phase_calculation_details        ? 
_reflns.pdbx_Rrim_I_all                  ? 
_reflns.pdbx_Rpim_I_all                  ? 
_reflns.pdbx_d_opt                       ? 
_reflns.pdbx_number_measured_all         ? 
_reflns.pdbx_diffrn_id                   1 
_reflns.pdbx_ordinal                     1 
_reflns.pdbx_CC_half                     ? 
_reflns.pdbx_R_split                     ? 
# 
_reflns_shell.d_res_high                  . 
_reflns_shell.d_res_low                   ? 
_reflns_shell.meanI_over_sigI_all         ? 
_reflns_shell.meanI_over_sigI_obs         ? 
_reflns_shell.number_measured_all         ? 
_reflns_shell.number_measured_obs         ? 
_reflns_shell.number_possible             ? 
_reflns_shell.number_unique_all           ? 
_reflns_shell.number_unique_obs           ? 
_reflns_shell.percent_possible_all        ? 
_reflns_shell.percent_possible_obs        ? 
_reflns_shell.Rmerge_F_all                ? 
_reflns_shell.Rmerge_F_obs                ? 
_reflns_shell.Rmerge_I_all                ? 
_reflns_shell.Rmerge_I_obs                ? 
_reflns_shell.meanI_over_sigI_gt          ? 
_reflns_shell.meanI_over_uI_all           ? 
_reflns_shell.meanI_over_uI_gt            ? 
_reflns_shell.number_measured_gt          ? 
_reflns_shell.number_unique_gt            ? 
_reflns_shell.percent_possible_gt         ? 
_reflns_shell.Rmerge_F_gt                 ? 
_reflns_shell.Rmerge_I_gt                 ? 
_reflns_shell.pdbx_redundancy             ? 
_reflns_shell.pdbx_Rsym_value             ? 
_reflns_shell.pdbx_chi_squared            ? 
_reflns_shell.pdbx_netI_over_sigmaI_all   ? 
_reflns_shell.pdbx_netI_over_sigmaI_obs   ? 
_reflns_shell.pdbx_Rrim_I_all             ? 
_reflns_shell.pdbx_Rpim_I_all             ? 
_reflns_shell.pdbx_rejects                ? 
_reflns_shell.pdbx_ordinal                1 
_reflns_shell.pdbx_diffrn_id              1 
_reflns_shell.pdbx_CC_half                ? 
_reflns_shell.pdbx_R_split                ? 
# 
_refine.aniso_B[1][1]                            ? 
_refine.aniso_B[1][2]                            ? 
_refine.aniso_B[1][3]                            ? 
_refine.aniso_B[2][2]                            ? 
_refine.aniso_B[2][3]                            ? 
_refine.aniso_B[3][3]                            ? 
_refine.B_iso_max                                ? 
_refine.B_iso_mean                               ? 
_refine.B_iso_min                                ? 
_refine.correlation_coeff_Fo_to_Fc               ? 
_refine.correlation_coeff_Fo_to_Fc_free          ? 
_refine.details                                  ? 
_refine.diff_density_max                         ? 
_refine.diff_density_max_esd                     ? 
_refine.diff_density_min                         ? 
_refine.diff_density_min_esd                     ? 
_refine.diff_density_rms                         ? 
_refine.diff_density_rms_esd                     ? 
_refine.entry_id                                 5ISP 
_refine.pdbx_refine_id                           'X-RAY DIFFRACTION' 
_refine.ls_abs_structure_details                 ? 
_refine.ls_abs_structure_Flack                   ? 
_refine.ls_abs_structure_Flack_esd               ? 
_refine.ls_abs_structure_Rogers                  ? 
_refine.ls_abs_structure_Rogers_esd              ? 
_refine.ls_d_res_high                            1.84 
_refine.ls_d_res_low                             28.85 
_refine.ls_extinction_coef                       ? 
_refine.ls_extinction_coef_esd                   ? 
_refine.ls_extinction_expression                 ? 
_refine.ls_extinction_method                     ? 
_refine.ls_goodness_of_fit_all                   ? 
_refine.ls_goodness_of_fit_all_esd               ? 
_refine.ls_goodness_of_fit_obs                   ? 
_refine.ls_goodness_of_fit_obs_esd               ? 
_refine.ls_hydrogen_treatment                    ? 
_refine.ls_matrix_type                           ? 
_refine.ls_number_constraints                    ? 
_refine.ls_number_parameters                     ? 
_refine.ls_number_reflns_all                     ? 
_refine.ls_number_reflns_obs                     17979 
_refine.ls_number_reflns_R_free                  882 
_refine.ls_number_reflns_R_work                  ? 
_refine.ls_number_restraints                     ? 
_refine.ls_percent_reflns_obs                    99.90 
_refine.ls_percent_reflns_R_free                 4.91 
_refine.ls_R_factor_all                          ? 
_refine.ls_R_factor_obs                          0.1818 
_refine.ls_R_factor_R_free                       0.2096 
_refine.ls_R_factor_R_free_error                 ? 
_refine.ls_R_factor_R_free_error_details         ? 
_refine.ls_R_factor_R_work                       0.1803 
_refine.ls_R_Fsqd_factor_obs                     ? 
_refine.ls_R_I_factor_obs                        ? 
_refine.ls_redundancy_reflns_all                 ? 
_refine.ls_redundancy_reflns_obs                 ? 
_refine.ls_restrained_S_all                      ? 
_refine.ls_restrained_S_obs                      ? 
_refine.ls_shift_over_esd_max                    ? 
_refine.ls_shift_over_esd_mean                   ? 
_refine.ls_structure_factor_coef                 ? 
_refine.ls_weighting_details                     ? 
_refine.ls_weighting_scheme                      ? 
_refine.ls_wR_factor_all                         ? 
_refine.ls_wR_factor_obs                         ? 
_refine.ls_wR_factor_R_free                      ? 
_refine.ls_wR_factor_R_work                      ? 
_refine.occupancy_max                            ? 
_refine.occupancy_min                            ? 
_refine.solvent_model_details                    ? 
_refine.solvent_model_param_bsol                 ? 
_refine.solvent_model_param_ksol                 ? 
_refine.ls_R_factor_gt                           ? 
_refine.ls_goodness_of_fit_gt                    ? 
_refine.ls_goodness_of_fit_ref                   ? 
_refine.ls_shift_over_su_max                     ? 
_refine.ls_shift_over_su_max_lt                  ? 
_refine.ls_shift_over_su_mean                    ? 
_refine.ls_shift_over_su_mean_lt                 ? 
_refine.pdbx_ls_sigma_I                          ? 
_refine.pdbx_ls_sigma_F                          1.34 
_refine.pdbx_ls_sigma_Fsqd                       ? 
_refine.pdbx_data_cutoff_high_absF               ? 
_refine.pdbx_data_cutoff_high_rms_absF           ? 
_refine.pdbx_data_cutoff_low_absF                ? 
_refine.pdbx_isotropic_thermal_model             ? 
_refine.pdbx_ls_cross_valid_method               'FREE R-VALUE' 
_refine.pdbx_method_to_determine_struct          ? 
_refine.pdbx_starting_model                      ? 
_refine.pdbx_stereochemistry_target_values       ? 
_refine.pdbx_R_Free_selection_details            ? 
_refine.pdbx_stereochem_target_val_spec_case     ? 
_refine.pdbx_overall_ESU_R                       ? 
_refine.pdbx_overall_ESU_R_Free                  ? 
_refine.pdbx_solvent_vdw_probe_radii             1.11 
_refine.pdbx_solvent_ion_probe_radii             ? 
_refine.pdbx_solvent_shrinkage_radii             0.90 
_refine.pdbx_real_space_R                        ? 
_refine.pdbx_density_correlation                 ? 
_refine.pdbx_pd_number_of_powder_patterns        ? 
_refine.pdbx_pd_number_of_points                 ? 
_refine.pdbx_pd_meas_number_of_points            ? 
_refine.pdbx_pd_proc_ls_prof_R_factor            ? 
_refine.pdbx_pd_proc_ls_prof_wR_factor           ? 
_refine.pdbx_pd_Marquardt_correlation_coeff      ? 
_refine.pdbx_pd_Fsqrd_R_factor                   ? 
_refine.pdbx_pd_ls_matrix_band_width             ? 
_refine.pdbx_overall_phase_error                 21.96 
_refine.pdbx_overall_SU_R_free_Cruickshank_DPI   ? 
_refine.pdbx_overall_SU_R_free_Blow_DPI          ? 
_refine.pdbx_overall_SU_R_Blow_DPI               ? 
_refine.pdbx_TLS_residual_ADP_flag               ? 
_refine.pdbx_diffrn_id                           1 
_refine.overall_SU_B                             ? 
_refine.overall_SU_ML                            0.18 
_refine.overall_SU_R_Cruickshank_DPI             ? 
_refine.overall_SU_R_free                        ? 
_refine.overall_FOM_free_R_set                   ? 
_refine.overall_FOM_work_R_set                   ? 
_refine.pdbx_average_fsc_overall                 ? 
_refine.pdbx_average_fsc_work                    ? 
_refine.pdbx_average_fsc_free                    ? 
# 
_refine_hist.pdbx_refine_id                   'X-RAY DIFFRACTION' 
_refine_hist.cycle_id                         LAST 
_refine_hist.pdbx_number_atoms_protein        1274 
_refine_hist.pdbx_number_atoms_nucleic_acid   0 
_refine_hist.pdbx_number_atoms_ligand         84 
_refine_hist.number_atoms_solvent             100 
_refine_hist.number_atoms_total               1458 
_refine_hist.d_res_high                       1.84 
_refine_hist.d_res_low                        28.85 
# 
loop_
_refine_ls_restr.pdbx_refine_id 
_refine_ls_restr.criterion 
_refine_ls_restr.dev_ideal 
_refine_ls_restr.dev_ideal_target 
_refine_ls_restr.number 
_refine_ls_restr.rejects 
_refine_ls_restr.type 
_refine_ls_restr.weight 
_refine_ls_restr.pdbx_restraint_function 
'X-RAY DIFFRACTION' ? 0.008  ? 1456 ? f_bond_d           ? ? 
'X-RAY DIFFRACTION' ? 1.251  ? 1999 ? f_angle_d          ? ? 
'X-RAY DIFFRACTION' ? 13.038 ? 557  ? f_dihedral_angle_d ? ? 
'X-RAY DIFFRACTION' ? 0.053  ? 219  ? f_chiral_restr     ? ? 
'X-RAY DIFFRACTION' ? 0.005  ? 248  ? f_plane_restr      ? ? 
# 
loop_
_refine_ls_shell.pdbx_refine_id 
_refine_ls_shell.d_res_high 
_refine_ls_shell.d_res_low 
_refine_ls_shell.number_reflns_all 
_refine_ls_shell.number_reflns_obs 
_refine_ls_shell.number_reflns_R_free 
_refine_ls_shell.number_reflns_R_work 
_refine_ls_shell.percent_reflns_obs 
_refine_ls_shell.percent_reflns_R_free 
_refine_ls_shell.R_factor_all 
_refine_ls_shell.R_factor_obs 
_refine_ls_shell.R_factor_R_free 
_refine_ls_shell.R_factor_R_free_error 
_refine_ls_shell.R_factor_R_work 
_refine_ls_shell.redundancy_reflns_all 
_refine_ls_shell.redundancy_reflns_obs 
_refine_ls_shell.wR_factor_all 
_refine_ls_shell.wR_factor_obs 
_refine_ls_shell.wR_factor_R_free 
_refine_ls_shell.wR_factor_R_work 
_refine_ls_shell.pdbx_total_number_of_bins_used 
_refine_ls_shell.pdbx_phase_error 
_refine_ls_shell.pdbx_fsc_work 
_refine_ls_shell.pdbx_fsc_free 
'X-RAY DIFFRACTION' 1.8350 1.9499  . . 137 2765 100.00 . . . 0.2805 . 0.2399 . . . . . . . . . . 
'X-RAY DIFFRACTION' 1.9499 2.1005  . . 142 2803 100.00 . . . 0.2564 . 0.2106 . . . . . . . . . . 
'X-RAY DIFFRACTION' 2.1005 2.3118  . . 144 2792 100.00 . . . 0.2248 . 0.1901 . . . . . . . . . . 
'X-RAY DIFFRACTION' 2.3118 2.6461  . . 153 2825 100.00 . . . 0.2497 . 0.2006 . . . . . . . . . . 
'X-RAY DIFFRACTION' 2.6461 3.3330  . . 144 2874 100.00 . . . 0.2418 . 0.1873 . . . . . . . . . . 
'X-RAY DIFFRACTION' 3.3330 28.8888 . . 162 3038 100.00 . . . 0.1615 . 0.1530 . . . . . . . . . . 
# 
_struct.entry_id                     5ISP 
_struct.title                        
;Staphylococcus aureus F98Y Dihydrofolate Reductase mutant complexed with beta-NADPH and 3'-(3-(2,4-diamino-6-ethylpyrimidin-5-yl)prop-2-yn-1-yl)-4'-methoxy-[1,1'-biphenyl]-4-carboxylic acid (UCP1106)
;
_struct.pdbx_model_details           ? 
_struct.pdbx_formula_weight          ? 
_struct.pdbx_formula_weight_method   ? 
_struct.pdbx_model_type_details      ? 
_struct.pdbx_CASP_flag               ? 
# 
_struct_keywords.entry_id        5ISP 
_struct_keywords.text            'Oxidoreductase, Dihydrofolate Reductase, NADPH, Zwitterion, Antibiotics' 
_struct_keywords.pdbx_keywords   OXIDOREDUCTASE 
# 
loop_
_struct_asym.id 
_struct_asym.pdbx_blank_PDB_chainid_flag 
_struct_asym.pdbx_modified 
_struct_asym.entity_id 
_struct_asym.details 
A N N 1 ? 
B N N 2 ? 
C N N 3 ? 
D N N 4 ? 
E N N 5 ? 
# 
_struct_ref.id                         1 
_struct_ref.db_name                    UNP 
_struct_ref.db_code                    DYR_STAAU 
_struct_ref.pdbx_db_accession          P0A017 
_struct_ref.pdbx_db_isoform            ? 
_struct_ref.entity_id                  1 
_struct_ref.pdbx_seq_one_letter_code   
;TLSILVAHDLQRVIGFENQLPWHLPNDLKHVKKLSTGHTLVMGRKTFESIGKPLPNRRNVVLTSDTSFNVEGVDVIHSIE
DIYQLPGHVFIFGGQTLFEEMIDKVDDMYITVIEGKFRGDTFFPPYTFEDWEVASSVEGKLDEKNTIPHTFLHLIRK
;
_struct_ref.pdbx_align_begin           2 
# 
_struct_ref_seq.align_id                      1 
_struct_ref_seq.ref_id                        1 
_struct_ref_seq.pdbx_PDB_id_code              5ISP 
_struct_ref_seq.pdbx_strand_id                X 
_struct_ref_seq.seq_align_beg                 1 
_struct_ref_seq.pdbx_seq_align_beg_ins_code   ? 
_struct_ref_seq.seq_align_end                 157 
_struct_ref_seq.pdbx_seq_align_end_ins_code   ? 
_struct_ref_seq.pdbx_db_accession             P0A017 
_struct_ref_seq.db_align_beg                  2 
_struct_ref_seq.pdbx_db_align_beg_ins_code    ? 
_struct_ref_seq.db_align_end                  158 
_struct_ref_seq.pdbx_db_align_end_ins_code    ? 
_struct_ref_seq.pdbx_auth_seq_align_beg       1 
_struct_ref_seq.pdbx_auth_seq_align_end       157 
# 
loop_
_struct_ref_seq_dif.align_id 
_struct_ref_seq_dif.pdbx_pdb_id_code 
_struct_ref_seq_dif.mon_id 
_struct_ref_seq_dif.pdbx_pdb_strand_id 
_struct_ref_seq_dif.seq_num 
_struct_ref_seq_dif.pdbx_pdb_ins_code 
_struct_ref_seq_dif.pdbx_seq_db_name 
_struct_ref_seq_dif.pdbx_seq_db_accession_code 
_struct_ref_seq_dif.db_mon_id 
_struct_ref_seq_dif.pdbx_seq_db_seq_num 
_struct_ref_seq_dif.details 
_struct_ref_seq_dif.pdbx_auth_seq_num 
_struct_ref_seq_dif.pdbx_ordinal 
1 5ISP TYR X 98  ? UNP P0A017 PHE 99 'engineered mutation' 98  1 
1 5ISP LEU X 158 ? UNP P0A017 ?   ?  'expression tag'      158 2 
1 5ISP GLU X 159 ? UNP P0A017 ?   ?  'expression tag'      159 3 
1 5ISP HIS X 160 ? UNP P0A017 ?   ?  'expression tag'      160 4 
# 
_pdbx_struct_assembly.id                   1 
_pdbx_struct_assembly.details              author_and_software_defined_assembly 
_pdbx_struct_assembly.method_details       PISA 
_pdbx_struct_assembly.oligomeric_details   monomeric 
_pdbx_struct_assembly.oligomeric_count     1 
# 
_pdbx_struct_assembly_gen.assembly_id       1 
_pdbx_struct_assembly_gen.oper_expression   1 
_pdbx_struct_assembly_gen.asym_id_list      A,B,C,D,E 
# 
_pdbx_struct_assembly_auth_evidence.id                     1 
_pdbx_struct_assembly_auth_evidence.assembly_id            1 
_pdbx_struct_assembly_auth_evidence.experimental_support   'gel filtration' 
_pdbx_struct_assembly_auth_evidence.details                ? 
# 
_pdbx_struct_oper_list.id                   1 
_pdbx_struct_oper_list.type                 'identity operation' 
_pdbx_struct_oper_list.name                 1_555 
_pdbx_struct_oper_list.symmetry_operation   x,y,z 
_pdbx_struct_oper_list.matrix[1][1]         1.0000000000 
_pdbx_struct_oper_list.matrix[1][2]         0.0000000000 
_pdbx_struct_oper_list.matrix[1][3]         0.0000000000 
_pdbx_struct_oper_list.vector[1]            0.0000000000 
_pdbx_struct_oper_list.matrix[2][1]         0.0000000000 
_pdbx_struct_oper_list.matrix[2][2]         1.0000000000 
_pdbx_struct_oper_list.matrix[2][3]         0.0000000000 
_pdbx_struct_oper_list.vector[2]            0.0000000000 
_pdbx_struct_oper_list.matrix[3][1]         0.0000000000 
_pdbx_struct_oper_list.matrix[3][2]         0.0000000000 
_pdbx_struct_oper_list.matrix[3][3]         1.0000000000 
_pdbx_struct_oper_list.vector[3]            0.0000000000 
# 
_struct_biol.id        1 
_struct_biol.details   'Monomer according to	Size Exclusion Chromatography' 
# 
loop_
_struct_conf.conf_type_id 
_struct_conf.id 
_struct_conf.pdbx_PDB_helix_id 
_struct_conf.beg_label_comp_id 
_struct_conf.beg_label_asym_id 
_struct_conf.beg_label_seq_id 
_struct_conf.pdbx_beg_PDB_ins_code 
_struct_conf.end_label_comp_id 
_struct_conf.end_label_asym_id 
_struct_conf.end_label_seq_id 
_struct_conf.pdbx_end_PDB_ins_code 
_struct_conf.beg_auth_comp_id 
_struct_conf.beg_auth_asym_id 
_struct_conf.beg_auth_seq_id 
_struct_conf.end_auth_comp_id 
_struct_conf.end_auth_asym_id 
_struct_conf.end_auth_seq_id 
_struct_conf.pdbx_PDB_helix_class 
_struct_conf.details 
_struct_conf.pdbx_PDB_helix_length 
HELX_P HELX_P1 AA1 LEU A 24 ? THR A 36  ? LEU X 24 THR X 36  1 ? 13 
HELX_P HELX_P2 AA2 ARG A 44 ? GLY A 51  ? ARG X 44 GLY X 51  1 ? 8  
HELX_P HELX_P3 AA3 SER A 78 ? LEU A 85  ? SER X 78 LEU X 85  5 ? 8  
HELX_P HELX_P4 AA4 GLY A 94 ? ILE A 102 ? GLY X 94 ILE X 102 1 ? 9  
# 
_struct_conf_type.id          HELX_P 
_struct_conf_type.criteria    ? 
_struct_conf_type.reference   ? 
# 
_struct_mon_prot_cis.pdbx_id                1 
_struct_mon_prot_cis.label_comp_id          GLY 
_struct_mon_prot_cis.label_seq_id           93 
_struct_mon_prot_cis.label_asym_id          A 
_struct_mon_prot_cis.label_alt_id           . 
_struct_mon_prot_cis.pdbx_PDB_ins_code      ? 
_struct_mon_prot_cis.auth_comp_id           GLY 
_struct_mon_prot_cis.auth_seq_id            93 
_struct_mon_prot_cis.auth_asym_id           X 
_struct_mon_prot_cis.pdbx_label_comp_id_2   GLY 
_struct_mon_prot_cis.pdbx_label_seq_id_2    94 
_struct_mon_prot_cis.pdbx_label_asym_id_2   A 
_struct_mon_prot_cis.pdbx_PDB_ins_code_2    ? 
_struct_mon_prot_cis.pdbx_auth_comp_id_2    GLY 
_struct_mon_prot_cis.pdbx_auth_seq_id_2     94 
_struct_mon_prot_cis.pdbx_auth_asym_id_2    X 
_struct_mon_prot_cis.pdbx_PDB_model_num     1 
_struct_mon_prot_cis.pdbx_omega_angle       0.81 
# 
loop_
_struct_sheet.id 
_struct_sheet.type 
_struct_sheet.number_strands 
_struct_sheet.details 
AA1 ? 8 ? 
AA2 ? 2 ? 
# 
loop_
_struct_sheet_order.sheet_id 
_struct_sheet_order.range_id_1 
_struct_sheet_order.range_id_2 
_struct_sheet_order.offset 
_struct_sheet_order.sense 
AA1 1 2 ? parallel      
AA1 2 3 ? parallel      
AA1 3 4 ? parallel      
AA1 4 5 ? parallel      
AA1 5 6 ? parallel      
AA1 6 7 ? anti-parallel 
AA1 7 8 ? anti-parallel 
AA2 1 2 ? anti-parallel 
# 
loop_
_struct_sheet_range.sheet_id 
_struct_sheet_range.id 
_struct_sheet_range.beg_label_comp_id 
_struct_sheet_range.beg_label_asym_id 
_struct_sheet_range.beg_label_seq_id 
_struct_sheet_range.pdbx_beg_PDB_ins_code 
_struct_sheet_range.end_label_comp_id 
_struct_sheet_range.end_label_asym_id 
_struct_sheet_range.end_label_seq_id 
_struct_sheet_range.pdbx_end_PDB_ins_code 
_struct_sheet_range.beg_auth_comp_id 
_struct_sheet_range.beg_auth_asym_id 
_struct_sheet_range.beg_auth_seq_id 
_struct_sheet_range.end_auth_comp_id 
_struct_sheet_range.end_auth_asym_id 
_struct_sheet_range.end_auth_seq_id 
AA1 1 ASP A 74  ? ILE A 76  ? ASP X 74  ILE X 76  
AA1 2 ARG A 58  ? LEU A 62  ? ARG X 58  LEU X 62  
AA1 3 THR A 39  ? GLY A 43  ? THR X 39  GLY X 43  
AA1 4 VAL A 89  ? ILE A 91  ? VAL X 89  ILE X 91  
AA1 5 LEU A 2   ? ASP A 9   ? LEU X 2   ASP X 9   
AA1 6 ASP A 107 ? ILE A 113 ? ASP X 107 ILE X 113 
AA1 7 HIS A 149 ? ARG A 156 ? HIS X 149 ARG X 156 
AA1 8 TRP A 131 ? GLU A 138 ? TRP X 131 GLU X 138 
AA2 1 VAL A 13  ? GLY A 15  ? VAL X 13  GLY X 15  
AA2 2 THR A 121 ? PHE A 122 ? THR X 121 PHE X 122 
# 
loop_
_pdbx_struct_sheet_hbond.sheet_id 
_pdbx_struct_sheet_hbond.range_id_1 
_pdbx_struct_sheet_hbond.range_id_2 
_pdbx_struct_sheet_hbond.range_1_label_atom_id 
_pdbx_struct_sheet_hbond.range_1_label_comp_id 
_pdbx_struct_sheet_hbond.range_1_label_asym_id 
_pdbx_struct_sheet_hbond.range_1_label_seq_id 
_pdbx_struct_sheet_hbond.range_1_PDB_ins_code 
_pdbx_struct_sheet_hbond.range_1_auth_atom_id 
_pdbx_struct_sheet_hbond.range_1_auth_comp_id 
_pdbx_struct_sheet_hbond.range_1_auth_asym_id 
_pdbx_struct_sheet_hbond.range_1_auth_seq_id 
_pdbx_struct_sheet_hbond.range_2_label_atom_id 
_pdbx_struct_sheet_hbond.range_2_label_comp_id 
_pdbx_struct_sheet_hbond.range_2_label_asym_id 
_pdbx_struct_sheet_hbond.range_2_label_seq_id 
_pdbx_struct_sheet_hbond.range_2_PDB_ins_code 
_pdbx_struct_sheet_hbond.range_2_auth_atom_id 
_pdbx_struct_sheet_hbond.range_2_auth_comp_id 
_pdbx_struct_sheet_hbond.range_2_auth_asym_id 
_pdbx_struct_sheet_hbond.range_2_auth_seq_id 
AA1 1 2 O ASP A 74  ? O ASP X 74  N ASN A 59  ? N ASN X 59  
AA1 2 3 O VAL A 60  ? O VAL X 60  N LEU A 40  ? N LEU X 40  
AA1 3 4 N THR A 39  ? N THR X 39  O PHE A 90  ? O PHE X 90  
AA1 4 5 O ILE A 91  ? O ILE X 91  N SER A 3   ? N SER X 3   
AA1 5 6 N ILE A 4   ? N ILE X 4   O TYR A 109 ? O TYR X 109 
AA1 6 7 N ILE A 110 ? N ILE X 110 O LEU A 152 ? O LEU X 152 
AA1 7 8 O PHE A 151 ? O PHE X 151 N VAL A 137 ? N VAL X 137 
AA2 1 2 N ILE A 14  ? N ILE X 14  O THR A 121 ? O THR X 121 
# 
loop_
_struct_site.id 
_struct_site.pdbx_evidence_code 
_struct_site.pdbx_auth_asym_id 
_struct_site.pdbx_auth_comp_id 
_struct_site.pdbx_auth_seq_id 
_struct_site.pdbx_auth_ins_code 
_struct_site.pdbx_num_residues 
_struct_site.details 
AC1 Software X NAP 201 ? 31 'binding site for residue NAP X 201' 
AC2 Software X U06 202 ? 17 'binding site for residue U06 X 202' 
AC3 Software X GOL 203 ? 6  'binding site for residue GOL X 203' 
# 
loop_
_struct_site_gen.id 
_struct_site_gen.site_id 
_struct_site_gen.pdbx_num_res 
_struct_site_gen.label_comp_id 
_struct_site_gen.label_asym_id 
_struct_site_gen.label_seq_id 
_struct_site_gen.pdbx_auth_ins_code 
_struct_site_gen.auth_comp_id 
_struct_site_gen.auth_asym_id 
_struct_site_gen.auth_seq_id 
_struct_site_gen.label_atom_id 
_struct_site_gen.label_alt_id 
_struct_site_gen.symmetry 
_struct_site_gen.details 
1  AC1 31 VAL A 6   ? VAL X 6   . ? 1_555 ? 
2  AC1 31 ALA A 7   ? ALA X 7   . ? 1_555 ? 
3  AC1 31 ILE A 14  ? ILE X 14  . ? 1_555 ? 
4  AC1 31 GLY A 15  ? GLY X 15  . ? 1_555 ? 
5  AC1 31 ASN A 18  ? ASN X 18  . ? 1_555 ? 
6  AC1 31 GLN A 19  ? GLN X 19  . ? 1_555 ? 
7  AC1 31 LEU A 20  ? LEU X 20  . ? 1_555 ? 
8  AC1 31 GLY A 43  ? GLY X 43  . ? 1_555 ? 
9  AC1 31 ARG A 44  ? ARG X 44  . ? 1_555 ? 
10 AC1 31 LYS A 45  ? LYS X 45  . ? 1_555 ? 
11 AC1 31 THR A 46  ? THR X 46  . ? 1_555 ? 
12 AC1 31 LEU A 62  ? LEU X 62  . ? 1_555 ? 
13 AC1 31 THR A 63  ? THR X 63  . ? 1_555 ? 
14 AC1 31 SER A 64  ? SER X 64  . ? 1_555 ? 
15 AC1 31 HIS A 77  ? HIS X 77  . ? 1_555 ? 
16 AC1 31 ILE A 79  ? ILE X 79  . ? 1_555 ? 
17 AC1 31 PHE A 92  ? PHE X 92  . ? 1_555 ? 
18 AC1 31 GLY A 94  ? GLY X 94  . ? 1_555 ? 
19 AC1 31 GLN A 95  ? GLN X 95  . ? 1_555 ? 
20 AC1 31 THR A 96  ? THR X 96  . ? 1_555 ? 
21 AC1 31 TYR A 98  ? TYR X 98  . ? 1_555 ? 
22 AC1 31 GLU A 100 ? GLU X 100 . ? 1_555 ? 
23 AC1 31 THR A 121 ? THR X 121 . ? 1_555 ? 
24 AC1 31 U06 C .   ? U06 X 202 . ? 1_555 ? 
25 AC1 31 HOH E .   ? HOH X 322 . ? 1_555 ? 
26 AC1 31 HOH E .   ? HOH X 331 . ? 1_555 ? 
27 AC1 31 HOH E .   ? HOH X 333 . ? 1_555 ? 
28 AC1 31 HOH E .   ? HOH X 336 . ? 1_555 ? 
29 AC1 31 HOH E .   ? HOH X 347 . ? 1_555 ? 
30 AC1 31 HOH E .   ? HOH X 348 . ? 1_555 ? 
31 AC1 31 HOH E .   ? HOH X 357 . ? 1_555 ? 
32 AC2 17 LEU A 5   ? LEU X 5   . ? 1_555 ? 
33 AC2 17 VAL A 6   ? VAL X 6   . ? 1_555 ? 
34 AC2 17 ALA A 7   ? ALA X 7   . ? 1_555 ? 
35 AC2 17 ASN A 18  ? ASN X 18  . ? 1_555 ? 
36 AC2 17 GLN A 19  ? GLN X 19  . ? 1_555 ? 
37 AC2 17 LEU A 20  ? LEU X 20  . ? 1_555 ? 
38 AC2 17 ASP A 27  ? ASP X 27  . ? 1_555 ? 
39 AC2 17 LEU A 28  ? LEU X 28  . ? 1_555 ? 
40 AC2 17 VAL A 31  ? VAL X 31  . ? 1_555 ? 
41 AC2 17 SER A 49  ? SER X 49  . ? 1_555 ? 
42 AC2 17 PHE A 92  ? PHE X 92  . ? 1_555 ? 
43 AC2 17 TYR A 98  ? TYR X 98  . ? 1_555 ? 
44 AC2 17 THR A 111 ? THR X 111 . ? 1_555 ? 
45 AC2 17 NAP B .   ? NAP X 201 . ? 1_555 ? 
46 AC2 17 HOH E .   ? HOH X 310 . ? 1_555 ? 
47 AC2 17 HOH E .   ? HOH X 316 . ? 1_555 ? 
48 AC2 17 HOH E .   ? HOH X 370 . ? 1_555 ? 
49 AC3 6  ARG A 12  ? ARG X 12  . ? 1_555 ? 
50 AC3 6  PRO A 125 ? PRO X 125 . ? 1_555 ? 
51 AC3 6  TYR A 126 ? TYR X 126 . ? 1_555 ? 
52 AC3 6  GLU A 132 ? GLU X 132 . ? 6_555 ? 
53 AC3 6  HOH E .   ? HOH X 339 . ? 6_555 ? 
54 AC3 6  HOH E .   ? HOH X 341 . ? 1_555 ? 
# 
_pdbx_validate_torsion.id              1 
_pdbx_validate_torsion.PDB_model_num   1 
_pdbx_validate_torsion.auth_comp_id    HIS 
_pdbx_validate_torsion.auth_asym_id    X 
_pdbx_validate_torsion.auth_seq_id     38 
_pdbx_validate_torsion.PDB_ins_code    ? 
_pdbx_validate_torsion.label_alt_id    ? 
_pdbx_validate_torsion.phi             -123.20 
_pdbx_validate_torsion.psi             -154.07 
# 
loop_
_pdbx_unobs_or_zero_occ_residues.id 
_pdbx_unobs_or_zero_occ_residues.PDB_model_num 
_pdbx_unobs_or_zero_occ_residues.polymer_flag 
_pdbx_unobs_or_zero_occ_residues.occupancy_flag 
_pdbx_unobs_or_zero_occ_residues.auth_asym_id 
_pdbx_unobs_or_zero_occ_residues.auth_comp_id 
_pdbx_unobs_or_zero_occ_residues.auth_seq_id 
_pdbx_unobs_or_zero_occ_residues.PDB_ins_code 
_pdbx_unobs_or_zero_occ_residues.label_asym_id 
_pdbx_unobs_or_zero_occ_residues.label_comp_id 
_pdbx_unobs_or_zero_occ_residues.label_seq_id 
1 1 Y 1 X LEU 158 ? A LEU 158 
2 1 Y 1 X GLU 159 ? A GLU 159 
3 1 Y 1 X HIS 160 ? A HIS 160 
# 
loop_
_chem_comp_atom.comp_id 
_chem_comp_atom.atom_id 
_chem_comp_atom.type_symbol 
_chem_comp_atom.pdbx_aromatic_flag 
_chem_comp_atom.pdbx_stereo_config 
_chem_comp_atom.pdbx_ordinal 
ALA N    N N N 1   
ALA CA   C N S 2   
ALA C    C N N 3   
ALA O    O N N 4   
ALA CB   C N N 5   
ALA OXT  O N N 6   
ALA H    H N N 7   
ALA H2   H N N 8   
ALA HA   H N N 9   
ALA HB1  H N N 10  
ALA HB2  H N N 11  
ALA HB3  H N N 12  
ALA HXT  H N N 13  
ARG N    N N N 14  
ARG CA   C N S 15  
ARG C    C N N 16  
ARG O    O N N 17  
ARG CB   C N N 18  
ARG CG   C N N 19  
ARG CD   C N N 20  
ARG NE   N N N 21  
ARG CZ   C N N 22  
ARG NH1  N N N 23  
ARG NH2  N N N 24  
ARG OXT  O N N 25  
ARG H    H N N 26  
ARG H2   H N N 27  
ARG HA   H N N 28  
ARG HB2  H N N 29  
ARG HB3  H N N 30  
ARG HG2  H N N 31  
ARG HG3  H N N 32  
ARG HD2  H N N 33  
ARG HD3  H N N 34  
ARG HE   H N N 35  
ARG HH11 H N N 36  
ARG HH12 H N N 37  
ARG HH21 H N N 38  
ARG HH22 H N N 39  
ARG HXT  H N N 40  
ASN N    N N N 41  
ASN CA   C N S 42  
ASN C    C N N 43  
ASN O    O N N 44  
ASN CB   C N N 45  
ASN CG   C N N 46  
ASN OD1  O N N 47  
ASN ND2  N N N 48  
ASN OXT  O N N 49  
ASN H    H N N 50  
ASN H2   H N N 51  
ASN HA   H N N 52  
ASN HB2  H N N 53  
ASN HB3  H N N 54  
ASN HD21 H N N 55  
ASN HD22 H N N 56  
ASN HXT  H N N 57  
ASP N    N N N 58  
ASP CA   C N S 59  
ASP C    C N N 60  
ASP O    O N N 61  
ASP CB   C N N 62  
ASP CG   C N N 63  
ASP OD1  O N N 64  
ASP OD2  O N N 65  
ASP OXT  O N N 66  
ASP H    H N N 67  
ASP H2   H N N 68  
ASP HA   H N N 69  
ASP HB2  H N N 70  
ASP HB3  H N N 71  
ASP HD2  H N N 72  
ASP HXT  H N N 73  
GLN N    N N N 74  
GLN CA   C N S 75  
GLN C    C N N 76  
GLN O    O N N 77  
GLN CB   C N N 78  
GLN CG   C N N 79  
GLN CD   C N N 80  
GLN OE1  O N N 81  
GLN NE2  N N N 82  
GLN OXT  O N N 83  
GLN H    H N N 84  
GLN H2   H N N 85  
GLN HA   H N N 86  
GLN HB2  H N N 87  
GLN HB3  H N N 88  
GLN HG2  H N N 89  
GLN HG3  H N N 90  
GLN HE21 H N N 91  
GLN HE22 H N N 92  
GLN HXT  H N N 93  
GLU N    N N N 94  
GLU CA   C N S 95  
GLU C    C N N 96  
GLU O    O N N 97  
GLU CB   C N N 98  
GLU CG   C N N 99  
GLU CD   C N N 100 
GLU OE1  O N N 101 
GLU OE2  O N N 102 
GLU OXT  O N N 103 
GLU H    H N N 104 
GLU H2   H N N 105 
GLU HA   H N N 106 
GLU HB2  H N N 107 
GLU HB3  H N N 108 
GLU HG2  H N N 109 
GLU HG3  H N N 110 
GLU HE2  H N N 111 
GLU HXT  H N N 112 
GLY N    N N N 113 
GLY CA   C N N 114 
GLY C    C N N 115 
GLY O    O N N 116 
GLY OXT  O N N 117 
GLY H    H N N 118 
GLY H2   H N N 119 
GLY HA2  H N N 120 
GLY HA3  H N N 121 
GLY HXT  H N N 122 
GOL C1   C N N 123 
GOL O1   O N N 124 
GOL C2   C N N 125 
GOL O2   O N N 126 
GOL C3   C N N 127 
GOL O3   O N N 128 
GOL H11  H N N 129 
GOL H12  H N N 130 
GOL HO1  H N N 131 
GOL H2   H N N 132 
GOL HO2  H N N 133 
GOL H31  H N N 134 
GOL H32  H N N 135 
GOL HO3  H N N 136 
HIS N    N N N 137 
HIS CA   C N S 138 
HIS C    C N N 139 
HIS O    O N N 140 
HIS CB   C N N 141 
HIS CG   C Y N 142 
HIS ND1  N Y N 143 
HIS CD2  C Y N 144 
HIS CE1  C Y N 145 
HIS NE2  N Y N 146 
HIS OXT  O N N 147 
HIS H    H N N 148 
HIS H2   H N N 149 
HIS HA   H N N 150 
HIS HB2  H N N 151 
HIS HB3  H N N 152 
HIS HD1  H N N 153 
HIS HD2  H N N 154 
HIS HE1  H N N 155 
HIS HE2  H N N 156 
HIS HXT  H N N 157 
HOH O    O N N 158 
HOH H1   H N N 159 
HOH H2   H N N 160 
ILE N    N N N 161 
ILE CA   C N S 162 
ILE C    C N N 163 
ILE O    O N N 164 
ILE CB   C N S 165 
ILE CG1  C N N 166 
ILE CG2  C N N 167 
ILE CD1  C N N 168 
ILE OXT  O N N 169 
ILE H    H N N 170 
ILE H2   H N N 171 
ILE HA   H N N 172 
ILE HB   H N N 173 
ILE HG12 H N N 174 
ILE HG13 H N N 175 
ILE HG21 H N N 176 
ILE HG22 H N N 177 
ILE HG23 H N N 178 
ILE HD11 H N N 179 
ILE HD12 H N N 180 
ILE HD13 H N N 181 
ILE HXT  H N N 182 
LEU N    N N N 183 
LEU CA   C N S 184 
LEU C    C N N 185 
LEU O    O N N 186 
LEU CB   C N N 187 
LEU CG   C N N 188 
LEU CD1  C N N 189 
LEU CD2  C N N 190 
LEU OXT  O N N 191 
LEU H    H N N 192 
LEU H2   H N N 193 
LEU HA   H N N 194 
LEU HB2  H N N 195 
LEU HB3  H N N 196 
LEU HG   H N N 197 
LEU HD11 H N N 198 
LEU HD12 H N N 199 
LEU HD13 H N N 200 
LEU HD21 H N N 201 
LEU HD22 H N N 202 
LEU HD23 H N N 203 
LEU HXT  H N N 204 
LYS N    N N N 205 
LYS CA   C N S 206 
LYS C    C N N 207 
LYS O    O N N 208 
LYS CB   C N N 209 
LYS CG   C N N 210 
LYS CD   C N N 211 
LYS CE   C N N 212 
LYS NZ   N N N 213 
LYS OXT  O N N 214 
LYS H    H N N 215 
LYS H2   H N N 216 
LYS HA   H N N 217 
LYS HB2  H N N 218 
LYS HB3  H N N 219 
LYS HG2  H N N 220 
LYS HG3  H N N 221 
LYS HD2  H N N 222 
LYS HD3  H N N 223 
LYS HE2  H N N 224 
LYS HE3  H N N 225 
LYS HZ1  H N N 226 
LYS HZ2  H N N 227 
LYS HZ3  H N N 228 
LYS HXT  H N N 229 
MET N    N N N 230 
MET CA   C N S 231 
MET C    C N N 232 
MET O    O N N 233 
MET CB   C N N 234 
MET CG   C N N 235 
MET SD   S N N 236 
MET CE   C N N 237 
MET OXT  O N N 238 
MET H    H N N 239 
MET H2   H N N 240 
MET HA   H N N 241 
MET HB2  H N N 242 
MET HB3  H N N 243 
MET HG2  H N N 244 
MET HG3  H N N 245 
MET HE1  H N N 246 
MET HE2  H N N 247 
MET HE3  H N N 248 
MET HXT  H N N 249 
NAP PA   P N R 250 
NAP O1A  O N N 251 
NAP O2A  O N N 252 
NAP O5B  O N N 253 
NAP C5B  C N N 254 
NAP C4B  C N R 255 
NAP O4B  O N N 256 
NAP C3B  C N R 257 
NAP O3B  O N N 258 
NAP C2B  C N R 259 
NAP O2B  O N N 260 
NAP C1B  C N R 261 
NAP N9A  N Y N 262 
NAP C8A  C Y N 263 
NAP N7A  N Y N 264 
NAP C5A  C Y N 265 
NAP C6A  C Y N 266 
NAP N6A  N N N 267 
NAP N1A  N Y N 268 
NAP C2A  C Y N 269 
NAP N3A  N Y N 270 
NAP C4A  C Y N 271 
NAP O3   O N N 272 
NAP PN   P N N 273 
NAP O1N  O N N 274 
NAP O2N  O N N 275 
NAP O5D  O N N 276 
NAP C5D  C N N 277 
NAP C4D  C N R 278 
NAP O4D  O N N 279 
NAP C3D  C N S 280 
NAP O3D  O N N 281 
NAP C2D  C N R 282 
NAP O2D  O N N 283 
NAP C1D  C N R 284 
NAP N1N  N Y N 285 
NAP C2N  C Y N 286 
NAP C3N  C Y N 287 
NAP C7N  C N N 288 
NAP O7N  O N N 289 
NAP N7N  N N N 290 
NAP C4N  C Y N 291 
NAP C5N  C Y N 292 
NAP C6N  C Y N 293 
NAP P2B  P N N 294 
NAP O1X  O N N 295 
NAP O2X  O N N 296 
NAP O3X  O N N 297 
NAP HOA2 H N N 298 
NAP H51A H N N 299 
NAP H52A H N N 300 
NAP H4B  H N N 301 
NAP H3B  H N N 302 
NAP HO3A H N N 303 
NAP H2B  H N N 304 
NAP H1B  H N N 305 
NAP H8A  H N N 306 
NAP H61A H N N 307 
NAP H62A H N N 308 
NAP H2A  H N N 309 
NAP H51N H N N 310 
NAP H52N H N N 311 
NAP H4D  H N N 312 
NAP H3D  H N N 313 
NAP HO3N H N N 314 
NAP H2D  H N N 315 
NAP HO2N H N N 316 
NAP H1D  H N N 317 
NAP H2N  H N N 318 
NAP H71N H N N 319 
NAP H72N H N N 320 
NAP H4N  H N N 321 
NAP H5N  H N N 322 
NAP H6N  H N N 323 
NAP HOP2 H N N 324 
NAP HOP3 H N N 325 
PHE N    N N N 326 
PHE CA   C N S 327 
PHE C    C N N 328 
PHE O    O N N 329 
PHE CB   C N N 330 
PHE CG   C Y N 331 
PHE CD1  C Y N 332 
PHE CD2  C Y N 333 
PHE CE1  C Y N 334 
PHE CE2  C Y N 335 
PHE CZ   C Y N 336 
PHE OXT  O N N 337 
PHE H    H N N 338 
PHE H2   H N N 339 
PHE HA   H N N 340 
PHE HB2  H N N 341 
PHE HB3  H N N 342 
PHE HD1  H N N 343 
PHE HD2  H N N 344 
PHE HE1  H N N 345 
PHE HE2  H N N 346 
PHE HZ   H N N 347 
PHE HXT  H N N 348 
PRO N    N N N 349 
PRO CA   C N S 350 
PRO C    C N N 351 
PRO O    O N N 352 
PRO CB   C N N 353 
PRO CG   C N N 354 
PRO CD   C N N 355 
PRO OXT  O N N 356 
PRO H    H N N 357 
PRO HA   H N N 358 
PRO HB2  H N N 359 
PRO HB3  H N N 360 
PRO HG2  H N N 361 
PRO HG3  H N N 362 
PRO HD2  H N N 363 
PRO HD3  H N N 364 
PRO HXT  H N N 365 
SER N    N N N 366 
SER CA   C N S 367 
SER C    C N N 368 
SER O    O N N 369 
SER CB   C N N 370 
SER OG   O N N 371 
SER OXT  O N N 372 
SER H    H N N 373 
SER H2   H N N 374 
SER HA   H N N 375 
SER HB2  H N N 376 
SER HB3  H N N 377 
SER HG   H N N 378 
SER HXT  H N N 379 
THR N    N N N 380 
THR CA   C N S 381 
THR C    C N N 382 
THR O    O N N 383 
THR CB   C N R 384 
THR OG1  O N N 385 
THR CG2  C N N 386 
THR OXT  O N N 387 
THR H    H N N 388 
THR H2   H N N 389 
THR HA   H N N 390 
THR HB   H N N 391 
THR HG1  H N N 392 
THR HG21 H N N 393 
THR HG22 H N N 394 
THR HG23 H N N 395 
THR HXT  H N N 396 
TRP N    N N N 397 
TRP CA   C N S 398 
TRP C    C N N 399 
TRP O    O N N 400 
TRP CB   C N N 401 
TRP CG   C Y N 402 
TRP CD1  C Y N 403 
TRP CD2  C Y N 404 
TRP NE1  N Y N 405 
TRP CE2  C Y N 406 
TRP CE3  C Y N 407 
TRP CZ2  C Y N 408 
TRP CZ3  C Y N 409 
TRP CH2  C Y N 410 
TRP OXT  O N N 411 
TRP H    H N N 412 
TRP H2   H N N 413 
TRP HA   H N N 414 
TRP HB2  H N N 415 
TRP HB3  H N N 416 
TRP HD1  H N N 417 
TRP HE1  H N N 418 
TRP HE3  H N N 419 
TRP HZ2  H N N 420 
TRP HZ3  H N N 421 
TRP HH2  H N N 422 
TRP HXT  H N N 423 
TYR N    N N N 424 
TYR CA   C N S 425 
TYR C    C N N 426 
TYR O    O N N 427 
TYR CB   C N N 428 
TYR CG   C Y N 429 
TYR CD1  C Y N 430 
TYR CD2  C Y N 431 
TYR CE1  C Y N 432 
TYR CE2  C Y N 433 
TYR CZ   C Y N 434 
TYR OH   O N N 435 
TYR OXT  O N N 436 
TYR H    H N N 437 
TYR H2   H N N 438 
TYR HA   H N N 439 
TYR HB2  H N N 440 
TYR HB3  H N N 441 
TYR HD1  H N N 442 
TYR HD2  H N N 443 
TYR HE1  H N N 444 
TYR HE2  H N N 445 
TYR HH   H N N 446 
TYR HXT  H N N 447 
U06 C4   C Y N 448 
U06 C5   C Y N 449 
U06 C6   C Y N 450 
U06 N1   N Y N 451 
U06 N3   N Y N 452 
U06 CAA  C N N 453 
U06 CAB  C N N 454 
U06 C2   C Y N 455 
U06 NAF  N N N 456 
U06 NAI  N N N 457 
U06 CAK  C N N 458 
U06 CAL  C N N 459 
U06 CAM  C N N 460 
U06 CAN  C Y N 461 
U06 CAU  C Y N 462 
U06 CAO  C Y N 463 
U06 OAP  O N N 464 
U06 CAQ  C N N 465 
U06 CAR  C Y N 466 
U06 CAS  C Y N 467 
U06 CAT  C Y N 468 
U06 CAV  C Y N 469 
U06 CAW  C Y N 470 
U06 CAX  C Y N 471 
U06 CAY  C Y N 472 
U06 CBB  C N N 473 
U06 OBD  O N N 474 
U06 OBC  O N N 475 
U06 CAZ  C Y N 476 
U06 CBA  C Y N 477 
U06 H1   H N N 478 
U06 H2   H N N 479 
U06 H3   H N N 480 
U06 H4   H N N 481 
U06 H5   H N N 482 
U06 H6   H N N 483 
U06 H7   H N N 484 
U06 H8   H N N 485 
U06 H9   H N N 486 
U06 H10  H N N 487 
U06 H11  H N N 488 
U06 H12  H N N 489 
U06 H13  H N N 490 
U06 H14  H N N 491 
U06 H15  H N N 492 
U06 H16  H N N 493 
U06 H17  H N N 494 
U06 H18  H N N 495 
U06 H19  H N N 496 
U06 H20  H N N 497 
U06 H21  H N N 498 
U06 H22  H N N 499 
VAL N    N N N 500 
VAL CA   C N S 501 
VAL C    C N N 502 
VAL O    O N N 503 
VAL CB   C N N 504 
VAL CG1  C N N 505 
VAL CG2  C N N 506 
VAL OXT  O N N 507 
VAL H    H N N 508 
VAL H2   H N N 509 
VAL HA   H N N 510 
VAL HB   H N N 511 
VAL HG11 H N N 512 
VAL HG12 H N N 513 
VAL HG13 H N N 514 
VAL HG21 H N N 515 
VAL HG22 H N N 516 
VAL HG23 H N N 517 
VAL HXT  H N N 518 
# 
loop_
_chem_comp_bond.comp_id 
_chem_comp_bond.atom_id_1 
_chem_comp_bond.atom_id_2 
_chem_comp_bond.value_order 
_chem_comp_bond.pdbx_aromatic_flag 
_chem_comp_bond.pdbx_stereo_config 
_chem_comp_bond.pdbx_ordinal 
ALA N   CA   sing N N 1   
ALA N   H    sing N N 2   
ALA N   H2   sing N N 3   
ALA CA  C    sing N N 4   
ALA CA  CB   sing N N 5   
ALA CA  HA   sing N N 6   
ALA C   O    doub N N 7   
ALA C   OXT  sing N N 8   
ALA CB  HB1  sing N N 9   
ALA CB  HB2  sing N N 10  
ALA CB  HB3  sing N N 11  
ALA OXT HXT  sing N N 12  
ARG N   CA   sing N N 13  
ARG N   H    sing N N 14  
ARG N   H2   sing N N 15  
ARG CA  C    sing N N 16  
ARG CA  CB   sing N N 17  
ARG CA  HA   sing N N 18  
ARG C   O    doub N N 19  
ARG C   OXT  sing N N 20  
ARG CB  CG   sing N N 21  
ARG CB  HB2  sing N N 22  
ARG CB  HB3  sing N N 23  
ARG CG  CD   sing N N 24  
ARG CG  HG2  sing N N 25  
ARG CG  HG3  sing N N 26  
ARG CD  NE   sing N N 27  
ARG CD  HD2  sing N N 28  
ARG CD  HD3  sing N N 29  
ARG NE  CZ   sing N N 30  
ARG NE  HE   sing N N 31  
ARG CZ  NH1  sing N N 32  
ARG CZ  NH2  doub N N 33  
ARG NH1 HH11 sing N N 34  
ARG NH1 HH12 sing N N 35  
ARG NH2 HH21 sing N N 36  
ARG NH2 HH22 sing N N 37  
ARG OXT HXT  sing N N 38  
ASN N   CA   sing N N 39  
ASN N   H    sing N N 40  
ASN N   H2   sing N N 41  
ASN CA  C    sing N N 42  
ASN CA  CB   sing N N 43  
ASN CA  HA   sing N N 44  
ASN C   O    doub N N 45  
ASN C   OXT  sing N N 46  
ASN CB  CG   sing N N 47  
ASN CB  HB2  sing N N 48  
ASN CB  HB3  sing N N 49  
ASN CG  OD1  doub N N 50  
ASN CG  ND2  sing N N 51  
ASN ND2 HD21 sing N N 52  
ASN ND2 HD22 sing N N 53  
ASN OXT HXT  sing N N 54  
ASP N   CA   sing N N 55  
ASP N   H    sing N N 56  
ASP N   H2   sing N N 57  
ASP CA  C    sing N N 58  
ASP CA  CB   sing N N 59  
ASP CA  HA   sing N N 60  
ASP C   O    doub N N 61  
ASP C   OXT  sing N N 62  
ASP CB  CG   sing N N 63  
ASP CB  HB2  sing N N 64  
ASP CB  HB3  sing N N 65  
ASP CG  OD1  doub N N 66  
ASP CG  OD2  sing N N 67  
ASP OD2 HD2  sing N N 68  
ASP OXT HXT  sing N N 69  
GLN N   CA   sing N N 70  
GLN N   H    sing N N 71  
GLN N   H2   sing N N 72  
GLN CA  C    sing N N 73  
GLN CA  CB   sing N N 74  
GLN CA  HA   sing N N 75  
GLN C   O    doub N N 76  
GLN C   OXT  sing N N 77  
GLN CB  CG   sing N N 78  
GLN CB  HB2  sing N N 79  
GLN CB  HB3  sing N N 80  
GLN CG  CD   sing N N 81  
GLN CG  HG2  sing N N 82  
GLN CG  HG3  sing N N 83  
GLN CD  OE1  doub N N 84  
GLN CD  NE2  sing N N 85  
GLN NE2 HE21 sing N N 86  
GLN NE2 HE22 sing N N 87  
GLN OXT HXT  sing N N 88  
GLU N   CA   sing N N 89  
GLU N   H    sing N N 90  
GLU N   H2   sing N N 91  
GLU CA  C    sing N N 92  
GLU CA  CB   sing N N 93  
GLU CA  HA   sing N N 94  
GLU C   O    doub N N 95  
GLU C   OXT  sing N N 96  
GLU CB  CG   sing N N 97  
GLU CB  HB2  sing N N 98  
GLU CB  HB3  sing N N 99  
GLU CG  CD   sing N N 100 
GLU CG  HG2  sing N N 101 
GLU CG  HG3  sing N N 102 
GLU CD  OE1  doub N N 103 
GLU CD  OE2  sing N N 104 
GLU OE2 HE2  sing N N 105 
GLU OXT HXT  sing N N 106 
GLY N   CA   sing N N 107 
GLY N   H    sing N N 108 
GLY N   H2   sing N N 109 
GLY CA  C    sing N N 110 
GLY CA  HA2  sing N N 111 
GLY CA  HA3  sing N N 112 
GLY C   O    doub N N 113 
GLY C   OXT  sing N N 114 
GLY OXT HXT  sing N N 115 
GOL C1  O1   sing N N 116 
GOL C1  C2   sing N N 117 
GOL C1  H11  sing N N 118 
GOL C1  H12  sing N N 119 
GOL O1  HO1  sing N N 120 
GOL C2  O2   sing N N 121 
GOL C2  C3   sing N N 122 
GOL C2  H2   sing N N 123 
GOL O2  HO2  sing N N 124 
GOL C3  O3   sing N N 125 
GOL C3  H31  sing N N 126 
GOL C3  H32  sing N N 127 
GOL O3  HO3  sing N N 128 
HIS N   CA   sing N N 129 
HIS N   H    sing N N 130 
HIS N   H2   sing N N 131 
HIS CA  C    sing N N 132 
HIS CA  CB   sing N N 133 
HIS CA  HA   sing N N 134 
HIS C   O    doub N N 135 
HIS C   OXT  sing N N 136 
HIS CB  CG   sing N N 137 
HIS CB  HB2  sing N N 138 
HIS CB  HB3  sing N N 139 
HIS CG  ND1  sing Y N 140 
HIS CG  CD2  doub Y N 141 
HIS ND1 CE1  doub Y N 142 
HIS ND1 HD1  sing N N 143 
HIS CD2 NE2  sing Y N 144 
HIS CD2 HD2  sing N N 145 
HIS CE1 NE2  sing Y N 146 
HIS CE1 HE1  sing N N 147 
HIS NE2 HE2  sing N N 148 
HIS OXT HXT  sing N N 149 
HOH O   H1   sing N N 150 
HOH O   H2   sing N N 151 
ILE N   CA   sing N N 152 
ILE N   H    sing N N 153 
ILE N   H2   sing N N 154 
ILE CA  C    sing N N 155 
ILE CA  CB   sing N N 156 
ILE CA  HA   sing N N 157 
ILE C   O    doub N N 158 
ILE C   OXT  sing N N 159 
ILE CB  CG1  sing N N 160 
ILE CB  CG2  sing N N 161 
ILE CB  HB   sing N N 162 
ILE CG1 CD1  sing N N 163 
ILE CG1 HG12 sing N N 164 
ILE CG1 HG13 sing N N 165 
ILE CG2 HG21 sing N N 166 
ILE CG2 HG22 sing N N 167 
ILE CG2 HG23 sing N N 168 
ILE CD1 HD11 sing N N 169 
ILE CD1 HD12 sing N N 170 
ILE CD1 HD13 sing N N 171 
ILE OXT HXT  sing N N 172 
LEU N   CA   sing N N 173 
LEU N   H    sing N N 174 
LEU N   H2   sing N N 175 
LEU CA  C    sing N N 176 
LEU CA  CB   sing N N 177 
LEU CA  HA   sing N N 178 
LEU C   O    doub N N 179 
LEU C   OXT  sing N N 180 
LEU CB  CG   sing N N 181 
LEU CB  HB2  sing N N 182 
LEU CB  HB3  sing N N 183 
LEU CG  CD1  sing N N 184 
LEU CG  CD2  sing N N 185 
LEU CG  HG   sing N N 186 
LEU CD1 HD11 sing N N 187 
LEU CD1 HD12 sing N N 188 
LEU CD1 HD13 sing N N 189 
LEU CD2 HD21 sing N N 190 
LEU CD2 HD22 sing N N 191 
LEU CD2 HD23 sing N N 192 
LEU OXT HXT  sing N N 193 
LYS N   CA   sing N N 194 
LYS N   H    sing N N 195 
LYS N   H2   sing N N 196 
LYS CA  C    sing N N 197 
LYS CA  CB   sing N N 198 
LYS CA  HA   sing N N 199 
LYS C   O    doub N N 200 
LYS C   OXT  sing N N 201 
LYS CB  CG   sing N N 202 
LYS CB  HB2  sing N N 203 
LYS CB  HB3  sing N N 204 
LYS CG  CD   sing N N 205 
LYS CG  HG2  sing N N 206 
LYS CG  HG3  sing N N 207 
LYS CD  CE   sing N N 208 
LYS CD  HD2  sing N N 209 
LYS CD  HD3  sing N N 210 
LYS CE  NZ   sing N N 211 
LYS CE  HE2  sing N N 212 
LYS CE  HE3  sing N N 213 
LYS NZ  HZ1  sing N N 214 
LYS NZ  HZ2  sing N N 215 
LYS NZ  HZ3  sing N N 216 
LYS OXT HXT  sing N N 217 
MET N   CA   sing N N 218 
MET N   H    sing N N 219 
MET N   H2   sing N N 220 
MET CA  C    sing N N 221 
MET CA  CB   sing N N 222 
MET CA  HA   sing N N 223 
MET C   O    doub N N 224 
MET C   OXT  sing N N 225 
MET CB  CG   sing N N 226 
MET CB  HB2  sing N N 227 
MET CB  HB3  sing N N 228 
MET CG  SD   sing N N 229 
MET CG  HG2  sing N N 230 
MET CG  HG3  sing N N 231 
MET SD  CE   sing N N 232 
MET CE  HE1  sing N N 233 
MET CE  HE2  sing N N 234 
MET CE  HE3  sing N N 235 
MET OXT HXT  sing N N 236 
NAP PA  O1A  doub N N 237 
NAP PA  O2A  sing N N 238 
NAP PA  O5B  sing N N 239 
NAP PA  O3   sing N N 240 
NAP O2A HOA2 sing N N 241 
NAP O5B C5B  sing N N 242 
NAP C5B C4B  sing N N 243 
NAP C5B H51A sing N N 244 
NAP C5B H52A sing N N 245 
NAP C4B O4B  sing N N 246 
NAP C4B C3B  sing N N 247 
NAP C4B H4B  sing N N 248 
NAP O4B C1B  sing N N 249 
NAP C3B O3B  sing N N 250 
NAP C3B C2B  sing N N 251 
NAP C3B H3B  sing N N 252 
NAP O3B HO3A sing N N 253 
NAP C2B O2B  sing N N 254 
NAP C2B C1B  sing N N 255 
NAP C2B H2B  sing N N 256 
NAP O2B P2B  sing N N 257 
NAP C1B N9A  sing N N 258 
NAP C1B H1B  sing N N 259 
NAP N9A C8A  sing Y N 260 
NAP N9A C4A  sing Y N 261 
NAP C8A N7A  doub Y N 262 
NAP C8A H8A  sing N N 263 
NAP N7A C5A  sing Y N 264 
NAP C5A C6A  sing Y N 265 
NAP C5A C4A  doub Y N 266 
NAP C6A N6A  sing N N 267 
NAP C6A N1A  doub Y N 268 
NAP N6A H61A sing N N 269 
NAP N6A H62A sing N N 270 
NAP N1A C2A  sing Y N 271 
NAP C2A N3A  doub Y N 272 
NAP C2A H2A  sing N N 273 
NAP N3A C4A  sing Y N 274 
NAP O3  PN   sing N N 275 
NAP PN  O1N  doub N N 276 
NAP PN  O2N  sing N N 277 
NAP PN  O5D  sing N N 278 
NAP O5D C5D  sing N N 279 
NAP C5D C4D  sing N N 280 
NAP C5D H51N sing N N 281 
NAP C5D H52N sing N N 282 
NAP C4D O4D  sing N N 283 
NAP C4D C3D  sing N N 284 
NAP C4D H4D  sing N N 285 
NAP O4D C1D  sing N N 286 
NAP C3D O3D  sing N N 287 
NAP C3D C2D  sing N N 288 
NAP C3D H3D  sing N N 289 
NAP O3D HO3N sing N N 290 
NAP C2D O2D  sing N N 291 
NAP C2D C1D  sing N N 292 
NAP C2D H2D  sing N N 293 
NAP O2D HO2N sing N N 294 
NAP C1D N1N  sing N N 295 
NAP C1D H1D  sing N N 296 
NAP N1N C2N  sing Y N 297 
NAP N1N C6N  doub Y N 298 
NAP C2N C3N  doub Y N 299 
NAP C2N H2N  sing N N 300 
NAP C3N C7N  sing N N 301 
NAP C3N C4N  sing Y N 302 
NAP C7N O7N  doub N N 303 
NAP C7N N7N  sing N N 304 
NAP N7N H71N sing N N 305 
NAP N7N H72N sing N N 306 
NAP C4N C5N  doub Y N 307 
NAP C4N H4N  sing N N 308 
NAP C5N C6N  sing Y N 309 
NAP C5N H5N  sing N N 310 
NAP C6N H6N  sing N N 311 
NAP P2B O1X  doub N N 312 
NAP P2B O2X  sing N N 313 
NAP P2B O3X  sing N N 314 
NAP O2X HOP2 sing N N 315 
NAP O3X HOP3 sing N N 316 
PHE N   CA   sing N N 317 
PHE N   H    sing N N 318 
PHE N   H2   sing N N 319 
PHE CA  C    sing N N 320 
PHE CA  CB   sing N N 321 
PHE CA  HA   sing N N 322 
PHE C   O    doub N N 323 
PHE C   OXT  sing N N 324 
PHE CB  CG   sing N N 325 
PHE CB  HB2  sing N N 326 
PHE CB  HB3  sing N N 327 
PHE CG  CD1  doub Y N 328 
PHE CG  CD2  sing Y N 329 
PHE CD1 CE1  sing Y N 330 
PHE CD1 HD1  sing N N 331 
PHE CD2 CE2  doub Y N 332 
PHE CD2 HD2  sing N N 333 
PHE CE1 CZ   doub Y N 334 
PHE CE1 HE1  sing N N 335 
PHE CE2 CZ   sing Y N 336 
PHE CE2 HE2  sing N N 337 
PHE CZ  HZ   sing N N 338 
PHE OXT HXT  sing N N 339 
PRO N   CA   sing N N 340 
PRO N   CD   sing N N 341 
PRO N   H    sing N N 342 
PRO CA  C    sing N N 343 
PRO CA  CB   sing N N 344 
PRO CA  HA   sing N N 345 
PRO C   O    doub N N 346 
PRO C   OXT  sing N N 347 
PRO CB  CG   sing N N 348 
PRO CB  HB2  sing N N 349 
PRO CB  HB3  sing N N 350 
PRO CG  CD   sing N N 351 
PRO CG  HG2  sing N N 352 
PRO CG  HG3  sing N N 353 
PRO CD  HD2  sing N N 354 
PRO CD  HD3  sing N N 355 
PRO OXT HXT  sing N N 356 
SER N   CA   sing N N 357 
SER N   H    sing N N 358 
SER N   H2   sing N N 359 
SER CA  C    sing N N 360 
SER CA  CB   sing N N 361 
SER CA  HA   sing N N 362 
SER C   O    doub N N 363 
SER C   OXT  sing N N 364 
SER CB  OG   sing N N 365 
SER CB  HB2  sing N N 366 
SER CB  HB3  sing N N 367 
SER OG  HG   sing N N 368 
SER OXT HXT  sing N N 369 
THR N   CA   sing N N 370 
THR N   H    sing N N 371 
THR N   H2   sing N N 372 
THR CA  C    sing N N 373 
THR CA  CB   sing N N 374 
THR CA  HA   sing N N 375 
THR C   O    doub N N 376 
THR C   OXT  sing N N 377 
THR CB  OG1  sing N N 378 
THR CB  CG2  sing N N 379 
THR CB  HB   sing N N 380 
THR OG1 HG1  sing N N 381 
THR CG2 HG21 sing N N 382 
THR CG2 HG22 sing N N 383 
THR CG2 HG23 sing N N 384 
THR OXT HXT  sing N N 385 
TRP N   CA   sing N N 386 
TRP N   H    sing N N 387 
TRP N   H2   sing N N 388 
TRP CA  C    sing N N 389 
TRP CA  CB   sing N N 390 
TRP CA  HA   sing N N 391 
TRP C   O    doub N N 392 
TRP C   OXT  sing N N 393 
TRP CB  CG   sing N N 394 
TRP CB  HB2  sing N N 395 
TRP CB  HB3  sing N N 396 
TRP CG  CD1  doub Y N 397 
TRP CG  CD2  sing Y N 398 
TRP CD1 NE1  sing Y N 399 
TRP CD1 HD1  sing N N 400 
TRP CD2 CE2  doub Y N 401 
TRP CD2 CE3  sing Y N 402 
TRP NE1 CE2  sing Y N 403 
TRP NE1 HE1  sing N N 404 
TRP CE2 CZ2  sing Y N 405 
TRP CE3 CZ3  doub Y N 406 
TRP CE3 HE3  sing N N 407 
TRP CZ2 CH2  doub Y N 408 
TRP CZ2 HZ2  sing N N 409 
TRP CZ3 CH2  sing Y N 410 
TRP CZ3 HZ3  sing N N 411 
TRP CH2 HH2  sing N N 412 
TRP OXT HXT  sing N N 413 
TYR N   CA   sing N N 414 
TYR N   H    sing N N 415 
TYR N   H2   sing N N 416 
TYR CA  C    sing N N 417 
TYR CA  CB   sing N N 418 
TYR CA  HA   sing N N 419 
TYR C   O    doub N N 420 
TYR C   OXT  sing N N 421 
TYR CB  CG   sing N N 422 
TYR CB  HB2  sing N N 423 
TYR CB  HB3  sing N N 424 
TYR CG  CD1  doub Y N 425 
TYR CG  CD2  sing Y N 426 
TYR CD1 CE1  sing Y N 427 
TYR CD1 HD1  sing N N 428 
TYR CD2 CE2  doub Y N 429 
TYR CD2 HD2  sing N N 430 
TYR CE1 CZ   doub Y N 431 
TYR CE1 HE1  sing N N 432 
TYR CE2 CZ   sing Y N 433 
TYR CE2 HE2  sing N N 434 
TYR CZ  OH   sing N N 435 
TYR OH  HH   sing N N 436 
TYR OXT HXT  sing N N 437 
U06 OBD CBB  doub N N 438 
U06 NAI C4   sing N N 439 
U06 N3  C4   doub Y N 440 
U06 N3  C2   sing Y N 441 
U06 CBB OBC  sing N N 442 
U06 CBB CAY  sing N N 443 
U06 NAF C2   sing N N 444 
U06 C4  C5   sing Y N 445 
U06 CAZ CAY  doub Y N 446 
U06 CAZ CBA  sing Y N 447 
U06 C2  N1   doub Y N 448 
U06 CAY CAX  sing Y N 449 
U06 CBA CAV  doub Y N 450 
U06 C5  CAK  sing N N 451 
U06 C5  C6   doub Y N 452 
U06 N1  C6   sing Y N 453 
U06 CAK CAL  trip N N 454 
U06 C6  CAB  sing N N 455 
U06 CAX CAW  doub Y N 456 
U06 CAA CAB  sing N N 457 
U06 CAV CAW  sing Y N 458 
U06 CAV CAT  sing N N 459 
U06 CAL CAM  sing N N 460 
U06 CAU CAT  doub Y N 461 
U06 CAU CAN  sing Y N 462 
U06 CAM CAN  sing N N 463 
U06 CAT CAS  sing Y N 464 
U06 CAN CAO  doub Y N 465 
U06 CAS CAR  doub Y N 466 
U06 CAO CAR  sing Y N 467 
U06 CAO OAP  sing N N 468 
U06 OAP CAQ  sing N N 469 
U06 CAA H1   sing N N 470 
U06 CAA H2   sing N N 471 
U06 CAA H3   sing N N 472 
U06 CAB H4   sing N N 473 
U06 CAB H5   sing N N 474 
U06 NAF H6   sing N N 475 
U06 NAF H7   sing N N 476 
U06 NAI H8   sing N N 477 
U06 NAI H9   sing N N 478 
U06 CAM H10  sing N N 479 
U06 CAM H11  sing N N 480 
U06 CAU H12  sing N N 481 
U06 CAQ H13  sing N N 482 
U06 CAQ H14  sing N N 483 
U06 CAQ H15  sing N N 484 
U06 CAR H16  sing N N 485 
U06 CAS H17  sing N N 486 
U06 CAW H18  sing N N 487 
U06 CAX H19  sing N N 488 
U06 OBC H20  sing N N 489 
U06 CAZ H21  sing N N 490 
U06 CBA H22  sing N N 491 
VAL N   CA   sing N N 492 
VAL N   H    sing N N 493 
VAL N   H2   sing N N 494 
VAL CA  C    sing N N 495 
VAL CA  CB   sing N N 496 
VAL CA  HA   sing N N 497 
VAL C   O    doub N N 498 
VAL C   OXT  sing N N 499 
VAL CB  CG1  sing N N 500 
VAL CB  CG2  sing N N 501 
VAL CB  HB   sing N N 502 
VAL CG1 HG11 sing N N 503 
VAL CG1 HG12 sing N N 504 
VAL CG1 HG13 sing N N 505 
VAL CG2 HG21 sing N N 506 
VAL CG2 HG22 sing N N 507 
VAL CG2 HG23 sing N N 508 
VAL OXT HXT  sing N N 509 
# 
_pdbx_audit_support.funding_organization   
'National Institutes of Health/National Institute Of Allergy and Infectious Diseases (NIH/NIAID)' 
_pdbx_audit_support.country                'United States' 
_pdbx_audit_support.grant_number           AI111957 
_pdbx_audit_support.ordinal                1 
# 
_atom_sites.entry_id                    5ISP 
_atom_sites.fract_transf_matrix[1][1]   -0.00060753 
_atom_sites.fract_transf_matrix[1][2]   0.00057561 
_atom_sites.fract_transf_matrix[1][3]   -0.01456881 
_atom_sites.fract_transf_matrix[2][1]   -0.00594170 
_atom_sites.fract_transf_matrix[2][2]   0.01157816 
_atom_sites.fract_transf_matrix[2][3]   -0.00660289 
_atom_sites.fract_transf_matrix[3][1]   0.00832414 
_atom_sites.fract_transf_matrix[3][2]   0.00416774 
_atom_sites.fract_transf_matrix[3][3]   -0.00018246 
_atom_sites.fract_transf_vector[1]      -0.228327 
_atom_sites.fract_transf_vector[2]      -0.405560 
_atom_sites.fract_transf_vector[3]      0.024792 
# 
loop_
_atom_type.symbol 
C 
N 
O 
P 
S 
# 
loop_
_atom_site.group_PDB 
_atom_site.id 
_atom_site.type_symbol 
_atom_site.label_atom_id 
_atom_site.label_alt_id 
_atom_site.label_comp_id 
_atom_site.label_asym_id 
_atom_site.label_entity_id 
_atom_site.label_seq_id 
_atom_site.pdbx_PDB_ins_code 
_atom_site.Cartn_x 
_atom_site.Cartn_y 
_atom_site.Cartn_z 
_atom_site.occupancy 
_atom_site.B_iso_or_equiv 
_atom_site.pdbx_formal_charge 
_atom_site.auth_seq_id 
_atom_site.auth_comp_id 
_atom_site.auth_asym_id 
_atom_site.auth_atom_id 
_atom_site.pdbx_PDB_model_num 
ATOM   1    N N   . THR A 1 1   ? -15.061 -5.289  -1.802  1.00 44.02 ? 1   THR X N   1 
ATOM   2    C CA  . THR A 1 1   ? -14.444 -3.976  -1.976  1.00 46.74 ? 1   THR X CA  1 
ATOM   3    C C   . THR A 1 1   ? -12.956 -4.107  -2.302  1.00 37.52 ? 1   THR X C   1 
ATOM   4    O O   . THR A 1 1   ? -12.232 -4.860  -1.657  1.00 35.17 ? 1   THR X O   1 
ATOM   5    C CB  . THR A 1 1   ? -14.599 -3.105  -0.714  1.00 48.45 ? 1   THR X CB  1 
ATOM   6    O OG1 . THR A 1 1   ? -15.897 -3.317  -0.145  1.00 62.41 ? 1   THR X OG1 1 
ATOM   7    C CG2 . THR A 1 1   ? -14.394 -1.617  -1.038  1.00 39.34 ? 1   THR X CG2 1 
ATOM   8    N N   . LEU A 1 2   ? -12.513 -3.365  -3.307  1.00 32.57 ? 2   LEU X N   1 
ATOM   9    C CA  . LEU A 1 2   ? -11.117 -3.371  -3.717  1.00 31.11 ? 2   LEU X CA  1 
ATOM   10   C C   . LEU A 1 2   ? -10.543 -1.971  -3.549  1.00 24.79 ? 2   LEU X C   1 
ATOM   11   O O   . LEU A 1 2   ? -10.989 -1.046  -4.220  1.00 23.11 ? 2   LEU X O   1 
ATOM   12   C CB  . LEU A 1 2   ? -11.004 -3.827  -5.162  1.00 25.85 ? 2   LEU X CB  1 
ATOM   13   C CG  . LEU A 1 2   ? -9.645  -4.183  -5.740  1.00 40.19 ? 2   LEU X CG  1 
ATOM   14   C CD1 . LEU A 1 2   ? -8.954  -5.217  -4.874  1.00 35.38 ? 2   LEU X CD1 1 
ATOM   15   C CD2 . LEU A 1 2   ? -9.865  -4.712  -7.142  1.00 35.15 ? 2   LEU X CD2 1 
ATOM   16   N N   . SER A 1 3   ? -9.567  -1.824  -2.659  1.00 23.12 ? 3   SER X N   1 
ATOM   17   C CA  . SER A 1 3   ? -9.015  -0.506  -2.309  1.00 20.13 ? 3   SER X CA  1 
ATOM   18   C C   . SER A 1 3   ? -7.499  -0.446  -2.504  1.00 26.45 ? 3   SER X C   1 
ATOM   19   O O   . SER A 1 3   ? -6.808  -1.421  -2.254  1.00 25.34 ? 3   SER X O   1 
ATOM   20   C CB  . SER A 1 3   ? -9.321  -0.179  -0.853  1.00 21.20 ? 3   SER X CB  1 
ATOM   21   O OG  . SER A 1 3   ? -10.700 -0.367  -0.556  1.00 28.01 ? 3   SER X OG  1 
ATOM   22   N N   . ILE A 1 4   ? -6.976  0.701   -2.923  1.00 19.00 ? 4   ILE X N   1 
ATOM   23   C CA  . ILE A 1 4   ? -5.537  0.924   -2.804  1.00 17.27 ? 4   ILE X CA  1 
ATOM   24   C C   . ILE A 1 4   ? -5.185  1.432   -1.397  1.00 21.49 ? 4   ILE X C   1 
ATOM   25   O O   . ILE A 1 4   ? -5.933  2.204   -0.785  1.00 21.05 ? 4   ILE X O   1 
ATOM   26   C CB  . ILE A 1 4   ? -5.040  1.909   -3.907  1.00 18.12 ? 4   ILE X CB  1 
ATOM   27   C CG1 . ILE A 1 4   ? -4.575  1.103   -5.137  1.00 18.81 ? 4   ILE X CG1 1 
ATOM   28   C CG2 . ILE A 1 4   ? -3.920  2.801   -3.402  1.00 18.90 ? 4   ILE X CG2 1 
ATOM   29   C CD1 . ILE A 1 4   ? -4.315  1.960   -6.406  1.00 18.12 ? 4   ILE X CD1 1 
ATOM   30   N N   . LEU A 1 5   ? -4.070  0.950   -0.862  1.00 17.76 ? 5   LEU X N   1 
ATOM   31   C CA  . LEU A 1 5   ? -3.536  1.431   0.408   1.00 20.46 ? 5   LEU X CA  1 
ATOM   32   C C   . LEU A 1 5   ? -2.084  1.830   0.185   1.00 22.19 ? 5   LEU X C   1 
ATOM   33   O O   . LEU A 1 5   ? -1.278  0.982   -0.195  1.00 18.89 ? 5   LEU X O   1 
ATOM   34   C CB  . LEU A 1 5   ? -3.630  0.341   1.479   1.00 20.44 ? 5   LEU X CB  1 
ATOM   35   C CG  . LEU A 1 5   ? -3.139  0.660   2.894   1.00 21.20 ? 5   LEU X CG  1 
ATOM   36   C CD1 . LEU A 1 5   ? -3.856  1.897   3.454   1.00 21.95 ? 5   LEU X CD1 1 
ATOM   37   C CD2 . LEU A 1 5   ? -3.360  -0.573  3.824   1.00 21.82 ? 5   LEU X CD2 1 
ATOM   38   N N   . VAL A 1 6   ? -1.753  3.105   0.391   1.00 17.16 ? 6   VAL X N   1 
ATOM   39   C CA  . VAL A 1 6   ? -0.428  3.621   0.000   1.00 13.70 ? 6   VAL X CA  1 
ATOM   40   C C   . VAL A 1 6   ? -0.073  4.885   0.806   1.00 17.94 ? 6   VAL X C   1 
ATOM   41   O O   . VAL A 1 6   ? -0.955  5.661   1.205   1.00 18.90 ? 6   VAL X O   1 
ATOM   42   C CB  . VAL A 1 6   ? -0.374  3.939   -1.540  1.00 14.46 ? 6   VAL X CB  1 
ATOM   43   C CG1 . VAL A 1 6   ? -1.339  5.081   -1.900  1.00 18.26 ? 6   VAL X CG1 1 
ATOM   44   C CG2 . VAL A 1 6   ? 1.053   4.299   -2.001  1.00 16.40 ? 6   VAL X CG2 1 
ATOM   45   N N   . ALA A 1 7   ? 1.221   5.058   1.081   1.00 15.02 ? 7   ALA X N   1 
ATOM   46   C CA  . ALA A 1 7   ? 1.767   6.318   1.563   1.00 17.08 ? 7   ALA X CA  1 
ATOM   47   C C   . ALA A 1 7   ? 2.688   6.858   0.474   1.00 17.35 ? 7   ALA X C   1 
ATOM   48   O O   . ALA A 1 7   ? 3.558   6.133   -0.010  1.00 17.36 ? 7   ALA X O   1 
ATOM   49   C CB  . ALA A 1 7   ? 2.543   6.131   2.878   1.00 16.67 ? 7   ALA X CB  1 
ATOM   50   N N   . HIS A 1 8   ? 2.485   8.100   0.048   1.00 15.17 ? 8   HIS X N   1 
ATOM   51   C CA  . HIS A 1 8   ? 3.399   8.678   -0.948  1.00 16.85 ? 8   HIS X CA  1 
ATOM   52   C C   . HIS A 1 8   ? 3.736   10.118  -0.590  1.00 19.54 ? 8   HIS X C   1 
ATOM   53   O O   . HIS A 1 8   ? 2.987   10.778  0.129   1.00 17.26 ? 8   HIS X O   1 
ATOM   54   C CB  . HIS A 1 8   ? 2.826   8.556   -2.379  1.00 15.83 ? 8   HIS X CB  1 
ATOM   55   C CG  . HIS A 1 8   ? 1.684   9.484   -2.720  1.00 15.50 ? 8   HIS X CG  1 
ATOM   56   N ND1 . HIS A 1 8   ? 1.810   10.859  -2.762  1.00 14.00 ? 8   HIS X ND1 1 
ATOM   57   C CD2 . HIS A 1 8   ? 0.421   9.217   -3.126  1.00 16.33 ? 8   HIS X CD2 1 
ATOM   58   C CE1 . HIS A 1 8   ? 0.667   11.397  -3.144  1.00 16.14 ? 8   HIS X CE1 1 
ATOM   59   N NE2 . HIS A 1 8   ? -0.194  10.421  -3.376  1.00 18.29 ? 8   HIS X NE2 1 
ATOM   60   N N   . ASP A 1 9   ? 4.894   10.602  -1.047  1.00 15.45 ? 9   ASP X N   1 
ATOM   61   C CA  . ASP A 1 9   ? 5.308   11.939  -0.635  1.00 15.21 ? 9   ASP X CA  1 
ATOM   62   C C   . ASP A 1 9   ? 4.790   12.979  -1.643  1.00 15.00 ? 9   ASP X C   1 
ATOM   63   O O   . ASP A 1 9   ? 3.954   12.660  -2.492  1.00 17.56 ? 9   ASP X O   1 
ATOM   64   C CB  . ASP A 1 9   ? 6.840   11.999  -0.414  1.00 16.58 ? 9   ASP X CB  1 
ATOM   65   C CG  . ASP A 1 9   ? 7.665   12.165  -1.709  1.00 15.63 ? 9   ASP X CG  1 
ATOM   66   O OD1 . ASP A 1 9   ? 7.117   12.138  -2.825  1.00 15.95 ? 9   ASP X OD1 1 
ATOM   67   O OD2 . ASP A 1 9   ? 8.898   12.322  -1.575  1.00 18.96 ? 9   ASP X OD2 1 
ATOM   68   N N   . LEU A 1 10  ? 5.261   14.217  -1.528  1.00 16.84 ? 10  LEU X N   1 
ATOM   69   C CA  . LEU A 1 10  ? 4.735   15.313  -2.336  1.00 18.20 ? 10  LEU X CA  1 
ATOM   70   C C   . LEU A 1 10  ? 4.979   15.093  -3.824  1.00 21.21 ? 10  LEU X C   1 
ATOM   71   O O   . LEU A 1 10  ? 4.299   15.679  -4.670  1.00 18.67 ? 10  LEU X O   1 
ATOM   72   C CB  . LEU A 1 10  ? 5.365   16.632  -1.901  1.00 18.64 ? 10  LEU X CB  1 
ATOM   73   C CG  . LEU A 1 10  ? 4.936   17.081  -0.508  1.00 20.92 ? 10  LEU X CG  1 
ATOM   74   C CD1 . LEU A 1 10  ? 5.803   18.232  -0.077  1.00 24.06 ? 10  LEU X CD1 1 
ATOM   75   C CD2 . LEU A 1 10  ? 3.457   17.460  -0.543  1.00 24.54 ? 10  LEU X CD2 1 
ATOM   76   N N   . GLN A 1 11  ? 5.956   14.247  -4.137  1.00 16.13 ? 11  GLN X N   1 
ATOM   77   C CA  . GLN A 1 11  ? 6.269   13.945  -5.531  1.00 21.49 ? 11  GLN X CA  1 
ATOM   78   C C   . GLN A 1 11  ? 5.913   12.498  -5.910  1.00 19.42 ? 11  GLN X C   1 
ATOM   79   O O   . GLN A 1 11  ? 6.326   11.999  -6.967  1.00 18.14 ? 11  GLN X O   1 
ATOM   80   C CB  . GLN A 1 11  ? 7.744   14.250  -5.783  1.00 21.40 ? 11  GLN X CB  1 
ATOM   81   C CG  . GLN A 1 11  ? 7.987   15.759  -5.668  1.00 33.58 ? 11  GLN X CG  1 
ATOM   82   C CD  . GLN A 1 11  ? 9.432   16.171  -5.842  1.00 40.19 ? 11  GLN X CD  1 
ATOM   83   O OE1 . GLN A 1 11  ? 10.362  15.495  -5.382  1.00 38.55 ? 11  GLN X OE1 1 
ATOM   84   N NE2 . GLN A 1 11  ? 9.629   17.302  -6.509  1.00 31.45 ? 11  GLN X NE2 1 
ATOM   85   N N   . ARG A 1 12  ? 5.101   11.870  -5.053  1.00 15.71 ? 12  ARG X N   1 
ATOM   86   C CA  . ARG A 1 12  ? 4.582   10.490  -5.199  1.00 14.10 ? 12  ARG X CA  1 
ATOM   87   C C   . ARG A 1 12  ? 5.633   9.389   -5.060  1.00 15.32 ? 12  ARG X C   1 
ATOM   88   O O   . ARG A 1 12  ? 5.404   8.271   -5.522  1.00 16.02 ? 12  ARG X O   1 
ATOM   89   C CB  . ARG A 1 12  ? 3.860   10.304  -6.535  1.00 17.11 ? 12  ARG X CB  1 
ATOM   90   C CG  . ARG A 1 12  ? 2.394   10.726  -6.509  1.00 17.34 ? 12  ARG X CG  1 
ATOM   91   C CD  . ARG A 1 12  ? 1.756   10.654  -7.909  1.00 21.29 ? 12  ARG X CD  1 
ATOM   92   N NE  . ARG A 1 12  ? 2.329   11.668  -8.793  1.00 22.68 ? 12  ARG X NE  1 
ATOM   93   C CZ  . ARG A 1 12  ? 3.292   11.448  -9.682  1.00 28.36 ? 12  ARG X CZ  1 
ATOM   94   N NH1 . ARG A 1 12  ? 3.804   10.221  -9.853  1.00 19.90 ? 12  ARG X NH1 1 
ATOM   95   N NH2 . ARG A 1 12  ? 3.746   12.467  -10.404 1.00 24.73 ? 12  ARG X NH2 1 
ATOM   96   N N   . VAL A 1 13  ? 6.755   9.702   -4.422  1.00 14.77 ? 13  VAL X N   1 
ATOM   97   C CA  . VAL A 1 13  ? 7.717   8.683   -4.017  1.00 13.68 ? 13  VAL X CA  1 
ATOM   98   C C   . VAL A 1 13  ? 7.027   7.728   -3.037  1.00 19.14 ? 13  VAL X C   1 
ATOM   99   O O   . VAL A 1 13  ? 6.337   8.184   -2.130  1.00 14.64 ? 13  VAL X O   1 
ATOM   100  C CB  . VAL A 1 13  ? 8.958   9.299   -3.348  1.00 19.51 ? 13  VAL X CB  1 
ATOM   101  C CG1 . VAL A 1 13  ? 9.750   8.229   -2.560  1.00 16.69 ? 13  VAL X CG1 1 
ATOM   102  C CG2 . VAL A 1 13  ? 9.858   9.976   -4.390  1.00 17.73 ? 13  VAL X CG2 1 
ATOM   103  N N   . ILE A 1 14  ? 7.196   6.419   -3.235  1.00 15.62 ? 14  ILE X N   1 
ATOM   104  C CA  . ILE A 1 14  ? 6.688   5.427   -2.282  1.00 12.37 ? 14  ILE X CA  1 
ATOM   105  C C   . ILE A 1 14  ? 7.804   4.568   -1.671  1.00 18.88 ? 14  ILE X C   1 
ATOM   106  O O   . ILE A 1 14  ? 7.599   3.913   -0.646  1.00 18.75 ? 14  ILE X O   1 
ATOM   107  C CB  . ILE A 1 14  ? 5.636   4.491   -2.938  1.00 14.76 ? 14  ILE X CB  1 
ATOM   108  C CG1 . ILE A 1 14  ? 6.253   3.729   -4.131  1.00 14.31 ? 14  ILE X CG1 1 
ATOM   109  C CG2 . ILE A 1 14  ? 4.387   5.299   -3.321  1.00 16.93 ? 14  ILE X CG2 1 
ATOM   110  C CD1 . ILE A 1 14  ? 5.393   2.553   -4.623  1.00 17.35 ? 14  ILE X CD1 1 
ATOM   111  N N   . GLY A 1 15  ? 8.992   4.583   -2.264  1.00 16.82 ? 15  GLY X N   1 
ATOM   112  C CA  . GLY A 1 15  ? 10.017  3.666   -1.803  1.00 16.44 ? 15  GLY X CA  1 
ATOM   113  C C   . GLY A 1 15  ? 11.414  4.052   -2.233  1.00 17.85 ? 15  GLY X C   1 
ATOM   114  O O   . GLY A 1 15  ? 11.607  4.816   -3.185  1.00 15.92 ? 15  GLY X O   1 
ATOM   115  N N   . PHE A 1 16  ? 12.389  3.522   -1.507  1.00 15.95 ? 16  PHE X N   1 
ATOM   116  C CA  . PHE A 1 16  ? 13.781  3.671   -1.900  1.00 16.44 ? 16  PHE X CA  1 
ATOM   117  C C   . PHE A 1 16  ? 14.558  2.443   -1.448  1.00 20.68 ? 16  PHE X C   1 
ATOM   118  O O   . PHE A 1 16  ? 14.567  2.106   -0.264  1.00 19.61 ? 16  PHE X O   1 
ATOM   119  C CB  . PHE A 1 16  ? 14.405  4.930   -1.303  1.00 14.70 ? 16  PHE X CB  1 
ATOM   120  C CG  . PHE A 1 16  ? 15.827  5.158   -1.755  1.00 18.18 ? 16  PHE X CG  1 
ATOM   121  C CD1 . PHE A 1 16  ? 16.097  5.414   -3.098  1.00 18.34 ? 16  PHE X CD1 1 
ATOM   122  C CD2 . PHE A 1 16  ? 16.879  5.082   -0.852  1.00 20.09 ? 16  PHE X CD2 1 
ATOM   123  C CE1 . PHE A 1 16  ? 17.420  5.623   -3.529  1.00 27.71 ? 16  PHE X CE1 1 
ATOM   124  C CE2 . PHE A 1 16  ? 18.206  5.272   -1.273  1.00 24.04 ? 16  PHE X CE2 1 
ATOM   125  C CZ  . PHE A 1 16  ? 18.468  5.545   -2.613  1.00 26.33 ? 16  PHE X CZ  1 
ATOM   126  N N   . GLU A 1 17  ? 15.227  1.806   -2.398  1.00 17.90 ? 17  GLU X N   1 
ATOM   127  C CA  . GLU A 1 17  ? 16.024  0.615   -2.121  1.00 18.67 ? 17  GLU X CA  1 
ATOM   128  C C   . GLU A 1 17  ? 15.218  -0.396  -1.311  1.00 20.23 ? 17  GLU X C   1 
ATOM   129  O O   . GLU A 1 17  ? 15.670  -0.903  -0.279  1.00 21.18 ? 17  GLU X O   1 
ATOM   130  C CB  . GLU A 1 17  ? 17.319  1.001   -1.420  1.00 19.68 ? 17  GLU X CB  1 
ATOM   131  C CG  . GLU A 1 17  ? 18.258  1.733   -2.385  1.00 23.61 ? 17  GLU X CG  1 
ATOM   132  C CD  . GLU A 1 17  ? 19.602  2.101   -1.792  1.00 31.03 ? 17  GLU X CD  1 
ATOM   133  O OE1 . GLU A 1 17  ? 19.746  2.150   -0.547  1.00 27.85 ? 17  GLU X OE1 1 
ATOM   134  O OE2 . GLU A 1 17  ? 20.529  2.338   -2.597  1.00 27.22 ? 17  GLU X OE2 1 
ATOM   135  N N   . ASN A 1 18  ? 14.008  -0.636  -1.798  1.00 18.68 ? 18  ASN X N   1 
ATOM   136  C CA  . ASN A 1 18  ? 13.076  -1.622  -1.263  1.00 23.99 ? 18  ASN X CA  1 
ATOM   137  C C   . ASN A 1 18  ? 12.622  -1.377  0.171   1.00 25.99 ? 18  ASN X C   1 
ATOM   138  O O   . ASN A 1 18  ? 12.165  -2.300  0.832   1.00 23.99 ? 18  ASN X O   1 
ATOM   139  C CB  . ASN A 1 18  ? 13.684  -3.029  -1.387  1.00 23.02 ? 18  ASN X CB  1 
ATOM   140  C CG  . ASN A 1 18  ? 13.768  -3.497  -2.826  1.00 33.23 ? 18  ASN X CG  1 
ATOM   141  O OD1 . ASN A 1 18  ? 12.801  -3.382  -3.595  1.00 34.13 ? 18  ASN X OD1 1 
ATOM   142  N ND2 . ASN A 1 18  ? 14.929  -4.024  -3.208  1.00 34.17 ? 18  ASN X ND2 1 
ATOM   143  N N   . GLN A 1 19  ? 12.709  -0.137  0.644   1.00 19.31 ? 19  GLN X N   1 
ATOM   144  C CA  . GLN A 1 19  ? 12.233  0.220   1.979   1.00 19.58 ? 19  GLN X CA  1 
ATOM   145  C C   . GLN A 1 19  ? 11.420  1.511   1.894   1.00 23.55 ? 19  GLN X C   1 
ATOM   146  O O   . GLN A 1 19  ? 11.435  2.177   0.860   1.00 18.68 ? 19  GLN X O   1 
ATOM   147  C CB  . GLN A 1 19  ? 13.401  0.390   2.960   1.00 26.02 ? 19  GLN X CB  1 
ATOM   148  C CG  . GLN A 1 19  ? 14.219  -0.887  3.157   1.00 27.42 ? 19  GLN X CG  1 
ATOM   149  C CD  . GLN A 1 19  ? 13.420  -2.028  3.804   1.00 41.14 ? 19  GLN X CD  1 
ATOM   150  O OE1 . GLN A 1 19  ? 12.441  -1.797  4.526   1.00 40.58 ? 19  GLN X OE1 1 
ATOM   151  N NE2 . GLN A 1 19  ? 13.835  -3.265  3.536   1.00 47.28 ? 19  GLN X NE2 1 
ATOM   152  N N   . LEU A 1 20  ? 10.710  1.867   2.961   1.00 19.53 ? 20  LEU X N   1 
ATOM   153  C CA  . LEU A 1 20  ? 10.037  3.180   3.003   1.00 22.37 ? 20  LEU X CA  1 
ATOM   154  C C   . LEU A 1 20  ? 11.080  4.253   3.268   1.00 21.50 ? 20  LEU X C   1 
ATOM   155  O O   . LEU A 1 20  ? 11.996  4.033   4.065   1.00 21.01 ? 20  LEU X O   1 
ATOM   156  C CB  . LEU A 1 20  ? 8.960   3.229   4.096   1.00 22.12 ? 20  LEU X CB  1 
ATOM   157  C CG  . LEU A 1 20  ? 7.955   2.082   4.073   1.00 28.19 ? 20  LEU X CG  1 
ATOM   158  C CD1 . LEU A 1 20  ? 7.120   2.113   5.354   1.00 27.75 ? 20  LEU X CD1 1 
ATOM   159  C CD2 . LEU A 1 20  ? 7.077   2.214   2.844   1.00 26.93 ? 20  LEU X CD2 1 
ATOM   160  N N   . PRO A 1 21  ? 10.957  5.420   2.609   1.00 21.47 ? 21  PRO X N   1 
ATOM   161  C CA  . PRO A 1 21  ? 11.973  6.463   2.792   1.00 22.81 ? 21  PRO X CA  1 
ATOM   162  C C   . PRO A 1 21  ? 11.837  7.221   4.103   1.00 24.96 ? 21  PRO X C   1 
ATOM   163  O O   . PRO A 1 21  ? 12.765  7.938   4.492   1.00 25.22 ? 21  PRO X O   1 
ATOM   164  C CB  . PRO A 1 21  ? 11.730  7.409   1.598   1.00 18.54 ? 21  PRO X CB  1 
ATOM   165  C CG  . PRO A 1 21  ? 10.910  6.602   0.611   1.00 21.02 ? 21  PRO X CG  1 
ATOM   166  C CD  . PRO A 1 21  ? 10.063  5.710   1.467   1.00 22.21 ? 21  PRO X CD  1 
ATOM   167  N N   . TRP A 1 22  ? 10.693  7.073   4.765   1.00 20.90 ? 22  TRP X N   1 
ATOM   168  C CA  . TRP A 1 22  ? 10.392  7.806   5.990   1.00 25.49 ? 22  TRP X CA  1 
ATOM   169  C C   . TRP A 1 22  ? 10.161  6.886   7.169   1.00 26.15 ? 22  TRP X C   1 
ATOM   170  O O   . TRP A 1 22  ? 9.769   5.740   7.000   1.00 21.89 ? 22  TRP X O   1 
ATOM   171  C CB  . TRP A 1 22  ? 9.140   8.662   5.815   1.00 21.11 ? 22  TRP X CB  1 
ATOM   172  C CG  . TRP A 1 22  ? 8.065   7.932   5.075   1.00 20.42 ? 22  TRP X CG  1 
ATOM   173  C CD1 . TRP A 1 22  ? 7.157   7.019   5.592   1.00 22.45 ? 22  TRP X CD1 1 
ATOM   174  C CD2 . TRP A 1 22  ? 7.785   8.022   3.676   1.00 19.61 ? 22  TRP X CD2 1 
ATOM   175  N NE1 . TRP A 1 22  ? 6.342   6.550   4.593   1.00 21.77 ? 22  TRP X NE1 1 
ATOM   176  C CE2 . TRP A 1 22  ? 6.697   7.154   3.410   1.00 18.42 ? 22  TRP X CE2 1 
ATOM   177  C CE3 . TRP A 1 22  ? 8.339   8.761   2.620   1.00 14.97 ? 22  TRP X CE3 1 
ATOM   178  C CZ2 . TRP A 1 22  ? 6.165   6.998   2.139   1.00 17.49 ? 22  TRP X CZ2 1 
ATOM   179  C CZ3 . TRP A 1 22  ? 7.801   8.604   1.350   1.00 14.49 ? 22  TRP X CZ3 1 
ATOM   180  C CH2 . TRP A 1 22  ? 6.738   7.722   1.118   1.00 20.52 ? 22  TRP X CH2 1 
ATOM   181  N N   . HIS A 1 23  ? 10.409  7.417   8.361   1.00 32.89 ? 23  HIS X N   1 
ATOM   182  C CA  A HIS A 1 23  ? 10.028  6.738   9.590   0.53 33.51 ? 23  HIS X CA  1 
ATOM   183  C CA  B HIS A 1 23  ? 10.051  6.756   9.608   0.47 33.51 ? 23  HIS X CA  1 
ATOM   184  C C   . HIS A 1 23  ? 8.807   7.424   10.186  1.00 31.17 ? 23  HIS X C   1 
ATOM   185  O O   . HIS A 1 23  ? 8.887   8.547   10.684  1.00 34.58 ? 23  HIS X O   1 
ATOM   186  C CB  A HIS A 1 23  ? 11.172  6.723   10.608  0.53 33.41 ? 23  HIS X CB  1 
ATOM   187  C CB  B HIS A 1 23  ? 11.205  6.825   10.616  0.47 33.35 ? 23  HIS X CB  1 
ATOM   188  C CG  A HIS A 1 23  ? 10.793  6.096   11.915  0.53 38.67 ? 23  HIS X CG  1 
ATOM   189  C CG  B HIS A 1 23  ? 12.479  6.208   10.129  0.47 40.08 ? 23  HIS X CG  1 
ATOM   190  N ND1 A HIS A 1 23  ? 10.572  4.743   12.054  0.53 37.60 ? 23  HIS X ND1 1 
ATOM   191  N ND1 B HIS A 1 23  ? 12.608  4.857   9.890   0.47 45.23 ? 23  HIS X ND1 1 
ATOM   192  C CD2 A HIS A 1 23  ? 10.566  6.642   13.133  0.53 38.88 ? 23  HIS X CD2 1 
ATOM   193  C CD2 B HIS A 1 23  ? 13.685  6.757   9.851   0.47 47.94 ? 23  HIS X CD2 1 
ATOM   194  C CE1 A HIS A 1 23  ? 10.238  4.479   13.305  0.53 36.72 ? 23  HIS X CE1 1 
ATOM   195  C CE1 B HIS A 1 23  ? 13.837  4.601   9.479   0.47 50.96 ? 23  HIS X CE1 1 
ATOM   196  N NE2 A HIS A 1 23  ? 10.229  5.614   13.981  0.53 32.23 ? 23  HIS X NE2 1 
ATOM   197  N NE2 B HIS A 1 23  ? 14.511  5.736   9.446   0.47 51.56 ? 23  HIS X NE2 1 
ATOM   198  N N   . LEU A 1 24  ? 7.669   6.749   10.122  1.00 23.61 ? 24  LEU X N   1 
ATOM   199  C CA  . LEU A 1 24  ? 6.425   7.359   10.563  1.00 26.54 ? 24  LEU X CA  1 
ATOM   200  C C   . LEU A 1 24  ? 5.493   6.327   11.198  1.00 31.03 ? 24  LEU X C   1 
ATOM   201  O O   . LEU A 1 24  ? 4.608   5.785   10.535  1.00 27.75 ? 24  LEU X O   1 
ATOM   202  C CB  . LEU A 1 24  ? 5.738   8.066   9.386   1.00 26.12 ? 24  LEU X CB  1 
ATOM   203  C CG  . LEU A 1 24  ? 4.605   9.023   9.764   1.00 26.68 ? 24  LEU X CG  1 
ATOM   204  C CD1 . LEU A 1 24  ? 5.130   10.124  10.671  1.00 27.03 ? 24  LEU X CD1 1 
ATOM   205  C CD2 . LEU A 1 24  ? 3.952   9.615   8.516   1.00 22.19 ? 24  LEU X CD2 1 
ATOM   206  N N   . PRO A 1 25  ? 5.706   6.042   12.501  1.00 35.82 ? 25  PRO X N   1 
ATOM   207  C CA  . PRO A 1 25  ? 4.917   5.057   13.252  1.00 33.37 ? 25  PRO X CA  1 
ATOM   208  C C   . PRO A 1 25  ? 3.405   5.221   13.091  1.00 27.72 ? 25  PRO X C   1 
ATOM   209  O O   . PRO A 1 25  ? 2.727   4.217   12.898  1.00 34.62 ? 25  PRO X O   1 
ATOM   210  C CB  . PRO A 1 25  ? 5.340   5.312   14.703  1.00 33.31 ? 25  PRO X CB  1 
ATOM   211  C CG  . PRO A 1 25  ? 6.754   5.775   14.584  1.00 39.64 ? 25  PRO X CG  1 
ATOM   212  C CD  . PRO A 1 25  ? 6.812   6.592   13.309  1.00 34.34 ? 25  PRO X CD  1 
ATOM   213  N N   . ASN A 1 26  ? 2.898   6.456   13.143  1.00 32.96 ? 26  ASN X N   1 
ATOM   214  C CA  A ASN A 1 26  ? 1.459   6.679   13.052  0.59 29.24 ? 26  ASN X CA  1 
ATOM   215  C CA  B ASN A 1 26  ? 1.466   6.729   13.024  0.41 29.28 ? 26  ASN X CA  1 
ATOM   216  C C   . ASN A 1 26  ? 0.853   6.124   11.761  1.00 34.37 ? 26  ASN X C   1 
ATOM   217  O O   . ASN A 1 26  ? -0.299  5.680   11.757  1.00 29.56 ? 26  ASN X O   1 
ATOM   218  C CB  A ASN A 1 26  ? 1.138   8.171   13.195  0.59 32.41 ? 26  ASN X CB  1 
ATOM   219  C CB  B ASN A 1 26  ? 1.215   8.242   13.044  0.41 32.34 ? 26  ASN X CB  1 
ATOM   220  C CG  A ASN A 1 26  ? 1.229   8.651   14.639  0.59 34.26 ? 26  ASN X CG  1 
ATOM   221  C CG  B ASN A 1 26  ? -0.236  8.597   13.326  0.41 31.12 ? 26  ASN X CG  1 
ATOM   222  O OD1 A ASN A 1 26  ? 1.556   7.874   15.537  0.59 35.70 ? 26  ASN X OD1 1 
ATOM   223  O OD1 B ASN A 1 26  ? -0.947  7.857   14.007  0.41 41.43 ? 26  ASN X OD1 1 
ATOM   224  N ND2 A ASN A 1 26  ? 0.967   9.936   14.863  0.59 28.69 ? 26  ASN X ND2 1 
ATOM   225  N ND2 B ASN A 1 26  ? -0.680  9.741   12.806  0.41 27.27 ? 26  ASN X ND2 1 
ATOM   226  N N   . ASP A 1 27  ? 1.620   6.112   10.673  1.00 30.09 ? 27  ASP X N   1 
ATOM   227  C CA  . ASP A 1 27  ? 1.081   5.573   9.430   1.00 27.19 ? 27  ASP X CA  1 
ATOM   228  C C   . ASP A 1 27  ? 1.044   4.047   9.438   1.00 27.43 ? 27  ASP X C   1 
ATOM   229  O O   . ASP A 1 27  ? 0.142   3.435   8.862   1.00 26.24 ? 27  ASP X O   1 
ATOM   230  C CB  . ASP A 1 27  ? 1.876   6.069   8.220   1.00 25.03 ? 27  ASP X CB  1 
ATOM   231  C CG  . ASP A 1 27  ? 1.165   5.755   6.919   1.00 28.44 ? 27  ASP X CG  1 
ATOM   232  O OD1 . ASP A 1 27  ? -0.063  5.998   6.846   1.00 27.53 ? 27  ASP X OD1 1 
ATOM   233  O OD2 . ASP A 1 27  ? 1.814   5.253   5.987   1.00 34.27 ? 27  ASP X OD2 1 
ATOM   234  N N   . LEU A 1 28  ? 2.027   3.427   10.085  1.00 28.36 ? 28  LEU X N   1 
ATOM   235  C CA  . LEU A 1 28  ? 1.997   1.983   10.279  1.00 31.46 ? 28  LEU X CA  1 
ATOM   236  C C   . LEU A 1 28  ? 0.751   1.607   11.085  1.00 28.05 ? 28  LEU X C   1 
ATOM   237  O O   . LEU A 1 28  ? 0.081   0.626   10.777  1.00 31.45 ? 28  LEU X O   1 
ATOM   238  C CB  . LEU A 1 28  ? 3.262   1.494   10.995  1.00 33.58 ? 28  LEU X CB  1 
ATOM   239  C CG  . LEU A 1 28  ? 4.620   1.901   10.420  1.00 51.97 ? 28  LEU X CG  1 
ATOM   240  C CD1 . LEU A 1 28  ? 5.738   1.591   11.410  1.00 56.30 ? 28  LEU X CD1 1 
ATOM   241  C CD2 . LEU A 1 28  ? 4.881   1.193   9.120   1.00 41.88 ? 28  LEU X CD2 1 
ATOM   242  N N   . LYS A 1 29  ? 0.451   2.391   12.122  1.00 29.12 ? 29  LYS X N   1 
ATOM   243  C CA  . LYS A 1 29  ? -0.765  2.189   12.904  1.00 28.36 ? 29  LYS X CA  1 
ATOM   244  C C   . LYS A 1 29  ? -2.020  2.313   12.037  1.00 36.53 ? 29  LYS X C   1 
ATOM   245  O O   . LYS A 1 29  ? -2.939  1.496   12.132  1.00 33.12 ? 29  LYS X O   1 
ATOM   246  C CB  . LYS A 1 29  ? -0.824  3.189   14.061  1.00 34.99 ? 29  LYS X CB  1 
ATOM   247  C CG  . LYS A 1 29  ? -2.055  3.030   14.947  1.00 47.19 ? 29  LYS X CG  1 
ATOM   248  C CD  . LYS A 1 29  ? -2.338  4.292   15.753  1.00 54.19 ? 29  LYS X CD  1 
ATOM   249  C CE  . LYS A 1 29  ? -1.205  4.595   16.715  1.00 56.79 ? 29  LYS X CE  1 
ATOM   250  N NZ  . LYS A 1 29  ? -0.980  3.462   17.656  1.00 74.08 ? 29  LYS X NZ  1 
ATOM   251  N N   . HIS A 1 30  ? -2.046  3.344   11.195  1.00 31.86 ? 30  HIS X N   1 
ATOM   252  C CA  . HIS A 1 30  ? -3.117  3.568   10.220  1.00 27.54 ? 30  HIS X CA  1 
ATOM   253  C C   . HIS A 1 30  ? -3.334  2.337   9.352   1.00 26.47 ? 30  HIS X C   1 
ATOM   254  O O   . HIS A 1 30  ? -4.461  1.875   9.165   1.00 26.13 ? 30  HIS X O   1 
ATOM   255  C CB  . HIS A 1 30  ? -2.758  4.791   9.359   1.00 26.87 ? 30  HIS X CB  1 
ATOM   256  C CG  . HIS A 1 30  ? -3.756  5.122   8.290   1.00 28.35 ? 30  HIS X CG  1 
ATOM   257  N ND1 . HIS A 1 30  ? -4.988  5.686   8.561   1.00 28.22 ? 30  HIS X ND1 1 
ATOM   258  C CD2 . HIS A 1 30  ? -3.678  5.027   6.941   1.00 24.93 ? 30  HIS X CD2 1 
ATOM   259  C CE1 . HIS A 1 30  ? -5.639  5.889   7.428   1.00 28.85 ? 30  HIS X CE1 1 
ATOM   260  N NE2 . HIS A 1 30  ? -4.863  5.504   6.430   1.00 31.86 ? 30  HIS X NE2 1 
ATOM   261  N N   . VAL A 1 31  ? -2.245  1.809   8.809   1.00 25.44 ? 31  VAL X N   1 
ATOM   262  C CA  . VAL A 1 31  ? -2.305  0.613   7.972   1.00 25.63 ? 31  VAL X CA  1 
ATOM   263  C C   . VAL A 1 31  ? -2.863  -0.570  8.757   1.00 29.00 ? 31  VAL X C   1 
ATOM   264  O O   . VAL A 1 31  ? -3.699  -1.331  8.267   1.00 26.44 ? 31  VAL X O   1 
ATOM   265  C CB  . VAL A 1 31  ? -0.907  0.264   7.426   1.00 26.24 ? 31  VAL X CB  1 
ATOM   266  C CG1 . VAL A 1 31  ? -0.887  -1.126  6.810   1.00 28.19 ? 31  VAL X CG1 1 
ATOM   267  C CG2 . VAL A 1 31  ? -0.495  1.299   6.393   1.00 27.24 ? 31  VAL X CG2 1 
ATOM   268  N N   . LYS A 1 32  ? -2.386  -0.707  9.988   1.00 33.60 ? 32  LYS X N   1 
ATOM   269  C CA  . LYS A 1 32  ? -2.824  -1.774  10.874  1.00 31.98 ? 32  LYS X CA  1 
ATOM   270  C C   . LYS A 1 32  ? -4.329  -1.694  11.113  1.00 30.38 ? 32  LYS X C   1 
ATOM   271  O O   . LYS A 1 32  ? -5.036  -2.700  11.052  1.00 33.38 ? 32  LYS X O   1 
ATOM   272  C CB  . LYS A 1 32  ? -2.058  -1.698  12.199  1.00 33.98 ? 32  LYS X CB  1 
ATOM   273  C CG  . LYS A 1 32  ? -2.356  -2.839  13.155  1.00 47.99 ? 32  LYS X CG  1 
ATOM   274  C CD  . LYS A 1 32  ? -1.698  -2.617  14.503  1.00 39.60 ? 32  LYS X CD  1 
ATOM   275  C CE  . LYS A 1 32  ? -1.672  -3.911  15.297  1.00 54.32 ? 32  LYS X CE  1 
ATOM   276  N NZ  . LYS A 1 32  ? -3.011  -4.560  15.250  1.00 68.27 ? 32  LYS X NZ  1 
ATOM   277  N N   . LYS A 1 33  ? -4.833  -0.491  11.360  1.00 33.68 ? 33  LYS X N   1 
ATOM   278  C CA  . LYS A 1 33  ? -6.245  -0.361  11.690  1.00 31.22 ? 33  LYS X CA  1 
ATOM   279  C C   . LYS A 1 33  ? -7.121  -0.611  10.463  1.00 37.93 ? 33  LYS X C   1 
ATOM   280  O O   . LYS A 1 33  ? -8.124  -1.314  10.550  1.00 36.51 ? 33  LYS X O   1 
ATOM   281  C CB  . LYS A 1 33  ? -6.546  1.006   12.313  1.00 38.11 ? 33  LYS X CB  1 
ATOM   282  C CG  . LYS A 1 33  ? -5.693  1.362   13.557  1.00 54.84 ? 33  LYS X CG  1 
ATOM   283  C CD  . LYS A 1 33  ? -5.160  0.136   14.345  1.00 64.18 ? 33  LYS X CD  1 
ATOM   284  C CE  . LYS A 1 33  ? -6.061  -0.300  15.504  1.00 68.07 ? 33  LYS X CE  1 
ATOM   285  N NZ  . LYS A 1 33  ? -5.734  -1.693  15.958  1.00 68.05 ? 33  LYS X NZ  1 
ATOM   286  N N   . LEU A 1 34  ? -6.738  -0.068  9.311   1.00 27.54 ? 34  LEU X N   1 
ATOM   287  C CA  . LEU A 1 34  ? -7.503  -0.303  8.089   1.00 26.13 ? 34  LEU X CA  1 
ATOM   288  C C   . LEU A 1 34  ? -7.547  -1.775  7.651   1.00 28.21 ? 34  LEU X C   1 
ATOM   289  O O   . LEU A 1 34  ? -8.576  -2.254  7.178   1.00 28.32 ? 34  LEU X O   1 
ATOM   290  C CB  . LEU A 1 34  ? -6.939  0.544   6.941   1.00 29.82 ? 34  LEU X CB  1 
ATOM   291  C CG  . LEU A 1 34  ? -7.403  1.998   6.900   1.00 27.54 ? 34  LEU X CG  1 
ATOM   292  C CD1 . LEU A 1 34  ? -6.620  2.800   5.859   1.00 21.39 ? 34  LEU X CD1 1 
ATOM   293  C CD2 . LEU A 1 34  ? -8.894  2.046   6.608   1.00 35.86 ? 34  LEU X CD2 1 
ATOM   294  N N   . SER A 1 35  ? -6.436  -2.490  7.798   1.00 29.09 ? 35  SER X N   1 
ATOM   295  C CA  . SER A 1 35  ? -6.306  -3.785  7.137   1.00 28.54 ? 35  SER X CA  1 
ATOM   296  C C   . SER A 1 35  ? -6.486  -4.998  8.055   1.00 27.71 ? 35  SER X C   1 
ATOM   297  O O   . SER A 1 35  ? -6.691  -6.096  7.553   1.00 29.09 ? 35  SER X O   1 
ATOM   298  C CB  . SER A 1 35  ? -4.941  -3.896  6.438   1.00 29.76 ? 35  SER X CB  1 
ATOM   299  O OG  . SER A 1 35  ? -3.880  -3.817  7.371   1.00 28.86 ? 35  SER X OG  1 
ATOM   300  N N   . THR A 1 36  ? -6.386  -4.813  9.369   1.00 35.25 ? 36  THR X N   1 
ATOM   301  C CA  . THR A 1 36  ? -6.579  -5.938  10.292  1.00 38.38 ? 36  THR X CA  1 
ATOM   302  C C   . THR A 1 36  ? -7.939  -6.589  10.056  1.00 33.95 ? 36  THR X C   1 
ATOM   303  O O   . THR A 1 36  ? -8.957  -5.906  9.947   1.00 32.89 ? 36  THR X O   1 
ATOM   304  C CB  . THR A 1 36  ? -6.460  -5.510  11.761  1.00 36.97 ? 36  THR X CB  1 
ATOM   305  O OG1 . THR A 1 36  ? -5.091  -5.197  12.053  1.00 38.73 ? 36  THR X OG1 1 
ATOM   306  C CG2 . THR A 1 36  ? -6.898  -6.636  12.682  1.00 35.53 ? 36  THR X CG2 1 
ATOM   307  N N   . GLY A 1 37  ? -7.943  -7.911  9.930   1.00 34.60 ? 37  GLY X N   1 
ATOM   308  C CA  . GLY A 1 37  ? -9.173  -8.643  9.692   1.00 31.49 ? 37  GLY X CA  1 
ATOM   309  C C   . GLY A 1 37  ? -9.572  -8.705  8.240   1.00 32.87 ? 37  GLY X C   1 
ATOM   310  O O   . GLY A 1 37  ? -10.590 -9.301  7.902   1.00 31.62 ? 37  GLY X O   1 
ATOM   311  N N   . HIS A 1 38  ? -8.776  -8.091  7.367   1.00 34.13 ? 38  HIS X N   1 
ATOM   312  C CA  . HIS A 1 38  ? -9.080  -8.105  5.938   1.00 27.35 ? 38  HIS X CA  1 
ATOM   313  C C   . HIS A 1 38  ? -7.904  -8.693  5.151   1.00 31.25 ? 38  HIS X C   1 
ATOM   314  O O   . HIS A 1 38  ? -7.129  -9.480  5.700   1.00 33.45 ? 38  HIS X O   1 
ATOM   315  C CB  . HIS A 1 38  ? -9.430  -6.693  5.462   1.00 26.47 ? 38  HIS X CB  1 
ATOM   316  C CG  . HIS A 1 38  ? -10.519 -6.064  6.271   1.00 34.11 ? 38  HIS X CG  1 
ATOM   317  N ND1 . HIS A 1 38  ? -11.843 -6.435  6.145   1.00 37.23 ? 38  HIS X ND1 1 
ATOM   318  C CD2 . HIS A 1 38  ? -10.479 -5.138  7.258   1.00 38.08 ? 38  HIS X CD2 1 
ATOM   319  C CE1 . HIS A 1 38  ? -12.574 -5.741  7.000   1.00 37.78 ? 38  HIS X CE1 1 
ATOM   320  N NE2 . HIS A 1 38  ? -11.771 -4.947  7.689   1.00 42.07 ? 38  HIS X NE2 1 
ATOM   321  N N   . THR A 1 39  ? -7.771  -8.313  3.881   1.00 24.13 ? 39  THR X N   1 
ATOM   322  C CA  . THR A 1 39  ? -6.757  -8.902  3.003   1.00 27.65 ? 39  THR X CA  1 
ATOM   323  C C   . THR A 1 39  ? -5.805  -7.861  2.402   1.00 32.59 ? 39  THR X C   1 
ATOM   324  O O   . THR A 1 39  ? -6.253  -6.848  1.852   1.00 26.44 ? 39  THR X O   1 
ATOM   325  C CB  . THR A 1 39  ? -7.422  -9.689  1.858   1.00 31.33 ? 39  THR X CB  1 
ATOM   326  O OG1 . THR A 1 39  ? -8.250  -10.722 2.413   1.00 30.03 ? 39  THR X OG1 1 
ATOM   327  C CG2 . THR A 1 39  ? -6.379  -10.322 0.939   1.00 31.33 ? 39  THR X CG2 1 
ATOM   328  N N   . LEU A 1 40  ? -4.501  -8.117  2.534   1.00 24.79 ? 40  LEU X N   1 
ATOM   329  C CA  . LEU A 1 40  ? -3.456  -7.337  1.857   1.00 25.61 ? 40  LEU X CA  1 
ATOM   330  C C   . LEU A 1 40  ? -2.898  -8.117  0.674   1.00 28.18 ? 40  LEU X C   1 
ATOM   331  O O   . LEU A 1 40  ? -2.512  -9.278  0.812   1.00 26.36 ? 40  LEU X O   1 
ATOM   332  C CB  . LEU A 1 40  ? -2.310  -6.996  2.800   1.00 24.26 ? 40  LEU X CB  1 
ATOM   333  C CG  . LEU A 1 40  ? -2.530  -6.100  4.011   1.00 30.84 ? 40  LEU X CG  1 
ATOM   334  C CD1 . LEU A 1 40  ? -1.236  -6.048  4.790   1.00 28.42 ? 40  LEU X CD1 1 
ATOM   335  C CD2 . LEU A 1 40  ? -2.967  -4.706  3.590   1.00 29.25 ? 40  LEU X CD2 1 
ATOM   336  N N   . VAL A 1 41  ? -2.873  -7.477  -0.490  1.00 20.83 ? 41  VAL X N   1 
ATOM   337  C CA  . VAL A 1 41  ? -2.229  -8.024  -1.675  1.00 24.43 ? 41  VAL X CA  1 
ATOM   338  C C   . VAL A 1 41  ? -0.979  -7.208  -1.975  1.00 28.95 ? 41  VAL X C   1 
ATOM   339  O O   . VAL A 1 41  ? -1.053  -5.990  -2.113  1.00 22.56 ? 41  VAL X O   1 
ATOM   340  C CB  . VAL A 1 41  ? -3.164  -8.002  -2.891  1.00 24.15 ? 41  VAL X CB  1 
ATOM   341  C CG1 . VAL A 1 41  ? -2.431  -8.464  -4.145  1.00 24.30 ? 41  VAL X CG1 1 
ATOM   342  C CG2 . VAL A 1 41  ? -4.374  -8.874  -2.622  1.00 27.00 ? 41  VAL X CG2 1 
ATOM   343  N N   . MET A 1 42  ? 0.167   -7.870  -2.072  1.00 20.21 ? 42  MET X N   1 
ATOM   344  C CA  . MET A 1 42  ? 1.402   -7.146  -2.373  1.00 19.79 ? 42  MET X CA  1 
ATOM   345  C C   . MET A 1 42  ? 2.275   -7.862  -3.411  1.00 24.08 ? 42  MET X C   1 
ATOM   346  O O   . MET A 1 42  ? 2.210   -9.087  -3.568  1.00 19.65 ? 42  MET X O   1 
ATOM   347  C CB  . MET A 1 42  ? 2.177   -6.903  -1.073  1.00 30.16 ? 42  MET X CB  1 
ATOM   348  C CG  . MET A 1 42  ? 2.702   -8.157  -0.395  1.00 27.09 ? 42  MET X CG  1 
ATOM   349  S SD  . MET A 1 42  ? 3.114   -7.876  1.340   1.00 32.91 ? 42  MET X SD  1 
ATOM   350  C CE  . MET A 1 42  ? 1.494   -8.038  2.096   1.00 27.99 ? 42  MET X CE  1 
ATOM   351  N N   . GLY A 1 43  ? 3.082   -7.099  -4.145  1.00 18.32 ? 43  GLY X N   1 
ATOM   352  C CA  . GLY A 1 43  ? 4.021   -7.720  -5.063  1.00 21.33 ? 43  GLY X CA  1 
ATOM   353  C C   . GLY A 1 43  ? 5.134   -8.406  -4.294  1.00 18.12 ? 43  GLY X C   1 
ATOM   354  O O   . GLY A 1 43  ? 5.311   -8.180  -3.097  1.00 20.45 ? 43  GLY X O   1 
ATOM   355  N N   . ARG A 1 44  ? 5.903   -9.236  -4.994  1.00 19.35 ? 44  ARG X N   1 
ATOM   356  C CA  . ARG A 1 44  ? 6.926   -10.044 -4.358  1.00 21.08 ? 44  ARG X CA  1 
ATOM   357  C C   . ARG A 1 44  ? 8.002   -9.202  -3.655  1.00 19.73 ? 44  ARG X C   1 
ATOM   358  O O   . ARG A 1 44  ? 8.435   -9.531  -2.559  1.00 17.95 ? 44  ARG X O   1 
ATOM   359  C CB  . ARG A 1 44  ? 7.561   -10.964 -5.403  1.00 20.08 ? 44  ARG X CB  1 
ATOM   360  C CG  . ARG A 1 44  ? 8.518   -11.995 -4.844  1.00 22.05 ? 44  ARG X CG  1 
ATOM   361  C CD  . ARG A 1 44  ? 9.957   -11.502 -4.991  1.00 22.04 ? 44  ARG X CD  1 
ATOM   362  N NE  . ARG A 1 44  ? 10.339  -11.235 -6.375  1.00 23.03 ? 44  ARG X NE  1 
ATOM   363  C CZ  . ARG A 1 44  ? 11.456  -10.597 -6.733  1.00 23.21 ? 44  ARG X CZ  1 
ATOM   364  N NH1 . ARG A 1 44  ? 12.298  -10.160 -5.809  1.00 23.55 ? 44  ARG X NH1 1 
ATOM   365  N NH2 . ARG A 1 44  ? 11.721  -10.385 -8.008  1.00 22.04 ? 44  ARG X NH2 1 
ATOM   366  N N   . LYS A 1 45  ? 8.436   -8.106  -4.277  1.00 20.79 ? 45  LYS X N   1 
ATOM   367  C CA  . LYS A 1 45  ? 9.517   -7.326  -3.684  1.00 19.64 ? 45  LYS X CA  1 
ATOM   368  C C   . LYS A 1 45  ? 9.066   -6.671  -2.389  1.00 20.90 ? 45  LYS X C   1 
ATOM   369  O O   . LYS A 1 45  ? 9.812   -6.635  -1.408  1.00 19.37 ? 45  LYS X O   1 
ATOM   370  C CB  . LYS A 1 45  ? 10.046  -6.273  -4.676  1.00 19.72 ? 45  LYS X CB  1 
ATOM   371  C CG  . LYS A 1 45  ? 10.651  -6.872  -5.937  1.00 21.50 ? 45  LYS X CG  1 
ATOM   372  C CD  . LYS A 1 45  ? 11.288  -5.790  -6.795  1.00 27.28 ? 45  LYS X CD  1 
ATOM   373  C CE  . LYS A 1 45  ? 11.915  -6.342  -8.056  1.00 31.71 ? 45  LYS X CE  1 
ATOM   374  N NZ  . LYS A 1 45  ? 12.575  -5.240  -8.817  1.00 32.35 ? 45  LYS X NZ  1 
ATOM   375  N N   . THR A 1 46  ? 7.843   -6.152  -2.388  1.00 20.12 ? 46  THR X N   1 
ATOM   376  C CA  . THR A 1 46  ? 7.295   -5.553  -1.191  1.00 20.12 ? 46  THR X CA  1 
ATOM   377  C C   . THR A 1 46  ? 7.225   -6.588  -0.082  1.00 23.20 ? 46  THR X C   1 
ATOM   378  O O   . THR A 1 46  ? 7.588   -6.309  1.073   1.00 23.17 ? 46  THR X O   1 
ATOM   379  C CB  . THR A 1 46  ? 5.889   -4.968  -1.439  1.00 21.07 ? 46  THR X CB  1 
ATOM   380  O OG1 . THR A 1 46  ? 6.018   -3.818  -2.290  1.00 21.26 ? 46  THR X OG1 1 
ATOM   381  C CG2 . THR A 1 46  ? 5.246   -4.558  -0.115  1.00 21.96 ? 46  THR X CG2 1 
ATOM   382  N N   . PHE A 1 47  ? 6.784   -7.792  -0.436  1.00 18.53 ? 47  PHE X N   1 
ATOM   383  C CA  . PHE A 1 47  ? 6.702   -8.818  0.584   1.00 22.91 ? 47  PHE X CA  1 
ATOM   384  C C   . PHE A 1 47  ? 8.069   -9.135  1.179   1.00 22.57 ? 47  PHE X C   1 
ATOM   385  O O   . PHE A 1 47  ? 8.216   -9.254  2.405   1.00 24.43 ? 47  PHE X O   1 
ATOM   386  C CB  . PHE A 1 47  ? 6.093   -10.116 0.077   1.00 19.06 ? 47  PHE X CB  1 
ATOM   387  C CG  . PHE A 1 47  ? 6.177   -11.201 1.110   1.00 27.74 ? 47  PHE X CG  1 
ATOM   388  C CD1 . PHE A 1 47  ? 5.388   -11.135 2.247   1.00 29.94 ? 47  PHE X CD1 1 
ATOM   389  C CD2 . PHE A 1 47  ? 7.112   -12.215 1.008   1.00 32.23 ? 47  PHE X CD2 1 
ATOM   390  C CE1 . PHE A 1 47  ? 5.484   -12.103 3.236   1.00 34.32 ? 47  PHE X CE1 1 
ATOM   391  C CE2 . PHE A 1 47  ? 7.210   -13.186 1.991   1.00 31.04 ? 47  PHE X CE2 1 
ATOM   392  C CZ  . PHE A 1 47  ? 6.401   -13.123 3.109   1.00 31.61 ? 47  PHE X CZ  1 
ATOM   393  N N   . GLU A 1 48  ? 9.083   -9.265  0.335   1.00 22.61 ? 48  GLU X N   1 
ATOM   394  C CA  A GLU A 1 48  ? 10.409  -9.661  0.813   0.54 29.42 ? 48  GLU X CA  1 
ATOM   395  C CA  B GLU A 1 48  ? 10.382  -9.666  0.858   0.46 29.43 ? 48  GLU X CA  1 
ATOM   396  C C   . GLU A 1 48  ? 11.038  -8.578  1.683   1.00 29.40 ? 48  GLU X C   1 
ATOM   397  O O   . GLU A 1 48  ? 11.849  -8.869  2.556   1.00 33.70 ? 48  GLU X O   1 
ATOM   398  C CB  A GLU A 1 48  ? 11.335  -10.005 -0.359  0.54 29.18 ? 48  GLU X CB  1 
ATOM   399  C CB  B GLU A 1 48  ? 11.294  -10.109 -0.275  0.46 29.18 ? 48  GLU X CB  1 
ATOM   400  C CG  A GLU A 1 48  ? 10.922  -11.248 -1.145  0.54 30.88 ? 48  GLU X CG  1 
ATOM   401  C CG  B GLU A 1 48  ? 10.827  -11.414 -0.846  0.46 31.46 ? 48  GLU X CG  1 
ATOM   402  C CD  A GLU A 1 48  ? 10.925  -12.517 -0.303  0.54 38.49 ? 48  GLU X CD  1 
ATOM   403  C CD  B GLU A 1 48  ? 11.421  -11.705 -2.178  0.46 38.49 ? 48  GLU X CD  1 
ATOM   404  O OE1 A GLU A 1 48  ? 11.795  -12.649 0.585   0.54 42.23 ? 48  GLU X OE1 1 
ATOM   405  O OE1 B GLU A 1 48  ? 11.898  -10.757 -2.834  0.46 42.23 ? 48  GLU X OE1 1 
ATOM   406  O OE2 A GLU A 1 48  ? 10.054  -13.385 -0.531  0.54 39.04 ? 48  GLU X OE2 1 
ATOM   407  O OE2 B GLU A 1 48  ? 11.395  -12.882 -2.585  0.46 41.58 ? 48  GLU X OE2 1 
ATOM   408  N N   A SER A 1 49  ? 10.641  -7.332  1.463   0.47 26.76 ? 49  SER X N   1 
ATOM   409  N N   B SER A 1 49  ? 10.665  -7.328  1.439   0.53 26.73 ? 49  SER X N   1 
ATOM   410  C CA  A SER A 1 49  ? 11.172  -6.230  2.251   0.47 31.04 ? 49  SER X CA  1 
ATOM   411  C CA  B SER A 1 49  ? 11.180  -6.235  2.251   0.53 31.04 ? 49  SER X CA  1 
ATOM   412  C C   A SER A 1 49  ? 10.559  -6.196  3.643   0.47 33.77 ? 49  SER X C   1 
ATOM   413  C C   B SER A 1 49  ? 10.593  -6.285  3.653   0.53 33.77 ? 49  SER X C   1 
ATOM   414  O O   A SER A 1 49  ? 11.186  -5.736  4.598   0.47 34.64 ? 49  SER X O   1 
ATOM   415  O O   B SER A 1 49  ? 11.272  -5.967  4.630   0.53 34.83 ? 49  SER X O   1 
ATOM   416  C CB  A SER A 1 49  ? 10.927  -4.908  1.539   0.47 31.83 ? 49  SER X CB  1 
ATOM   417  C CB  B SER A 1 49  ? 10.869  -4.887  1.610   0.53 31.85 ? 49  SER X CB  1 
ATOM   418  O OG  A SER A 1 49  ? 11.584  -4.895  0.286   0.47 29.73 ? 49  SER X OG  1 
ATOM   419  O OG  B SER A 1 49  ? 9.473   -4.663  1.556   0.53 34.57 ? 49  SER X OG  1 
ATOM   420  N N   . ILE A 1 50  ? 9.325   -6.669  3.750   1.00 33.30 ? 50  ILE X N   1 
ATOM   421  C CA  . ILE A 1 50  ? 8.679   -6.798  5.049   1.00 33.90 ? 50  ILE X CA  1 
ATOM   422  C C   . ILE A 1 50  ? 9.288   -8.023  5.730   1.00 38.76 ? 50  ILE X C   1 
ATOM   423  O O   . ILE A 1 50  ? 9.613   -7.992  6.914   1.00 43.95 ? 50  ILE X O   1 
ATOM   424  C CB  . ILE A 1 50  ? 7.147   -6.943  4.928   1.00 31.22 ? 50  ILE X CB  1 
ATOM   425  C CG1 . ILE A 1 50  ? 6.548   -5.722  4.231   1.00 33.40 ? 50  ILE X CG1 1 
ATOM   426  C CG2 . ILE A 1 50  ? 6.521   -7.125  6.295   1.00 38.82 ? 50  ILE X CG2 1 
ATOM   427  C CD1 . ILE A 1 50  ? 5.084   -5.907  3.854   1.00 32.43 ? 50  ILE X CD1 1 
ATOM   428  N N   . GLY A 1 51  ? 9.453   -9.095  4.956   1.00 32.32 ? 51  GLY X N   1 
ATOM   429  C CA  . GLY A 1 51  ? 10.165  -10.280 5.414   1.00 37.39 ? 51  GLY X CA  1 
ATOM   430  C C   . GLY A 1 51  ? 9.267   -11.378 5.963   1.00 51.49 ? 51  GLY X C   1 
ATOM   431  O O   . GLY A 1 51  ? 9.570   -12.567 5.835   1.00 50.01 ? 51  GLY X O   1 
ATOM   432  N N   . LYS A 1 52  ? 8.157   -10.977 6.576   1.00 34.10 ? 52  LYS X N   1 
ATOM   433  C CA  . LYS A 1 52  ? 7.227   -11.917 7.194   1.00 45.30 ? 52  LYS X CA  1 
ATOM   434  C C   . LYS A 1 52  ? 5.807   -11.412 6.987   1.00 36.64 ? 52  LYS X C   1 
ATOM   435  O O   . LYS A 1 52  ? 5.606   -10.218 6.792   1.00 40.80 ? 52  LYS X O   1 
ATOM   436  C CB  . LYS A 1 52  ? 7.536   -12.078 8.687   0.81 43.16 ? 52  LYS X CB  1 
ATOM   437  C CG  . LYS A 1 52  ? 7.402   -10.793 9.495   1.00 46.89 ? 52  LYS X CG  1 
ATOM   438  C CD  . LYS A 1 52  ? 7.741   -11.031 10.959  1.00 57.50 ? 52  LYS X CD  1 
ATOM   439  C CE  . LYS A 1 52  ? 6.704   -11.916 11.636  1.00 65.55 ? 52  LYS X CE  1 
ATOM   440  N NZ  . LYS A 1 52  ? 7.054   -12.179 13.061  0.84 55.57 ? 52  LYS X NZ  1 
ATOM   441  N N   . PRO A 1 53  ? 4.816   -12.310 7.023   1.00 33.89 ? 53  PRO X N   1 
ATOM   442  C CA  . PRO A 1 53  ? 3.457   -11.790 6.838   1.00 36.25 ? 53  PRO X CA  1 
ATOM   443  C C   . PRO A 1 53  ? 3.049   -10.897 8.012   1.00 33.95 ? 53  PRO X C   1 
ATOM   444  O O   . PRO A 1 53  ? 3.590   -11.028 9.112   1.00 37.81 ? 53  PRO X O   1 
ATOM   445  C CB  . PRO A 1 53  ? 2.593   -13.059 6.755   1.00 41.21 ? 53  PRO X CB  1 
ATOM   446  C CG  . PRO A 1 53  ? 3.392   -14.113 7.455   1.00 38.92 ? 53  PRO X CG  1 
ATOM   447  C CD  . PRO A 1 53  ? 4.840   -13.772 7.218   1.00 39.31 ? 53  PRO X CD  1 
ATOM   448  N N   . LEU A 1 54  ? 2.139   -9.964  7.761   1.00 35.74 ? 54  LEU X N   1 
ATOM   449  C CA  . LEU A 1 54  ? 1.646   -9.079  8.807   1.00 29.55 ? 54  LEU X CA  1 
ATOM   450  C C   . LEU A 1 54  ? 0.557   -9.814  9.581   1.00 29.18 ? 54  LEU X C   1 
ATOM   451  O O   . LEU A 1 54  ? -0.297  -10.471 8.977   1.00 34.98 ? 54  LEU X O   1 
ATOM   452  C CB  . LEU A 1 54  ? 1.109   -7.774  8.213   1.00 32.74 ? 54  LEU X CB  1 
ATOM   453  C CG  . LEU A 1 54  ? 2.122   -6.986  7.364   1.00 32.86 ? 54  LEU X CG  1 
ATOM   454  C CD1 . LEU A 1 54  ? 1.578   -5.605  6.984   1.00 44.12 ? 54  LEU X CD1 1 
ATOM   455  C CD2 . LEU A 1 54  ? 3.437   -6.848  8.095   1.00 30.41 ? 54  LEU X CD2 1 
ATOM   456  N N   . PRO A 1 55  ? 0.604   -9.728  10.919  1.00 36.89 ? 55  PRO X N   1 
ATOM   457  C CA  . PRO A 1 55  ? -0.317  -10.463 11.796  1.00 33.27 ? 55  PRO X CA  1 
ATOM   458  C C   . PRO A 1 55  ? -1.767  -10.026 11.651  1.00 43.31 ? 55  PRO X C   1 
ATOM   459  O O   . PRO A 1 55  ? -2.036  -8.846  11.387  1.00 31.59 ? 55  PRO X O   1 
ATOM   460  C CB  . PRO A 1 55  ? 0.196   -10.132 13.204  1.00 36.88 ? 55  PRO X CB  1 
ATOM   461  C CG  . PRO A 1 55  ? 1.613   -9.733  13.011  1.00 50.37 ? 55  PRO X CG  1 
ATOM   462  C CD  . PRO A 1 55  ? 1.644   -9.024  11.686  1.00 39.31 ? 55  PRO X CD  1 
ATOM   463  N N   . ASN A 1 56  ? -2.672  -10.993 11.812  1.00 37.14 ? 56  ASN X N   1 
ATOM   464  C CA  . ASN A 1 56  ? -4.104  -10.746 11.983  1.00 40.19 ? 56  ASN X CA  1 
ATOM   465  C C   . ASN A 1 56  ? -4.804  -10.233 10.738  1.00 46.49 ? 56  ASN X C   1 
ATOM   466  O O   . ASN A 1 56  ? -5.742  -9.437  10.824  1.00 40.17 ? 56  ASN X O   1 
ATOM   467  C CB  . ASN A 1 56  ? -4.334  -9.776  13.139  1.00 40.32 ? 56  ASN X CB  1 
ATOM   468  C CG  . ASN A 1 56  ? -3.695  -10.254 14.427  1.00 38.21 ? 56  ASN X CG  1 
ATOM   469  O OD1 . ASN A 1 56  ? -3.099  -9.474  15.168  1.00 42.29 ? 56  ASN X OD1 1 
ATOM   470  N ND2 . ASN A 1 56  ? -3.792  -11.553 14.682  1.00 42.11 ? 56  ASN X ND2 1 
ATOM   471  N N   . ARG A 1 57  ? -4.346  -10.704 9.583   1.00 38.67 ? 57  ARG X N   1 
ATOM   472  C CA  . ARG A 1 57  ? -4.998  -10.409 8.319   1.00 34.74 ? 57  ARG X CA  1 
ATOM   473  C C   . ARG A 1 57  ? -4.488  -11.385 7.280   1.00 36.29 ? 57  ARG X C   1 
ATOM   474  O O   . ARG A 1 57  ? -3.432  -12.003 7.465   1.00 33.98 ? 57  ARG X O   1 
ATOM   475  C CB  . ARG A 1 57  ? -4.732  -8.966  7.887   1.00 32.85 ? 57  ARG X CB  1 
ATOM   476  C CG  . ARG A 1 57  ? -3.345  -8.731  7.362   1.00 29.81 ? 57  ARG X CG  1 
ATOM   477  C CD  . ARG A 1 57  ? -2.894  -7.335  7.703   1.00 35.11 ? 57  ARG X CD  1 
ATOM   478  N NE  . ARG A 1 57  ? -2.498  -7.212  9.103   1.00 37.60 ? 57  ARG X NE  1 
ATOM   479  C CZ  . ARG A 1 57  ? -1.830  -6.171  9.597   1.00 41.71 ? 57  ARG X CZ  1 
ATOM   480  N NH1 . ARG A 1 57  ? -1.494  -5.157  8.807   1.00 36.94 ? 57  ARG X NH1 1 
ATOM   481  N NH2 . ARG A 1 57  ? -1.496  -6.136  10.883  1.00 41.36 ? 57  ARG X NH2 1 
ATOM   482  N N   . ARG A 1 58  ? -5.237  -11.539 6.192   1.00 28.77 ? 58  ARG X N   1 
ATOM   483  C CA  . ARG A 1 58  ? -4.790  -12.402 5.112   1.00 28.78 ? 58  ARG X CA  1 
ATOM   484  C C   . ARG A 1 58  ? -3.701  -11.701 4.295   1.00 38.69 ? 58  ARG X C   1 
ATOM   485  O O   . ARG A 1 58  ? -3.894  -10.565 3.830   1.00 27.90 ? 58  ARG X O   1 
ATOM   486  C CB  . ARG A 1 58  ? -5.948  -12.794 4.210   1.00 26.06 ? 58  ARG X CB  1 
ATOM   487  C CG  . ARG A 1 58  ? -5.594  -13.829 3.179   1.00 28.59 ? 58  ARG X CG  1 
ATOM   488  C CD  . ARG A 1 58  ? -6.761  -14.103 2.246   1.00 32.97 ? 58  ARG X CD  1 
ATOM   489  N NE  . ARG A 1 58  ? -6.479  -15.247 1.387   1.00 29.66 ? 58  ARG X NE  1 
ATOM   490  C CZ  . ARG A 1 58  ? -7.307  -15.722 0.461   1.00 35.88 ? 58  ARG X CZ  1 
ATOM   491  N NH1 . ARG A 1 58  ? -8.482  -15.154 0.256   1.00 37.48 ? 58  ARG X NH1 1 
ATOM   492  N NH2 . ARG A 1 58  ? -6.956  -16.774 -0.264  1.00 43.65 ? 58  ARG X NH2 1 
ATOM   493  N N   . ASN A 1 59  ? -2.565  -12.380 4.135   1.00 31.60 ? 59  ASN X N   1 
ATOM   494  C CA  . ASN A 1 59  ? -1.459  -11.889 3.314   1.00 31.34 ? 59  ASN X CA  1 
ATOM   495  C C   . ASN A 1 59  ? -1.395  -12.635 1.994   1.00 31.13 ? 59  ASN X C   1 
ATOM   496  O O   . ASN A 1 59  ? -1.195  -13.854 1.970   1.00 32.60 ? 59  ASN X O   1 
ATOM   497  C CB  . ASN A 1 59  ? -0.131  -12.047 4.040   1.00 27.81 ? 59  ASN X CB  1 
ATOM   498  C CG  . ASN A 1 59  ? -0.020  -11.175 5.265   1.00 34.42 ? 59  ASN X CG  1 
ATOM   499  O OD1 . ASN A 1 59  ? 0.774   -10.239 5.292   1.00 33.04 ? 59  ASN X OD1 1 
ATOM   500  N ND2 . ASN A 1 59  ? -0.794  -11.487 6.298   1.00 33.49 ? 59  ASN X ND2 1 
ATOM   501  N N   . VAL A 1 60  ? -1.556  -11.903 0.896   1.00 24.84 ? 60  VAL X N   1 
ATOM   502  C CA  . VAL A 1 60  ? -1.525  -12.489 -0.436  1.00 22.46 ? 60  VAL X CA  1 
ATOM   503  C C   . VAL A 1 60  ? -0.381  -11.875 -1.246  1.00 29.70 ? 60  VAL X C   1 
ATOM   504  O O   . VAL A 1 60  ? -0.288  -10.656 -1.352  1.00 22.85 ? 60  VAL X O   1 
ATOM   505  C CB  . VAL A 1 60  ? -2.839  -12.261 -1.156  1.00 22.26 ? 60  VAL X CB  1 
ATOM   506  C CG1 . VAL A 1 60  ? -2.780  -12.779 -2.572  1.00 26.16 ? 60  VAL X CG1 1 
ATOM   507  C CG2 . VAL A 1 60  ? -3.980  -12.915 -0.373  1.00 27.46 ? 60  VAL X CG2 1 
ATOM   508  N N   . VAL A 1 61  ? 0.486   -12.709 -1.809  1.00 28.79 ? 61  VAL X N   1 
ATOM   509  C CA  . VAL A 1 61  ? 1.644   -12.196 -2.538  1.00 24.12 ? 61  VAL X CA  1 
ATOM   510  C C   . VAL A 1 61  ? 1.559   -12.547 -4.017  1.00 27.34 ? 61  VAL X C   1 
ATOM   511  O O   . VAL A 1 61  ? 1.335   -13.704 -4.390  1.00 27.58 ? 61  VAL X O   1 
ATOM   512  C CB  . VAL A 1 61  ? 2.971   -12.731 -1.941  1.00 26.36 ? 61  VAL X CB  1 
ATOM   513  C CG1 . VAL A 1 61  ? 4.140   -12.388 -2.848  1.00 23.55 ? 61  VAL X CG1 1 
ATOM   514  C CG2 . VAL A 1 61  ? 3.190   -12.158 -0.543  1.00 26.97 ? 61  VAL X CG2 1 
ATOM   515  N N   . LEU A 1 62  ? 1.703   -11.533 -4.866  1.00 21.67 ? 62  LEU X N   1 
ATOM   516  C CA  . LEU A 1 62  ? 1.682   -11.747 -6.306  1.00 20.15 ? 62  LEU X CA  1 
ATOM   517  C C   . LEU A 1 62  ? 3.104   -11.935 -6.822  1.00 25.28 ? 62  LEU X C   1 
ATOM   518  O O   . LEU A 1 62  ? 3.959   -11.065 -6.633  1.00 22.67 ? 62  LEU X O   1 
ATOM   519  C CB  . LEU A 1 62  ? 0.997   -10.572 -7.023  1.00 23.06 ? 62  LEU X CB  1 
ATOM   520  C CG  . LEU A 1 62  ? 1.007   -10.584 -8.552  1.00 26.18 ? 62  LEU X CG  1 
ATOM   521  C CD1 . LEU A 1 62  ? 0.270   -11.795 -9.126  1.00 27.33 ? 62  LEU X CD1 1 
ATOM   522  C CD2 . LEU A 1 62  ? 0.398   -9.299  -9.060  1.00 23.08 ? 62  LEU X CD2 1 
ATOM   523  N N   . THR A 1 63  ? 3.356   -13.075 -7.467  1.00 25.37 ? 63  THR X N   1 
ATOM   524  C CA  . THR A 1 63  ? 4.692   -13.403 -7.972  1.00 21.00 ? 63  THR X CA  1 
ATOM   525  C C   . THR A 1 63  ? 4.566   -14.365 -9.142  1.00 24.32 ? 63  THR X C   1 
ATOM   526  O O   . THR A 1 63  ? 3.592   -15.117 -9.221  1.00 27.77 ? 63  THR X O   1 
ATOM   527  C CB  . THR A 1 63  ? 5.599   -14.041 -6.869  1.00 23.47 ? 63  THR X CB  1 
ATOM   528  O OG1 . THR A 1 63  ? 6.850   -14.442 -7.446  1.00 24.29 ? 63  THR X OG1 1 
ATOM   529  C CG2 . THR A 1 63  ? 4.935   -15.262 -6.257  1.00 21.01 ? 63  THR X CG2 1 
ATOM   530  N N   . SER A 1 64  ? 5.525   -14.326 -10.062 1.00 22.36 ? 64  SER X N   1 
ATOM   531  C CA  . SER A 1 64  ? 5.588   -15.337 -11.118 1.00 26.62 ? 64  SER X CA  1 
ATOM   532  C C   . SER A 1 64  ? 6.320   -16.600 -10.644 1.00 27.46 ? 64  SER X C   1 
ATOM   533  O O   . SER A 1 64  ? 6.376   -17.590 -11.358 1.00 29.74 ? 64  SER X O   1 
ATOM   534  C CB  . SER A 1 64  ? 6.273   -14.778 -12.364 1.00 22.97 ? 64  SER X CB  1 
ATOM   535  O OG  . SER A 1 64  ? 7.660   -14.576 -12.140 1.00 25.07 ? 64  SER X OG  1 
ATOM   536  N N   . ASP A 1 65  ? 6.874   -16.558 -9.435  1.00 26.12 ? 65  ASP X N   1 
ATOM   537  C CA  . ASP A 1 65  ? 7.671   -17.672 -8.903  1.00 27.90 ? 65  ASP X CA  1 
ATOM   538  C C   . ASP A 1 65  ? 6.800   -18.872 -8.494  1.00 23.09 ? 65  ASP X C   1 
ATOM   539  O O   . ASP A 1 65  ? 6.103   -18.830 -7.482  1.00 25.57 ? 65  ASP X O   1 
ATOM   540  C CB  . ASP A 1 65  ? 8.510   -17.175 -7.706  1.00 24.92 ? 65  ASP X CB  1 
ATOM   541  C CG  . ASP A 1 65  ? 9.477   -18.231 -7.170  1.00 34.66 ? 65  ASP X CG  1 
ATOM   542  O OD1 . ASP A 1 65  ? 9.602   -19.306 -7.792  1.00 27.48 ? 65  ASP X OD1 1 
ATOM   543  O OD2 . ASP A 1 65  ? 10.120  -17.968 -6.125  1.00 34.16 ? 65  ASP X OD2 1 
ATOM   544  N N   . THR A 1 66  ? 6.863   -19.949 -9.270  1.00 34.14 ? 66  THR X N   1 
ATOM   545  C CA  . THR A 1 66  ? 6.056   -21.138 -8.986  1.00 33.85 ? 66  THR X CA  1 
ATOM   546  C C   . THR A 1 66  ? 6.574   -21.885 -7.756  1.00 35.36 ? 66  THR X C   1 
ATOM   547  O O   . THR A 1 66  ? 5.897   -22.755 -7.206  1.00 35.28 ? 66  THR X O   1 
ATOM   548  C CB  . THR A 1 66  ? 6.019   -22.094 -10.196 1.00 37.00 ? 66  THR X CB  1 
ATOM   549  O OG1 . THR A 1 66  ? 7.344   -22.556 -10.482 1.00 37.54 ? 66  THR X OG1 1 
ATOM   550  C CG2 . THR A 1 66  ? 5.468   -21.376 -11.429 1.00 41.47 ? 66  THR X CG2 1 
ATOM   551  N N   . SER A 1 67  ? 7.773   -21.530 -7.313  1.00 25.25 ? 67  SER X N   1 
ATOM   552  C CA  . SER A 1 67  ? 8.333   -22.110 -6.096  1.00 23.71 ? 67  SER X CA  1 
ATOM   553  C C   . SER A 1 67  ? 7.935   -21.362 -4.827  1.00 31.08 ? 67  SER X C   1 
ATOM   554  O O   . SER A 1 67  ? 8.262   -21.793 -3.723  1.00 27.01 ? 67  SER X O   1 
ATOM   555  C CB  . SER A 1 67  ? 9.863   -22.151 -6.197  1.00 29.20 ? 67  SER X CB  1 
ATOM   556  O OG  . SER A 1 67  ? 10.273  -23.245 -6.981  1.00 28.90 ? 67  SER X OG  1 
ATOM   557  N N   . PHE A 1 68  ? 7.257   -20.227 -4.970  1.00 26.08 ? 68  PHE X N   1 
ATOM   558  C CA  . PHE A 1 68  ? 6.915   -19.435 -3.797  1.00 25.47 ? 68  PHE X CA  1 
ATOM   559  C C   . PHE A 1 68  ? 5.915   -20.184 -2.935  1.00 25.90 ? 68  PHE X C   1 
ATOM   560  O O   . PHE A 1 68  ? 4.821   -20.521 -3.372  1.00 34.36 ? 68  PHE X O   1 
ATOM   561  C CB  . PHE A 1 68  ? 6.342   -18.062 -4.204  1.00 26.81 ? 68  PHE X CB  1 
ATOM   562  C CG  . PHE A 1 68  ? 6.264   -17.067 -3.071  1.00 29.27 ? 68  PHE X CG  1 
ATOM   563  C CD1 . PHE A 1 68  ? 5.236   -17.118 -2.152  1.00 28.07 ? 68  PHE X CD1 1 
ATOM   564  C CD2 . PHE A 1 68  ? 7.213   -16.069 -2.943  1.00 27.14 ? 68  PHE X CD2 1 
ATOM   565  C CE1 . PHE A 1 68  ? 5.145   -16.197 -1.120  1.00 27.85 ? 68  PHE X CE1 1 
ATOM   566  C CE2 . PHE A 1 68  ? 7.134   -15.146 -1.914  1.00 32.02 ? 68  PHE X CE2 1 
ATOM   567  C CZ  . PHE A 1 68  ? 6.102   -15.210 -1.003  1.00 30.99 ? 68  PHE X CZ  1 
ATOM   568  N N   . ASN A 1 69  ? 6.300   -20.448 -1.702  1.00 29.31 ? 69  ASN X N   1 
ATOM   569  C CA  A ASN A 1 69  ? 5.391   -21.057 -0.748  0.35 36.38 ? 69  ASN X CA  1 
ATOM   570  C CA  B ASN A 1 69  ? 5.397   -21.074 -0.742  0.65 36.47 ? 69  ASN X CA  1 
ATOM   571  C C   . ASN A 1 69  ? 5.839   -20.729 0.664   1.00 39.13 ? 69  ASN X C   1 
ATOM   572  O O   . ASN A 1 69  ? 6.685   -21.416 1.235   1.00 39.12 ? 69  ASN X O   1 
ATOM   573  C CB  A ASN A 1 69  ? 5.312   -22.569 -0.956  0.35 35.15 ? 69  ASN X CB  1 
ATOM   574  C CB  B ASN A 1 69  ? 5.356   -22.593 -0.924  0.65 35.15 ? 69  ASN X CB  1 
ATOM   575  C CG  A ASN A 1 69  ? 4.198   -23.204 -0.155  0.35 39.57 ? 69  ASN X CG  1 
ATOM   576  C CG  B ASN A 1 69  ? 4.271   -23.257 -0.083  0.65 39.73 ? 69  ASN X CG  1 
ATOM   577  O OD1 A ASN A 1 69  ? 3.019   -23.077 -0.498  0.35 37.51 ? 69  ASN X OD1 1 
ATOM   578  O OD1 B ASN A 1 69  ? 3.652   -22.621 0.781   0.65 35.14 ? 69  ASN X OD1 1 
ATOM   579  N ND2 A ASN A 1 69  ? 4.564   -23.895 0.921   0.35 37.91 ? 69  ASN X ND2 1 
ATOM   580  N ND2 B ASN A 1 69  ? 4.047   -24.547 -0.322  0.65 31.59 ? 69  ASN X ND2 1 
ATOM   581  N N   . VAL A 1 70  ? 5.263   -19.668 1.212   1.00 32.05 ? 70  VAL X N   1 
ATOM   582  C CA  . VAL A 1 70  ? 5.678   -19.154 2.500   1.00 29.87 ? 70  VAL X CA  1 
ATOM   583  C C   . VAL A 1 70  ? 4.572   -19.381 3.522   1.00 38.82 ? 70  VAL X C   1 
ATOM   584  O O   . VAL A 1 70  ? 3.387   -19.227 3.213   1.00 36.10 ? 70  VAL X O   1 
ATOM   585  C CB  . VAL A 1 70  ? 6.044   -17.651 2.396   1.00 37.13 ? 70  VAL X CB  1 
ATOM   586  C CG1 . VAL A 1 70  ? 6.415   -17.077 3.759   1.00 29.72 ? 70  VAL X CG1 1 
ATOM   587  C CG2 . VAL A 1 70  ? 7.190   -17.465 1.406   1.00 27.80 ? 70  VAL X CG2 1 
ATOM   588  N N   . GLU A 1 71  ? 4.958   -19.781 4.729   1.00 37.15 ? 71  GLU X N   1 
ATOM   589  C CA  . GLU A 1 71  ? 3.971   -20.091 5.744   1.00 41.56 ? 71  GLU X CA  1 
ATOM   590  C C   . GLU A 1 71  ? 3.260   -18.814 6.172   1.00 37.66 ? 71  GLU X C   1 
ATOM   591  O O   . GLU A 1 71  ? 3.903   -17.812 6.518   1.00 35.92 ? 71  GLU X O   1 
ATOM   592  C CB  . GLU A 1 71  ? 4.607   -20.778 6.950   1.00 49.60 ? 71  GLU X CB  1 
ATOM   593  C CG  . GLU A 1 71  ? 3.585   -21.490 7.830   1.00 54.23 ? 71  GLU X CG  1 
ATOM   594  C CD  . GLU A 1 71  ? 4.053   -21.654 9.265   1.00 76.04 ? 71  GLU X CD  1 
ATOM   595  O OE1 . GLU A 1 71  ? 5.280   -21.591 9.506   1.00 79.36 ? 71  GLU X OE1 1 
ATOM   596  O OE2 . GLU A 1 71  ? 3.192   -21.843 10.153  1.00 72.62 ? 71  GLU X OE2 1 
ATOM   597  N N   . GLY A 1 72  ? 1.933   -18.853 6.116   1.00 39.28 ? 72  GLY X N   1 
ATOM   598  C CA  . GLY A 1 72  ? 1.116   -17.728 6.533   1.00 43.36 ? 72  GLY X CA  1 
ATOM   599  C C   . GLY A 1 72  ? 0.824   -16.782 5.388   1.00 41.79 ? 72  GLY X C   1 
ATOM   600  O O   . GLY A 1 72  ? 0.283   -15.692 5.588   1.00 37.67 ? 72  GLY X O   1 
ATOM   601  N N   . VAL A 1 73  ? 1.182   -17.210 4.182   1.00 35.23 ? 73  VAL X N   1 
ATOM   602  C CA  . VAL A 1 73  ? 1.027   -16.390 2.994   1.00 32.60 ? 73  VAL X CA  1 
ATOM   603  C C   . VAL A 1 73  ? 0.349   -17.186 1.902   1.00 36.70 ? 73  VAL X C   1 
ATOM   604  O O   . VAL A 1 73  ? 0.701   -18.337 1.650   1.00 31.75 ? 73  VAL X O   1 
ATOM   605  C CB  . VAL A 1 73  ? 2.402   -15.870 2.487   1.00 33.46 ? 73  VAL X CB  1 
ATOM   606  C CG1 . VAL A 1 73  ? 2.265   -15.222 1.118   1.00 30.91 ? 73  VAL X CG1 1 
ATOM   607  C CG2 . VAL A 1 73  ? 3.010   -14.916 3.493   1.00 36.14 ? 73  VAL X CG2 1 
ATOM   608  N N   . ASP A 1 74  ? -0.637  -16.583 1.258   1.00 25.77 ? 74  ASP X N   1 
ATOM   609  C CA  . ASP A 1 74  ? -1.231  -17.177 0.075   1.00 32.92 ? 74  ASP X CA  1 
ATOM   610  C C   . ASP A 1 74  ? -0.583  -16.579 -1.160  1.00 32.74 ? 74  ASP X C   1 
ATOM   611  O O   . ASP A 1 74  ? -0.266  -15.390 -1.168  1.00 37.54 ? 74  ASP X O   1 
ATOM   612  C CB  . ASP A 1 74  ? -2.743  -16.948 0.041   1.00 36.28 ? 74  ASP X CB  1 
ATOM   613  C CG  . ASP A 1 74  ? -3.447  -17.523 1.245   1.00 45.74 ? 74  ASP X CG  1 
ATOM   614  O OD1 . ASP A 1 74  ? -2.851  -18.373 1.943   1.00 36.13 ? 74  ASP X OD1 1 
ATOM   615  O OD2 . ASP A 1 74  ? -4.608  -17.133 1.479   1.00 42.34 ? 74  ASP X OD2 1 
ATOM   616  N N   . VAL A 1 75  ? -0.385  -17.393 -2.192  1.00 30.02 ? 75  VAL X N   1 
ATOM   617  C CA  A VAL A 1 75  ? 0.233   -16.928 -3.434  0.56 32.84 ? 75  VAL X CA  1 
ATOM   618  C CA  B VAL A 1 75  ? 0.231   -16.921 -3.427  0.44 32.83 ? 75  VAL X CA  1 
ATOM   619  C C   . VAL A 1 75  ? -0.773  -16.823 -4.560  1.00 34.45 ? 75  VAL X C   1 
ATOM   620  O O   . VAL A 1 75  ? -1.677  -17.650 -4.675  1.00 39.33 ? 75  VAL X O   1 
ATOM   621  C CB  A VAL A 1 75  ? 1.359   -17.867 -3.927  0.56 34.27 ? 75  VAL X CB  1 
ATOM   622  C CB  B VAL A 1 75  ? 1.395   -17.842 -3.882  0.44 34.21 ? 75  VAL X CB  1 
ATOM   623  C CG1 A VAL A 1 75  ? 2.252   -17.149 -4.932  0.56 24.46 ? 75  VAL X CG1 1 
ATOM   624  C CG1 B VAL A 1 75  ? 2.254   -18.157 -2.727  0.44 38.83 ? 75  VAL X CG1 1 
ATOM   625  C CG2 A VAL A 1 75  ? 2.168   -18.369 -2.783  0.56 39.24 ? 75  VAL X CG2 1 
ATOM   626  C CG2 B VAL A 1 75  ? 0.887   -19.147 -4.488  0.44 25.93 ? 75  VAL X CG2 1 
ATOM   627  N N   . ILE A 1 76  ? -0.604  -15.802 -5.393  1.00 25.58 ? 76  ILE X N   1 
ATOM   628  C CA  . ILE A 1 76  ? -1.340  -15.703 -6.642  1.00 27.54 ? 76  ILE X CA  1 
ATOM   629  C C   . ILE A 1 76  ? -0.307  -15.405 -7.714  1.00 30.41 ? 76  ILE X C   1 
ATOM   630  O O   . ILE A 1 76  ? 0.776   -14.899 -7.407  1.00 29.02 ? 76  ILE X O   1 
ATOM   631  C CB  . ILE A 1 76  ? -2.444  -14.624 -6.603  1.00 31.47 ? 76  ILE X CB  1 
ATOM   632  C CG1 . ILE A 1 76  ? -1.843  -13.238 -6.351  1.00 33.56 ? 76  ILE X CG1 1 
ATOM   633  C CG2 . ILE A 1 76  ? -3.477  -14.967 -5.533  1.00 27.03 ? 76  ILE X CG2 1 
ATOM   634  C CD1 . ILE A 1 76  ? -2.864  -12.129 -6.403  1.00 25.25 ? 76  ILE X CD1 1 
ATOM   635  N N   . HIS A 1 77  ? -0.627  -15.729 -8.960  1.00 29.40 ? 77  HIS X N   1 
ATOM   636  C CA  . HIS A 1 77  ? 0.342   -15.637 -10.043 1.00 29.52 ? 77  HIS X CA  1 
ATOM   637  C C   . HIS A 1 77  ? -0.159  -14.766 -11.172 1.00 29.23 ? 77  HIS X C   1 
ATOM   638  O O   . HIS A 1 77  ? 0.515   -14.598 -12.197 1.00 29.41 ? 77  HIS X O   1 
ATOM   639  C CB  . HIS A 1 77  ? 0.680   -17.033 -10.557 1.00 32.10 ? 77  HIS X CB  1 
ATOM   640  C CG  . HIS A 1 77  ? 1.328   -17.893 -9.524  1.00 31.12 ? 77  HIS X CG  1 
ATOM   641  N ND1 . HIS A 1 77  ? 2.561   -17.595 -8.982  1.00 29.92 ? 77  HIS X ND1 1 
ATOM   642  C CD2 . HIS A 1 77  ? 0.898   -19.012 -8.896  1.00 37.97 ? 77  HIS X CD2 1 
ATOM   643  C CE1 . HIS A 1 77  ? 2.870   -18.504 -8.077  1.00 33.13 ? 77  HIS X CE1 1 
ATOM   644  N NE2 . HIS A 1 77  ? 1.875   -19.372 -8.000  1.00 36.87 ? 77  HIS X NE2 1 
ATOM   645  N N   . SER A 1 78  ? -1.342  -14.197 -10.973 1.00 34.81 ? 78  SER X N   1 
ATOM   646  C CA  . SER A 1 78  ? -1.933  -13.332 -11.982 1.00 34.49 ? 78  SER X CA  1 
ATOM   647  C C   . SER A 1 78  ? -2.739  -12.213 -11.344 1.00 33.14 ? 78  SER X C   1 
ATOM   648  O O   . SER A 1 78  ? -3.280  -12.364 -10.238 1.00 29.73 ? 78  SER X O   1 
ATOM   649  C CB  . SER A 1 78  ? -2.825  -14.140 -12.926 1.00 35.64 ? 78  SER X CB  1 
ATOM   650  O OG  . SER A 1 78  ? -3.560  -13.280 -13.784 1.00 52.88 ? 78  SER X OG  1 
ATOM   651  N N   . ILE A 1 79  ? -2.813  -11.087 -12.049 1.00 33.28 ? 79  ILE X N   1 
ATOM   652  C CA  . ILE A 1 79  ? -3.657  -9.976  -11.619 1.00 34.31 ? 79  ILE X CA  1 
ATOM   653  C C   . ILE A 1 79  ? -5.107  -10.439 -11.447 1.00 36.16 ? 79  ILE X C   1 
ATOM   654  O O   . ILE A 1 79  ? -5.747  -10.134 -10.437 1.00 35.24 ? 79  ILE X O   1 
ATOM   655  C CB  . ILE A 1 79  ? -3.603  -8.809  -12.622 1.00 38.35 ? 79  ILE X CB  1 
ATOM   656  C CG1 . ILE A 1 79  ? -2.306  -8.024  -12.443 1.00 36.23 ? 79  ILE X CG1 1 
ATOM   657  C CG2 . ILE A 1 79  ? -4.780  -7.876  -12.407 1.00 47.49 ? 79  ILE X CG2 1 
ATOM   658  C CD1 . ILE A 1 79  ? -2.186  -7.370  -11.085 1.00 33.29 ? 79  ILE X CD1 1 
ATOM   659  N N   . GLU A 1 80  ? -5.602  -11.210 -12.416 1.00 37.65 ? 80  GLU X N   1 
ATOM   660  C CA  . GLU A 1 80  ? -6.995  -11.669 -12.403 1.00 39.02 ? 80  GLU X CA  1 
ATOM   661  C C   . GLU A 1 80  ? -7.343  -12.491 -11.167 1.00 36.10 ? 80  GLU X C   1 
ATOM   662  O O   . GLU A 1 80  ? -8.509  -12.564 -10.789 1.00 42.31 ? 80  GLU X O   1 
ATOM   663  C CB  . GLU A 1 80  ? -7.310  -12.481 -13.664 1.00 38.05 ? 80  GLU X CB  1 
ATOM   664  C CG  . GLU A 1 80  ? -6.381  -12.192 -14.820 1.00 51.55 ? 80  GLU X CG  1 
ATOM   665  C CD  . GLU A 1 80  ? -6.598  -10.804 -15.402 1.00 73.21 ? 80  GLU X CD  1 
ATOM   666  O OE1 . GLU A 1 80  ? -7.709  -10.252 -15.227 1.00 69.36 ? 80  GLU X OE1 1 
ATOM   667  O OE2 . GLU A 1 80  ? -5.662  -10.266 -16.038 1.00 76.21 ? 80  GLU X OE2 1 
ATOM   668  N N   . ASP A 1 81  ? -6.342  -13.094 -10.529 1.00 31.58 ? 81  ASP X N   1 
ATOM   669  C CA  . ASP A 1 81  ? -6.577  -13.819 -9.290  1.00 33.25 ? 81  ASP X CA  1 
ATOM   670  C C   . ASP A 1 81  ? -7.103  -12.917 -8.187  1.00 34.98 ? 81  ASP X C   1 
ATOM   671  O O   . ASP A 1 81  ? -7.765  -13.383 -7.260  1.00 32.96 ? 81  ASP X O   1 
ATOM   672  C CB  . ASP A 1 81  ? -5.297  -14.492 -8.787  1.00 34.95 ? 81  ASP X CB  1 
ATOM   673  C CG  . ASP A 1 81  ? -4.816  -15.593 -9.700  1.00 44.01 ? 81  ASP X CG  1 
ATOM   674  O OD1 . ASP A 1 81  ? -5.662  -16.249 -10.345 1.00 44.32 ? 81  ASP X OD1 1 
ATOM   675  O OD2 . ASP A 1 81  ? -3.584  -15.806 -9.756  1.00 49.61 ? 81  ASP X OD2 1 
ATOM   676  N N   . ILE A 1 82  ? -6.768  -11.633 -8.260  1.00 30.72 ? 82  ILE X N   1 
ATOM   677  C CA  . ILE A 1 82  ? -7.137  -10.700 -7.198  1.00 28.33 ? 82  ILE X CA  1 
ATOM   678  C C   . ILE A 1 82  ? -8.651  -10.635 -7.086  1.00 30.54 ? 82  ILE X C   1 
ATOM   679  O O   . ILE A 1 82  ? -9.204  -10.624 -5.990  1.00 32.75 ? 82  ILE X O   1 
ATOM   680  C CB  . ILE A 1 82  ? -6.553  -9.291  -7.454  1.00 28.62 ? 82  ILE X CB  1 
ATOM   681  C CG1 . ILE A 1 82  ? -5.029  -9.331  -7.293  1.00 33.16 ? 82  ILE X CG1 1 
ATOM   682  C CG2 . ILE A 1 82  ? -7.170  -8.245  -6.503  1.00 29.18 ? 82  ILE X CG2 1 
ATOM   683  C CD1 . ILE A 1 82  ? -4.320  -8.046  -7.710  1.00 32.78 ? 82  ILE X CD1 1 
ATOM   684  N N   . TYR A 1 83  ? -9.311  -10.670 -8.237  1.00 33.32 ? 83  TYR X N   1 
ATOM   685  C CA  . TYR A 1 83  ? -10.764 -10.516 -8.299  1.00 41.01 ? 83  TYR X CA  1 
ATOM   686  C C   . TYR A 1 83  ? -11.536 -11.675 -7.661  1.00 46.93 ? 83  TYR X C   1 
ATOM   687  O O   . TYR A 1 83  ? -12.744 -11.574 -7.445  1.00 51.51 ? 83  TYR X O   1 
ATOM   688  C CB  . TYR A 1 83  ? -11.193 -10.324 -9.755  1.00 34.95 ? 83  TYR X CB  1 
ATOM   689  C CG  . TYR A 1 83  ? -10.503 -9.153  -10.417 1.00 33.71 ? 83  TYR X CG  1 
ATOM   690  C CD1 . TYR A 1 83  ? -10.636 -7.867  -9.903  1.00 48.11 ? 83  TYR X CD1 1 
ATOM   691  C CD2 . TYR A 1 83  ? -9.714  -9.327  -11.544 1.00 37.12 ? 83  TYR X CD2 1 
ATOM   692  C CE1 . TYR A 1 83  ? -9.998  -6.789  -10.494 1.00 43.48 ? 83  TYR X CE1 1 
ATOM   693  C CE2 . TYR A 1 83  ? -9.076  -8.254  -12.147 1.00 46.92 ? 83  TYR X CE2 1 
ATOM   694  C CZ  . TYR A 1 83  ? -9.220  -6.984  -11.615 1.00 51.79 ? 83  TYR X CZ  1 
ATOM   695  O OH  . TYR A 1 83  ? -8.588  -5.905  -12.205 1.00 46.29 ? 83  TYR X OH  1 
ATOM   696  N N   . GLN A 1 84  ? -10.844 -12.764 -7.340  1.00 41.51 ? 84  GLN X N   1 
ATOM   697  C CA  . GLN A 1 84  ? -11.489 -13.924 -6.730  1.00 50.68 ? 84  GLN X CA  1 
ATOM   698  C C   . GLN A 1 84  ? -11.342 -13.893 -5.223  1.00 47.73 ? 84  GLN X C   1 
ATOM   699  O O   . GLN A 1 84  ? -11.904 -14.729 -4.518  1.00 45.31 ? 84  GLN X O   1 
ATOM   700  C CB  . GLN A 1 84  ? -10.903 -15.234 -7.269  1.00 50.32 ? 84  GLN X CB  1 
ATOM   701  C CG  . GLN A 1 84  ? -10.572 -15.215 -8.748  1.00 54.64 ? 84  GLN X CG  1 
ATOM   702  C CD  . GLN A 1 84  ? -11.740 -14.761 -9.598  1.00 69.15 ? 84  GLN X CD  1 
ATOM   703  O OE1 . GLN A 1 84  ? -12.890 -15.129 -9.342  1.00 65.41 ? 84  GLN X OE1 1 
ATOM   704  N NE2 . GLN A 1 84  ? -11.453 -13.954 -10.620 1.00 60.34 ? 84  GLN X NE2 1 
ATOM   705  N N   . LEU A 1 85  ? -10.569 -12.938 -4.726  1.00 35.24 ? 85  LEU X N   1 
ATOM   706  C CA  . LEU A 1 85  ? -10.370 -12.823 -3.293  1.00 39.97 ? 85  LEU X CA  1 
ATOM   707  C C   . LEU A 1 85  ? -11.634 -12.256 -2.657  1.00 37.63 ? 85  LEU X C   1 
ATOM   708  O O   . LEU A 1 85  ? -12.142 -11.228 -3.096  1.00 41.41 ? 85  LEU X O   1 
ATOM   709  C CB  . LEU A 1 85  ? -9.150  -11.942 -2.985  1.00 39.81 ? 85  LEU X CB  1 
ATOM   710  C CG  . LEU A 1 85  ? -7.818  -12.473 -3.531  1.00 36.82 ? 85  LEU X CG  1 
ATOM   711  C CD1 . LEU A 1 85  ? -6.731  -11.407 -3.471  1.00 30.36 ? 85  LEU X CD1 1 
ATOM   712  C CD2 . LEU A 1 85  ? -7.389  -13.717 -2.760  1.00 32.07 ? 85  LEU X CD2 1 
ATOM   713  N N   . PRO A 1 86  ? -12.157 -12.940 -1.632  1.00 46.51 ? 86  PRO X N   1 
ATOM   714  C CA  . PRO A 1 86  ? -13.340 -12.480 -0.892  1.00 41.11 ? 86  PRO X CA  1 
ATOM   715  C C   . PRO A 1 86  ? -13.064 -11.349 0.096   1.00 40.87 ? 86  PRO X C   1 
ATOM   716  O O   . PRO A 1 86  ? -11.975 -11.267 0.681   1.00 39.88 ? 86  PRO X O   1 
ATOM   717  C CB  . PRO A 1 86  ? -13.777 -13.734 -0.133  1.00 43.09 ? 86  PRO X CB  1 
ATOM   718  C CG  . PRO A 1 86  ? -12.507 -14.499 0.067   1.00 46.15 ? 86  PRO X CG  1 
ATOM   719  C CD  . PRO A 1 86  ? -11.741 -14.291 -1.213  1.00 35.20 ? 86  PRO X CD  1 
ATOM   720  N N   . GLY A 1 87  ? -14.060 -10.494 0.296   1.00 30.93 ? 87  GLY X N   1 
ATOM   721  C CA  . GLY A 1 87  ? -14.009 -9.532  1.381   1.00 33.07 ? 87  GLY X CA  1 
ATOM   722  C C   . GLY A 1 87  ? -13.368 -8.226  0.968   1.00 29.64 ? 87  GLY X C   1 
ATOM   723  O O   . GLY A 1 87  ? -13.304 -7.912  -0.223  1.00 29.40 ? 87  GLY X O   1 
ATOM   724  N N   . HIS A 1 88  ? -12.905 -7.464  1.950   1.00 32.38 ? 88  HIS X N   1 
ATOM   725  C CA  . HIS A 1 88  ? -12.246 -6.197  1.653   1.00 30.69 ? 88  HIS X CA  1 
ATOM   726  C C   . HIS A 1 88  ? -10.780 -6.449  1.329   1.00 23.73 ? 88  HIS X C   1 
ATOM   727  O O   . HIS A 1 88  ? -10.009 -6.870  2.200   1.00 30.98 ? 88  HIS X O   1 
ATOM   728  C CB  . HIS A 1 88  ? -12.376 -5.223  2.819   1.00 29.26 ? 88  HIS X CB  1 
ATOM   729  C CG  . HIS A 1 88  ? -12.115 -3.801  2.437   1.00 34.77 ? 88  HIS X CG  1 
ATOM   730  N ND1 . HIS A 1 88  ? -12.271 -2.749  3.317   1.00 34.87 ? 88  HIS X ND1 1 
ATOM   731  C CD2 . HIS A 1 88  ? -11.698 -3.257  1.268   1.00 31.04 ? 88  HIS X CD2 1 
ATOM   732  C CE1 . HIS A 1 88  ? -11.976 -1.618  2.699   1.00 38.82 ? 88  HIS X CE1 1 
ATOM   733  N NE2 . HIS A 1 88  ? -11.619 -1.898  1.457   1.00 29.72 ? 88  HIS X NE2 1 
ATOM   734  N N   . VAL A 1 89  ? -10.408 -6.192  0.076   1.00 29.63 ? 89  VAL X N   1 
ATOM   735  C CA  . VAL A 1 89  ? -9.032  -6.402  -0.385  1.00 26.21 ? 89  VAL X CA  1 
ATOM   736  C C   . VAL A 1 89  ? -8.309  -5.075  -0.570  1.00 26.73 ? 89  VAL X C   1 
ATOM   737  O O   . VAL A 1 89  ? -8.803  -4.190  -1.269  1.00 26.37 ? 89  VAL X O   1 
ATOM   738  C CB  . VAL A 1 89  ? -9.005  -7.180  -1.697  1.00 29.44 ? 89  VAL X CB  1 
ATOM   739  C CG1 . VAL A 1 89  ? -7.575  -7.276  -2.260  1.00 27.22 ? 89  VAL X CG1 1 
ATOM   740  C CG2 . VAL A 1 89  ? -9.606  -8.578  -1.471  1.00 32.70 ? 89  VAL X CG2 1 
ATOM   741  N N   . PHE A 1 90  ? -7.148  -4.951  0.077   1.00 25.35 ? 90  PHE X N   1 
ATOM   742  C CA  . PHE A 1 90  ? -6.306  -3.760  -0.042  1.00 23.63 ? 90  PHE X CA  1 
ATOM   743  C C   . PHE A 1 90  ? -5.109  -4.068  -0.927  1.00 26.83 ? 90  PHE X C   1 
ATOM   744  O O   . PHE A 1 90  ? -4.352  -5.003  -0.629  1.00 22.87 ? 90  PHE X O   1 
ATOM   745  C CB  . PHE A 1 90  ? -5.824  -3.293  1.328   1.00 23.90 ? 90  PHE X CB  1 
ATOM   746  C CG  . PHE A 1 90  ? -6.933  -2.814  2.230   1.00 32.84 ? 90  PHE X CG  1 
ATOM   747  C CD1 . PHE A 1 90  ? -7.625  -3.705  3.044   1.00 28.53 ? 90  PHE X CD1 1 
ATOM   748  C CD2 . PHE A 1 90  ? -7.297  -1.475  2.247   1.00 25.90 ? 90  PHE X CD2 1 
ATOM   749  C CE1 . PHE A 1 90  ? -8.658  -3.262  3.870   1.00 29.92 ? 90  PHE X CE1 1 
ATOM   750  C CE2 . PHE A 1 90  ? -8.332  -1.015  3.062   1.00 27.92 ? 90  PHE X CE2 1 
ATOM   751  C CZ  . PHE A 1 90  ? -9.011  -1.915  3.881   1.00 32.76 ? 90  PHE X CZ  1 
ATOM   752  N N   . ILE A 1 91  ? -4.957  -3.305  -2.008  1.00 21.42 ? 91  ILE X N   1 
ATOM   753  C CA  . ILE A 1 91  ? -3.757  -3.368  -2.840  1.00 23.70 ? 91  ILE X CA  1 
ATOM   754  C C   . ILE A 1 91  ? -2.644  -2.609  -2.124  1.00 26.84 ? 91  ILE X C   1 
ATOM   755  O O   . ILE A 1 91  ? -2.726  -1.393  -1.927  1.00 20.45 ? 91  ILE X O   1 
ATOM   756  C CB  . ILE A 1 91  ? -3.992  -2.772  -4.227  1.00 21.16 ? 91  ILE X CB  1 
ATOM   757  C CG1 . ILE A 1 91  ? -5.139  -3.494  -4.960  1.00 23.69 ? 91  ILE X CG1 1 
ATOM   758  C CG2 . ILE A 1 91  ? -2.684  -2.769  -5.038  1.00 24.83 ? 91  ILE X CG2 1 
ATOM   759  C CD1 . ILE A 1 91  ? -4.987  -5.021  -5.065  1.00 27.92 ? 91  ILE X CD1 1 
ATOM   760  N N   . PHE A 1 92  ? -1.613  -3.337  -1.709  1.00 21.19 ? 92  PHE X N   1 
ATOM   761  C CA  . PHE A 1 92  ? -0.647  -2.819  -0.757  1.00 18.32 ? 92  PHE X CA  1 
ATOM   762  C C   . PHE A 1 92  ? 0.742   -2.625  -1.400  1.00 20.76 ? 92  PHE X C   1 
ATOM   763  O O   . PHE A 1 92  ? 1.759   -2.711  -0.719  1.00 28.26 ? 92  PHE X O   1 
ATOM   764  C CB  . PHE A 1 92  ? -0.576  -3.794  0.419   1.00 20.25 ? 92  PHE X CB  1 
ATOM   765  C CG  . PHE A 1 92  ? 0.070   -3.258  1.656   1.00 27.77 ? 92  PHE X CG  1 
ATOM   766  C CD1 . PHE A 1 92  ? -0.587  -2.350  2.458   1.00 38.98 ? 92  PHE X CD1 1 
ATOM   767  C CD2 . PHE A 1 92  ? 1.297   -3.757  2.085   1.00 29.78 ? 92  PHE X CD2 1 
ATOM   768  C CE1 . PHE A 1 92  ? 0.000   -1.892  3.632   1.00 43.82 ? 92  PHE X CE1 1 
ATOM   769  C CE2 . PHE A 1 92  ? 1.885   -3.300  3.253   1.00 36.19 ? 92  PHE X CE2 1 
ATOM   770  C CZ  . PHE A 1 92  ? 1.242   -2.369  4.023   1.00 39.19 ? 92  PHE X CZ  1 
ATOM   771  N N   . GLY A 1 93  ? 0.792   -2.359  -2.697  1.00 18.37 ? 93  GLY X N   1 
ATOM   772  C CA  . GLY A 1 93  ? 2.080   -2.059  -3.322  1.00 22.33 ? 93  GLY X CA  1 
ATOM   773  C C   . GLY A 1 93  ? 2.822   -3.274  -3.877  1.00 20.63 ? 93  GLY X C   1 
ATOM   774  O O   . GLY A 1 93  ? 2.310   -4.398  -3.817  1.00 18.32 ? 93  GLY X O   1 
ATOM   775  N N   . GLY A 1 94  ? 4.005   -3.058  -4.461  1.00 21.88 ? 94  GLY X N   1 
ATOM   776  C CA  . GLY A 1 94  ? 4.609   -1.734  -4.570  1.00 17.35 ? 94  GLY X CA  1 
ATOM   777  C C   . GLY A 1 94  ? 4.235   -1.083  -5.896  1.00 16.90 ? 94  GLY X C   1 
ATOM   778  O O   . GLY A 1 94  ? 3.085   -1.171  -6.338  1.00 19.41 ? 94  GLY X O   1 
ATOM   779  N N   . GLN A 1 95  ? 5.202   -0.424  -6.530  1.00 20.60 ? 95  GLN X N   1 
ATOM   780  C CA  . GLN A 1 95  ? 4.910   0.377   -7.722  1.00 20.17 ? 95  GLN X CA  1 
ATOM   781  C C   . GLN A 1 95  ? 4.204   -0.436  -8.818  1.00 24.79 ? 95  GLN X C   1 
ATOM   782  O O   . GLN A 1 95  ? 3.235   0.035   -9.421  1.00 20.57 ? 95  GLN X O   1 
ATOM   783  C CB  . GLN A 1 95  ? 6.203   1.014   -8.280  1.00 20.33 ? 95  GLN X CB  1 
ATOM   784  C CG  . GLN A 1 95  ? 5.992   1.657   -9.678  1.00 20.62 ? 95  GLN X CG  1 
ATOM   785  C CD  . GLN A 1 95  ? 7.171   2.500   -10.163 1.00 23.83 ? 95  GLN X CD  1 
ATOM   786  O OE1 . GLN A 1 95  ? 8.020   2.939   -9.382  1.00 19.63 ? 95  GLN X OE1 1 
ATOM   787  N NE2 . GLN A 1 95  ? 7.216   2.736   -11.470 1.00 34.47 ? 95  GLN X NE2 1 
ATOM   788  N N   . THR A 1 96  ? 4.650   -1.669  -9.077  1.00 23.40 ? 96  THR X N   1 
ATOM   789  C CA  A THR A 1 96  ? 4.044   -2.460  -10.139 0.25 21.73 ? 96  THR X CA  1 
ATOM   790  C CA  B THR A 1 96  ? 4.037   -2.461  -10.142 0.75 21.66 ? 96  THR X CA  1 
ATOM   791  C C   . THR A 1 96  ? 2.556   -2.729  -9.873  1.00 22.85 ? 96  THR X C   1 
ATOM   792  O O   . THR A 1 96  ? 1.722   -2.558  -10.753 1.00 21.86 ? 96  THR X O   1 
ATOM   793  C CB  A THR A 1 96  ? 4.788   -3.793  -10.328 0.25 20.34 ? 96  THR X CB  1 
ATOM   794  C CB  B THR A 1 96  ? 4.757   -3.817  -10.351 0.75 20.19 ? 96  THR X CB  1 
ATOM   795  O OG1 A THR A 1 96  ? 6.200   -3.557  -10.271 0.25 24.60 ? 96  THR X OG1 1 
ATOM   796  O OG1 B THR A 1 96  ? 4.544   -4.668  -9.209  0.75 19.28 ? 96  THR X OG1 1 
ATOM   797  C CG2 A THR A 1 96  ? 4.436   -4.406  -11.667 0.25 22.70 ? 96  THR X CG2 1 
ATOM   798  C CG2 B THR A 1 96  ? 6.246   -3.576  -10.574 0.75 25.22 ? 96  THR X CG2 1 
ATOM   799  N N   . LEU A 1 97  ? 2.222   -3.139  -8.652  1.00 21.47 ? 97  LEU X N   1 
ATOM   800  C CA  A LEU A 1 97  ? 0.827   -3.420  -8.333  0.43 20.58 ? 97  LEU X CA  1 
ATOM   801  C CA  B LEU A 1 97  ? 0.829   -3.413  -8.283  0.57 20.59 ? 97  LEU X CA  1 
ATOM   802  C C   . LEU A 1 97  ? -0.042  -2.153  -8.384  1.00 20.44 ? 97  LEU X C   1 
ATOM   803  O O   . LEU A 1 97  ? -1.189  -2.203  -8.845  1.00 21.34 ? 97  LEU X O   1 
ATOM   804  C CB  A LEU A 1 97  ? 0.718   -4.079  -6.959  0.43 21.75 ? 97  LEU X CB  1 
ATOM   805  C CB  B LEU A 1 97  ? 0.742   -3.980  -6.855  0.57 21.69 ? 97  LEU X CB  1 
ATOM   806  C CG  A LEU A 1 97  ? -0.539  -4.922  -6.754  0.43 22.56 ? 97  LEU X CG  1 
ATOM   807  C CG  B LEU A 1 97  ? 0.839   -5.495  -6.638  0.57 19.01 ? 97  LEU X CG  1 
ATOM   808  C CD1 A LEU A 1 97  ? -0.741  -5.906  -7.901  0.43 23.43 ? 97  LEU X CD1 1 
ATOM   809  C CD1 B LEU A 1 97  ? -0.463  -6.199  -7.031  0.57 22.24 ? 97  LEU X CD1 1 
ATOM   810  C CD2 A LEU A 1 97  ? -0.444  -5.643  -5.424  0.43 19.70 ? 97  LEU X CD2 1 
ATOM   811  C CD2 B LEU A 1 97  ? 2.015   -6.050  -7.411  0.57 16.63 ? 97  LEU X CD2 1 
ATOM   812  N N   . TYR A 1 98  ? 0.494   -1.020  -7.929  1.00 21.87 ? 98  TYR X N   1 
ATOM   813  C CA  . TYR A 1 98  ? -0.280  0.228   -7.982  1.00 20.12 ? 98  TYR X CA  1 
ATOM   814  C C   . TYR A 1 98  ? -0.565  0.597   -9.432  1.00 23.65 ? 98  TYR X C   1 
ATOM   815  O O   . TYR A 1 98  ? -1.695  0.961   -9.776  1.00 25.32 ? 98  TYR X O   1 
ATOM   816  C CB  . TYR A 1 98  ? 0.453   1.371   -7.279  1.00 15.74 ? 98  TYR X CB  1 
ATOM   817  C CG  . TYR A 1 98  ? 0.577   1.230   -5.775  1.00 15.85 ? 98  TYR X CG  1 
ATOM   818  C CD1 . TYR A 1 98  ? -0.505  0.801   -4.986  1.00 18.49 ? 98  TYR X CD1 1 
ATOM   819  C CD2 . TYR A 1 98  ? 1.770   1.538   -5.139  1.00 13.86 ? 98  TYR X CD2 1 
ATOM   820  C CE1 . TYR A 1 98  ? -0.372  0.683   -3.609  1.00 17.77 ? 98  TYR X CE1 1 
ATOM   821  C CE2 . TYR A 1 98  ? 1.916   1.407   -3.774  1.00 18.94 ? 98  TYR X CE2 1 
ATOM   822  C CZ  . TYR A 1 98  ? 0.836   0.990   -3.012  1.00 16.98 ? 98  TYR X CZ  1 
ATOM   823  O OH  . TYR A 1 98  ? 1.017   0.907   -1.659  1.00 17.23 ? 98  TYR X OH  1 
ATOM   824  N N   . GLU A 1 99  ? 0.449   0.486   -10.291 1.00 20.13 ? 99  GLU X N   1 
ATOM   825  C CA  . GLU A 1 99  ? 0.274   0.791   -11.713 1.00 21.99 ? 99  GLU X CA  1 
ATOM   826  C C   . GLU A 1 99  ? -0.731  -0.144  -12.359 1.00 23.17 ? 99  GLU X C   1 
ATOM   827  O O   . GLU A 1 99  ? -1.526  0.273   -13.202 1.00 25.31 ? 99  GLU X O   1 
ATOM   828  C CB  . GLU A 1 99  ? 1.602   0.707   -12.458 1.00 22.11 ? 99  GLU X CB  1 
ATOM   829  C CG  . GLU A 1 99  ? 2.567   1.808   -12.048 1.00 24.36 ? 99  GLU X CG  1 
ATOM   830  C CD  . GLU A 1 99  ? 3.934   1.658   -12.679 1.00 29.99 ? 99  GLU X CD  1 
ATOM   831  O OE1 . GLU A 1 99  ? 4.707   2.641   -12.643 1.00 26.05 ? 99  GLU X OE1 1 
ATOM   832  O OE2 . GLU A 1 99  ? 4.230   0.558   -13.196 1.00 31.77 ? 99  GLU X OE2 1 
ATOM   833  N N   . GLU A 1 100 ? -0.685  -1.409  -11.962 1.00 24.22 ? 100 GLU X N   1 
ATOM   834  C CA  . GLU A 1 100 ? -1.575  -2.408  -12.524 1.00 22.78 ? 100 GLU X CA  1 
ATOM   835  C C   . GLU A 1 100 ? -3.000  -2.287  -11.994 1.00 27.81 ? 100 GLU X C   1 
ATOM   836  O O   . GLU A 1 100 ? -3.934  -2.748  -12.644 1.00 27.34 ? 100 GLU X O   1 
ATOM   837  C CB  . GLU A 1 100 ? -1.035  -3.814  -12.248 1.00 25.72 ? 100 GLU X CB  1 
ATOM   838  C CG  . GLU A 1 100 ? 0.294   -4.111  -12.940 1.00 27.67 ? 100 GLU X CG  1 
ATOM   839  C CD  . GLU A 1 100 ? 0.858   -5.475  -12.552 1.00 28.06 ? 100 GLU X CD  1 
ATOM   840  O OE1 . GLU A 1 100 ? 1.469   -5.605  -11.466 1.00 28.75 ? 100 GLU X OE1 1 
ATOM   841  O OE2 . GLU A 1 100 ? 0.666   -6.419  -13.335 1.00 33.75 ? 100 GLU X OE2 1 
ATOM   842  N N   . MET A 1 101 ? -3.188  -1.668  -10.830 1.00 23.32 ? 101 MET X N   1 
ATOM   843  C CA  . MET A 1 101 ? -4.517  -1.703  -10.200 1.00 23.10 ? 101 MET X CA  1 
ATOM   844  C C   . MET A 1 101 ? -5.225  -0.355  -10.073 1.00 28.97 ? 101 MET X C   1 
ATOM   845  O O   . MET A 1 101 ? -6.415  -0.318  -9.737  1.00 28.12 ? 101 MET X O   1 
ATOM   846  C CB  . MET A 1 101 ? -4.431  -2.319  -8.802  1.00 23.04 ? 101 MET X CB  1 
ATOM   847  C CG  . MET A 1 101 ? -4.066  -3.806  -8.789  1.00 30.24 ? 101 MET X CG  1 
ATOM   848  S SD  . MET A 1 101 ? -5.213  -4.813  -9.761  1.00 34.49 ? 101 MET X SD  1 
ATOM   849  C CE  . MET A 1 101 ? -6.691  -4.642  -8.786  1.00 26.80 ? 101 MET X CE  1 
ATOM   850  N N   . ILE A 1 102 ? -4.518  0.744   -10.324 1.00 25.46 ? 102 ILE X N   1 
ATOM   851  C CA  . ILE A 1 102 ? -5.106  2.055   -10.004 1.00 29.90 ? 102 ILE X CA  1 
ATOM   852  C C   . ILE A 1 102 ? -6.366  2.319   -10.829 1.00 31.26 ? 102 ILE X C   1 
ATOM   853  O O   . ILE A 1 102 ? -7.304  2.951   -10.342 1.00 32.42 ? 102 ILE X O   1 
ATOM   854  C CB  . ILE A 1 102 ? -4.104  3.231   -10.186 1.00 31.21 ? 102 ILE X CB  1 
ATOM   855  C CG1 . ILE A 1 102 ? -4.746  4.540   -9.674  1.00 30.48 ? 102 ILE X CG1 1 
ATOM   856  C CG2 . ILE A 1 102 ? -3.635  3.345   -11.638 1.00 26.87 ? 102 ILE X CG2 1 
ATOM   857  C CD1 . ILE A 1 102 ? -3.762  5.644   -9.296  1.00 25.45 ? 102 ILE X CD1 1 
ATOM   858  N N   . ASP A 1 103 ? -6.429  1.789   -12.047 1.00 24.43 ? 103 ASP X N   1 
ATOM   859  C CA  . ASP A 1 103 ? -7.633  1.978   -12.857 1.00 31.00 ? 103 ASP X CA  1 
ATOM   860  C C   . ASP A 1 103 ? -8.761  0.998   -12.543 1.00 27.89 ? 103 ASP X C   1 
ATOM   861  O O   . ASP A 1 103 ? -9.835  1.081   -13.133 1.00 33.50 ? 103 ASP X O   1 
ATOM   862  C CB  . ASP A 1 103 ? -7.283  1.891   -14.338 1.00 32.01 ? 103 ASP X CB  1 
ATOM   863  C CG  . ASP A 1 103 ? -6.384  3.023   -14.782 1.00 45.43 ? 103 ASP X CG  1 
ATOM   864  O OD1 . ASP A 1 103 ? -6.581  4.164   -14.299 1.00 42.32 ? 103 ASP X OD1 1 
ATOM   865  O OD2 . ASP A 1 103 ? -5.473  2.774   -15.599 1.00 46.70 ? 103 ASP X OD2 1 
ATOM   866  N N   . LYS A 1 104 ? -8.532  0.091   -11.602 1.00 29.56 ? 104 LYS X N   1 
ATOM   867  C CA  . LYS A 1 104 ? -9.516  -0.933  -11.261 1.00 31.02 ? 104 LYS X CA  1 
ATOM   868  C C   . LYS A 1 104 ? -10.112 -0.777  -9.860  1.00 31.74 ? 104 LYS X C   1 
ATOM   869  O O   . LYS A 1 104 ? -11.177 -1.326  -9.576  1.00 30.54 ? 104 LYS X O   1 
ATOM   870  C CB  . LYS A 1 104 ? -8.887  -2.334  -11.366 1.00 33.24 ? 104 LYS X CB  1 
ATOM   871  C CG  . LYS A 1 104 ? -7.973  -2.545  -12.569 1.00 33.44 ? 104 LYS X CG  1 
ATOM   872  C CD  . LYS A 1 104 ? -8.732  -2.488  -13.877 1.00 45.95 ? 104 LYS X CD  1 
ATOM   873  C CE  . LYS A 1 104 ? -7.775  -2.583  -15.062 1.00 58.74 ? 104 LYS X CE  1 
ATOM   874  N NZ  . LYS A 1 104 ? -8.448  -2.328  -16.369 1.00 57.11 ? 104 LYS X NZ  1 
ATOM   875  N N   . VAL A 1 105 ? -9.440  -0.062  -8.964  1.00 27.40 ? 105 VAL X N   1 
ATOM   876  C CA  . VAL A 1 105 ? -9.892  -0.082  -7.575  1.00 27.06 ? 105 VAL X CA  1 
ATOM   877  C C   . VAL A 1 105 ? -11.116 0.831   -7.375  1.00 27.75 ? 105 VAL X C   1 
ATOM   878  O O   . VAL A 1 105 ? -11.368 1.729   -8.164  1.00 24.97 ? 105 VAL X O   1 
ATOM   879  C CB  . VAL A 1 105 ? -8.769  0.323   -6.577  1.00 28.00 ? 105 VAL X CB  1 
ATOM   880  C CG1 . VAL A 1 105 ? -7.702  -0.776  -6.488  1.00 24.81 ? 105 VAL X CG1 1 
ATOM   881  C CG2 . VAL A 1 105 ? -8.157  1.676   -6.956  1.00 22.53 ? 105 VAL X CG2 1 
ATOM   882  N N   . ASP A 1 106 ? -11.868 0.571   -6.310  1.00 31.49 ? 106 ASP X N   1 
ATOM   883  C CA  . ASP A 1 106 ? -13.049 1.355   -5.973  1.00 31.39 ? 106 ASP X CA  1 
ATOM   884  C C   . ASP A 1 106 ? -12.644 2.682   -5.341  1.00 32.22 ? 106 ASP X C   1 
ATOM   885  O O   . ASP A 1 106 ? -13.201 3.745   -5.623  1.00 25.99 ? 106 ASP X O   1 
ATOM   886  C CB  . ASP A 1 106 ? -13.939 0.559   -5.007  1.00 30.80 ? 106 ASP X CB  1 
ATOM   887  C CG  . ASP A 1 106 ? -14.366 -0.791  -5.583  1.00 41.22 ? 106 ASP X CG  1 
ATOM   888  O OD1 . ASP A 1 106 ? -14.764 -0.809  -6.764  1.00 37.09 ? 106 ASP X OD1 1 
ATOM   889  O OD2 . ASP A 1 106 ? -14.299 -1.826  -4.870  1.00 38.34 ? 106 ASP X OD2 1 
ATOM   890  N N   . ASP A 1 107 ? -11.658 2.593   -4.467  1.00 25.67 ? 107 ASP X N   1 
ATOM   891  C CA  . ASP A 1 107 ? -11.233 3.736   -3.696  1.00 20.89 ? 107 ASP X CA  1 
ATOM   892  C C   . ASP A 1 107 ? -9.776  3.570   -3.303  1.00 24.02 ? 107 ASP X C   1 
ATOM   893  O O   . ASP A 1 107 ? -9.154  2.500   -3.519  1.00 18.85 ? 107 ASP X O   1 
ATOM   894  C CB  . ASP A 1 107 ? -12.119 3.904   -2.457  1.00 19.05 ? 107 ASP X CB  1 
ATOM   895  C CG  . ASP A 1 107 ? -12.079 2.704   -1.545  1.00 24.72 ? 107 ASP X CG  1 
ATOM   896  O OD1 . ASP A 1 107 ? -11.658 1.611   -1.983  1.00 26.22 ? 107 ASP X OD1 1 
ATOM   897  O OD2 . ASP A 1 107 ? -12.483 2.853   -0.381  1.00 26.94 ? 107 ASP X OD2 1 
ATOM   898  N N   . MET A 1 108 ? -9.235  4.639   -2.733  1.00 20.22 ? 108 MET X N   1 
ATOM   899  C CA  . MET A 1 108 ? -7.839  4.687   -2.330  1.00 19.88 ? 108 MET X CA  1 
ATOM   900  C C   . MET A 1 108 ? -7.730  5.292   -0.943  1.00 20.24 ? 108 MET X C   1 
ATOM   901  O O   . MET A 1 108 ? -8.355  6.317   -0.647  1.00 20.51 ? 108 MET X O   1 
ATOM   902  C CB  . MET A 1 108 ? -7.006  5.501   -3.330  1.00 16.20 ? 108 MET X CB  1 
ATOM   903  C CG  . MET A 1 108 ? -7.160  5.042   -4.785  1.00 18.09 ? 108 MET X CG  1 
ATOM   904  S SD  . MET A 1 108 ? -5.855  5.644   -5.893  1.00 20.38 ? 108 MET X SD  1 
ATOM   905  C CE  . MET A 1 108 ? -6.260  7.385   -6.020  1.00 18.32 ? 108 MET X CE  1 
ATOM   906  N N   . TYR A 1 109 ? -6.946  4.640   -0.092  1.00 16.92 ? 109 TYR X N   1 
ATOM   907  C CA  . TYR A 1 109 ? -6.567  5.200   1.189   1.00 13.62 ? 109 TYR X CA  1 
ATOM   908  C C   . TYR A 1 109 ? -5.119  5.644   1.062   1.00 18.86 ? 109 TYR X C   1 
ATOM   909  O O   . TYR A 1 109 ? -4.205  4.810   1.016   1.00 17.69 ? 109 TYR X O   1 
ATOM   910  C CB  . TYR A 1 109 ? -6.712  4.171   2.311   1.00 21.03 ? 109 TYR X CB  1 
ATOM   911  C CG  . TYR A 1 109 ? -8.144  3.799   2.589   1.00 20.57 ? 109 TYR X CG  1 
ATOM   912  C CD1 . TYR A 1 109 ? -8.761  2.782   1.885   1.00 20.34 ? 109 TYR X CD1 1 
ATOM   913  C CD2 . TYR A 1 109 ? -8.883  4.493   3.546   1.00 23.28 ? 109 TYR X CD2 1 
ATOM   914  C CE1 . TYR A 1 109 ? -10.096 2.439   2.138   1.00 25.69 ? 109 TYR X CE1 1 
ATOM   915  C CE2 . TYR A 1 109 ? -10.205 4.165   3.805   1.00 21.57 ? 109 TYR X CE2 1 
ATOM   916  C CZ  . TYR A 1 109 ? -10.803 3.139   3.103   1.00 23.03 ? 109 TYR X CZ  1 
ATOM   917  O OH  . TYR A 1 109 ? -12.122 2.810   3.360   1.00 26.66 ? 109 TYR X OH  1 
ATOM   918  N N   . ILE A 1 110 ? -4.914  6.949   1.002   1.00 14.29 ? 110 ILE X N   1 
ATOM   919  C CA  . ILE A 1 110 ? -3.601  7.495   0.697   1.00 16.00 ? 110 ILE X CA  1 
ATOM   920  C C   . ILE A 1 110 ? -3.127  8.310   1.871   1.00 20.72 ? 110 ILE X C   1 
ATOM   921  O O   . ILE A 1 110 ? -3.849  9.175   2.365   1.00 18.38 ? 110 ILE X O   1 
ATOM   922  C CB  . ILE A 1 110 ? -3.640  8.381   -0.556  1.00 18.48 ? 110 ILE X CB  1 
ATOM   923  C CG1 . ILE A 1 110 ? -4.080  7.547   -1.767  1.00 18.40 ? 110 ILE X CG1 1 
ATOM   924  C CG2 . ILE A 1 110 ? -2.281  9.095   -0.756  1.00 20.95 ? 110 ILE X CG2 1 
ATOM   925  C CD1 . ILE A 1 110 ? -4.102  8.313   -3.075  1.00 22.22 ? 110 ILE X CD1 1 
ATOM   926  N N   . THR A 1 111 ? -1.935  8.012   2.354   1.00 14.99 ? 111 THR X N   1 
ATOM   927  C CA  . THR A 1 111 ? -1.296  8.907   3.296   1.00 13.97 ? 111 THR X CA  1 
ATOM   928  C C   . THR A 1 111 ? -0.346  9.800   2.519   1.00 20.11 ? 111 THR X C   1 
ATOM   929  O O   . THR A 1 111 ? 0.633   9.325   1.951   1.00 16.71 ? 111 THR X O   1 
ATOM   930  C CB  . THR A 1 111 ? -0.531  8.147   4.404   1.00 17.20 ? 111 THR X CB  1 
ATOM   931  O OG1 . THR A 1 111 ? -1.446  7.291   5.107   1.00 19.65 ? 111 THR X OG1 1 
ATOM   932  C CG2 . THR A 1 111 ? 0.103   9.124   5.379   1.00 20.37 ? 111 THR X CG2 1 
ATOM   933  N N   . VAL A 1 112 ? -0.652  11.090  2.450   1.00 16.79 ? 112 VAL X N   1 
ATOM   934  C CA  . VAL A 1 112 ? 0.265   12.013  1.799   1.00 15.72 ? 112 VAL X CA  1 
ATOM   935  C C   . VAL A 1 112 ? 1.327   12.422  2.798   1.00 18.35 ? 112 VAL X C   1 
ATOM   936  O O   . VAL A 1 112 ? 1.023   13.036  3.819   1.00 20.06 ? 112 VAL X O   1 
ATOM   937  C CB  . VAL A 1 112 ? -0.447  13.276  1.261   1.00 18.12 ? 112 VAL X CB  1 
ATOM   938  C CG1 . VAL A 1 112 ? 0.561   14.174  0.570   1.00 21.33 ? 112 VAL X CG1 1 
ATOM   939  C CG2 . VAL A 1 112 ? -1.520  12.889  0.299   1.00 17.41 ? 112 VAL X CG2 1 
ATOM   940  N N   . ILE A 1 113 ? 2.565   12.023  2.531   1.00 17.71 ? 113 ILE X N   1 
ATOM   941  C CA  . ILE A 1 113 ? 3.700   12.402  3.355   1.00 18.28 ? 113 ILE X CA  1 
ATOM   942  C C   . ILE A 1 113 ? 4.162   13.774  2.854   1.00 21.26 ? 113 ILE X C   1 
ATOM   943  O O   . ILE A 1 113 ? 4.594   13.902  1.715   1.00 17.95 ? 113 ILE X O   1 
ATOM   944  C CB  . ILE A 1 113 ? 4.865   11.361  3.273   1.00 21.17 ? 113 ILE X CB  1 
ATOM   945  C CG1 . ILE A 1 113 ? 4.376   9.917   3.518   1.00 19.99 ? 113 ILE X CG1 1 
ATOM   946  C CG2 . ILE A 1 113 ? 6.013   11.760  4.201   1.00 18.62 ? 113 ILE X CG2 1 
ATOM   947  C CD1 . ILE A 1 113 ? 3.940   9.604   4.939   1.00 20.88 ? 113 ILE X CD1 1 
ATOM   948  N N   . GLU A 1 114 ? 4.059   14.803  3.690   1.00 17.12 ? 114 GLU X N   1 
ATOM   949  C CA  . GLU A 1 114 ? 4.189   16.179  3.197   1.00 19.37 ? 114 GLU X CA  1 
ATOM   950  C C   . GLU A 1 114 ? 5.649   16.619  3.187   1.00 21.41 ? 114 GLU X C   1 
ATOM   951  O O   . GLU A 1 114 ? 6.041   17.597  3.835   1.00 20.41 ? 114 GLU X O   1 
ATOM   952  C CB  . GLU A 1 114 ? 3.343   17.132  4.045   1.00 22.82 ? 114 GLU X CB  1 
ATOM   953  C CG  . GLU A 1 114 ? 1.910   16.661  4.277   1.00 24.93 ? 114 GLU X CG  1 
ATOM   954  C CD  . GLU A 1 114 ? 0.948   17.019  3.161   1.00 39.17 ? 114 GLU X CD  1 
ATOM   955  O OE1 . GLU A 1 114 ? 1.370   17.694  2.193   1.00 33.77 ? 114 GLU X OE1 1 
ATOM   956  O OE2 . GLU A 1 114 ? -0.249  16.644  3.269   1.00 36.39 ? 114 GLU X OE2 1 
ATOM   957  N N   . GLY A 1 115 ? 6.458   15.870  2.452   1.00 20.23 ? 115 GLY X N   1 
ATOM   958  C CA  . GLY A 1 115 ? 7.877   16.167  2.319   1.00 18.43 ? 115 GLY X CA  1 
ATOM   959  C C   . GLY A 1 115 ? 8.395   15.680  0.973   1.00 16.92 ? 115 GLY X C   1 
ATOM   960  O O   . GLY A 1 115 ? 7.637   15.096  0.207   1.00 18.14 ? 115 GLY X O   1 
ATOM   961  N N   . LYS A 1 116 ? 9.669   15.934  0.684   1.00 15.75 ? 116 LYS X N   1 
ATOM   962  C CA  . LYS A 1 116 ? 10.263  15.481  -0.582  1.00 14.44 ? 116 LYS X CA  1 
ATOM   963  C C   . LYS A 1 116 ? 11.434  14.578  -0.252  1.00 18.20 ? 116 LYS X C   1 
ATOM   964  O O   . LYS A 1 116 ? 12.452  15.036  0.273   1.00 20.09 ? 116 LYS X O   1 
ATOM   965  C CB  . LYS A 1 116 ? 10.722  16.662  -1.442  1.00 18.30 ? 116 LYS X CB  1 
ATOM   966  C CG  . LYS A 1 116 ? 9.586   17.494  -2.046  1.00 23.88 ? 116 LYS X CG  1 
ATOM   967  C CD  . LYS A 1 116 ? 10.137  18.723  -2.785  1.00 24.04 ? 116 LYS X CD  1 
ATOM   968  C CE  . LYS A 1 116 ? 8.995   19.468  -3.493  1.00 51.62 ? 116 LYS X CE  1 
ATOM   969  N NZ  . LYS A 1 116 ? 9.423   20.701  -4.235  1.00 45.68 ? 116 LYS X NZ  1 
ATOM   970  N N   . PHE A 1 117 ? 11.266  13.292  -0.532  1.00 18.11 ? 117 PHE X N   1 
ATOM   971  C CA  . PHE A 1 117 ? 12.281  12.285  -0.210  1.00 15.80 ? 117 PHE X CA  1 
ATOM   972  C C   . PHE A 1 117 ? 12.966  11.795  -1.478  1.00 16.80 ? 117 PHE X C   1 
ATOM   973  O O   . PHE A 1 117 ? 12.426  11.940  -2.574  1.00 18.98 ? 117 PHE X O   1 
ATOM   974  C CB  . PHE A 1 117 ? 11.641  11.089  0.518   1.00 19.21 ? 117 PHE X CB  1 
ATOM   975  C CG  . PHE A 1 117 ? 11.105  11.429  1.883   1.00 21.54 ? 117 PHE X CG  1 
ATOM   976  C CD1 . PHE A 1 117 ? 9.920   12.152  2.021   1.00 19.90 ? 117 PHE X CD1 1 
ATOM   977  C CD2 . PHE A 1 117 ? 11.785  11.027  3.030   1.00 19.01 ? 117 PHE X CD2 1 
ATOM   978  C CE1 . PHE A 1 117 ? 9.433   12.474  3.283   1.00 18.94 ? 117 PHE X CE1 1 
ATOM   979  C CE2 . PHE A 1 117 ? 11.296  11.340  4.297   1.00 20.43 ? 117 PHE X CE2 1 
ATOM   980  C CZ  . PHE A 1 117 ? 10.130  12.076  4.420   1.00 21.77 ? 117 PHE X CZ  1 
ATOM   981  N N   . ARG A 1 118 ? 14.145  11.202  -1.326  1.00 18.67 ? 118 ARG X N   1 
ATOM   982  C CA  A ARG A 1 118 ? 14.789  10.511  -2.438  0.56 19.56 ? 118 ARG X CA  1 
ATOM   983  C CA  B ARG A 1 118 ? 14.788  10.513  -2.436  0.44 19.60 ? 118 ARG X CA  1 
ATOM   984  C C   . ARG A 1 118 ? 14.092  9.165   -2.635  1.00 17.15 ? 118 ARG X C   1 
ATOM   985  O O   . ARG A 1 118 ? 13.917  8.406   -1.671  1.00 21.30 ? 118 ARG X O   1 
ATOM   986  C CB  A ARG A 1 118 ? 16.286  10.304  -2.178  0.56 25.34 ? 118 ARG X CB  1 
ATOM   987  C CB  B ARG A 1 118 ? 16.280  10.314  -2.161  0.44 25.33 ? 118 ARG X CB  1 
ATOM   988  C CG  A ARG A 1 118 ? 16.928  9.306   -3.139  0.56 28.78 ? 118 ARG X CG  1 
ATOM   989  C CG  B ARG A 1 118 ? 17.044  9.667   -3.302  0.44 29.19 ? 118 ARG X CG  1 
ATOM   990  C CD  A ARG A 1 118 ? 18.427  9.133   -2.884  0.56 35.09 ? 118 ARG X CD  1 
ATOM   991  C CD  B ARG A 1 118 ? 18.434  9.254   -2.831  0.44 35.06 ? 118 ARG X CD  1 
ATOM   992  N NE  A ARG A 1 118 ? 19.146  10.392  -3.056  0.56 31.15 ? 118 ARG X NE  1 
ATOM   993  N NE  B ARG A 1 118 ? 19.333  8.926   -3.934  0.44 39.39 ? 118 ARG X NE  1 
ATOM   994  C CZ  A ARG A 1 118 ? 19.659  11.092  -2.054  0.56 35.30 ? 118 ARG X CZ  1 
ATOM   995  C CZ  B ARG A 1 118 ? 20.618  8.623   -3.772  0.44 34.16 ? 118 ARG X CZ  1 
ATOM   996  N NH1 A ARG A 1 118 ? 19.551  10.648  -0.810  0.56 32.90 ? 118 ARG X NH1 1 
ATOM   997  N NH1 B ARG A 1 118 ? 21.144  8.597   -2.561  0.44 34.69 ? 118 ARG X NH1 1 
ATOM   998  N NH2 A ARG A 1 118 ? 20.282  12.233  -2.298  0.56 37.46 ? 118 ARG X NH2 1 
ATOM   999  N NH2 B ARG A 1 118 ? 21.374  8.339   -4.822  0.44 42.94 ? 118 ARG X NH2 1 
ATOM   1000 N N   . GLY A 1 119 ? 13.680  8.874   -3.861  1.00 17.82 ? 119 GLY X N   1 
ATOM   1001 C CA  . GLY A 1 119 ? 12.998  7.617   -4.116  1.00 19.35 ? 119 GLY X CA  1 
ATOM   1002 C C   . GLY A 1 119 ? 13.449  6.932   -5.378  1.00 20.65 ? 119 GLY X C   1 
ATOM   1003 O O   . GLY A 1 119 ? 14.067  7.558   -6.249  1.00 18.16 ? 119 GLY X O   1 
ATOM   1004 N N   . ASP A 1 120 ? 13.150  5.643   -5.493  1.00 16.91 ? 120 ASP X N   1 
ATOM   1005 C CA  . ASP A 1 120 ? 13.350  4.972   -6.767  1.00 17.83 ? 120 ASP X CA  1 
ATOM   1006 C C   . ASP A 1 120 ? 12.086  4.284   -7.242  1.00 18.25 ? 120 ASP X C   1 
ATOM   1007 O O   . ASP A 1 120 ? 12.086  3.606   -8.270  1.00 16.63 ? 120 ASP X O   1 
ATOM   1008 C CB  . ASP A 1 120 ? 14.522  3.965   -6.687  1.00 18.79 ? 120 ASP X CB  1 
ATOM   1009 C CG  . ASP A 1 120 ? 14.339  2.921   -5.597  1.00 19.24 ? 120 ASP X CG  1 
ATOM   1010 O OD1 . ASP A 1 120 ? 13.187  2.676   -5.179  1.00 17.00 ? 120 ASP X OD1 1 
ATOM   1011 O OD2 . ASP A 1 120 ? 15.360  2.339   -5.158  1.00 19.54 ? 120 ASP X OD2 1 
ATOM   1012 N N   . THR A 1 121 ? 10.996  4.445   -6.494  1.00 15.09 ? 121 THR X N   1 
ATOM   1013 C CA  . THR A 1 121 ? 9.720   3.882   -6.893  1.00 14.30 ? 121 THR X CA  1 
ATOM   1014 C C   . THR A 1 121 ? 8.596   4.869   -6.541  1.00 14.65 ? 121 THR X C   1 
ATOM   1015 O O   . THR A 1 121 ? 8.691   5.599   -5.535  1.00 15.75 ? 121 THR X O   1 
ATOM   1016 C CB  . THR A 1 121 ? 9.424   2.521   -6.220  1.00 21.24 ? 121 THR X CB  1 
ATOM   1017 O OG1 . THR A 1 121 ? 9.758   2.605   -4.841  1.00 19.41 ? 121 THR X OG1 1 
ATOM   1018 C CG2 . THR A 1 121 ? 10.237  1.405   -6.861  1.00 20.49 ? 121 THR X CG2 1 
ATOM   1019 N N   . PHE A 1 122 ? 7.575   4.880   -7.387  1.00 16.32 ? 122 PHE X N   1 
ATOM   1020 C CA  . PHE A 1 122 ? 6.568   5.943   -7.399  1.00 18.02 ? 122 PHE X CA  1 
ATOM   1021 C C   . PHE A 1 122 ? 5.155   5.415   -7.496  1.00 17.29 ? 122 PHE X C   1 
ATOM   1022 O O   . PHE A 1 122 ? 4.893   4.397   -8.136  1.00 18.80 ? 122 PHE X O   1 
ATOM   1023 C CB  . PHE A 1 122 ? 6.817   6.891   -8.581  1.00 15.22 ? 122 PHE X CB  1 
ATOM   1024 C CG  . PHE A 1 122 ? 7.981   7.808   -8.380  1.00 17.15 ? 122 PHE X CG  1 
ATOM   1025 C CD1 . PHE A 1 122 ? 9.281   7.347   -8.524  1.00 19.09 ? 122 PHE X CD1 1 
ATOM   1026 C CD2 . PHE A 1 122 ? 7.772   9.134   -8.023  1.00 18.79 ? 122 PHE X CD2 1 
ATOM   1027 C CE1 . PHE A 1 122 ? 10.373  8.201   -8.314  1.00 15.15 ? 122 PHE X CE1 1 
ATOM   1028 C CE2 . PHE A 1 122 ? 8.847   9.994   -7.812  1.00 17.87 ? 122 PHE X CE2 1 
ATOM   1029 C CZ  . PHE A 1 122 ? 10.152  9.527   -7.959  1.00 17.14 ? 122 PHE X CZ  1 
ATOM   1030 N N   . PHE A 1 123 ? 4.237   6.140   -6.874  1.00 19.70 ? 123 PHE X N   1 
ATOM   1031 C CA  . PHE A 1 123 ? 2.825   5.937   -7.102  1.00 16.22 ? 123 PHE X CA  1 
ATOM   1032 C C   . PHE A 1 123 ? 2.481   6.610   -8.435  1.00 15.36 ? 123 PHE X C   1 
ATOM   1033 O O   . PHE A 1 123 ? 3.024   7.667   -8.740  1.00 17.31 ? 123 PHE X O   1 
ATOM   1034 C CB  . PHE A 1 123 ? 2.009   6.539   -5.944  1.00 15.87 ? 123 PHE X CB  1 
ATOM   1035 C CG  . PHE A 1 123 ? 0.570   6.109   -5.946  1.00 15.82 ? 123 PHE X CG  1 
ATOM   1036 C CD1 . PHE A 1 123 ? 0.227   4.821   -5.572  1.00 15.11 ? 123 PHE X CD1 1 
ATOM   1037 C CD2 . PHE A 1 123 ? -0.431  6.981   -6.356  1.00 18.79 ? 123 PHE X CD2 1 
ATOM   1038 C CE1 . PHE A 1 123 ? -1.113  4.391   -5.583  1.00 17.03 ? 123 PHE X CE1 1 
ATOM   1039 C CE2 . PHE A 1 123 ? -1.773  6.573   -6.396  1.00 17.65 ? 123 PHE X CE2 1 
ATOM   1040 C CZ  . PHE A 1 123 ? -2.116  5.269   -5.998  1.00 18.93 ? 123 PHE X CZ  1 
ATOM   1041 N N   . PRO A 1 124 ? 1.596   6.009   -9.238  1.00 16.27 ? 124 PRO X N   1 
ATOM   1042 C CA  . PRO A 1 124 ? 1.261   6.654   -10.517 1.00 19.29 ? 124 PRO X CA  1 
ATOM   1043 C C   . PRO A 1 124 ? 0.503   7.977   -10.347 1.00 17.65 ? 124 PRO X C   1 
ATOM   1044 O O   . PRO A 1 124 ? -0.217  8.155   -9.369  1.00 20.01 ? 124 PRO X O   1 
ATOM   1045 C CB  . PRO A 1 124 ? 0.387   5.607   -11.223 1.00 22.64 ? 124 PRO X CB  1 
ATOM   1046 C CG  . PRO A 1 124 ? -0.118  4.723   -10.147 1.00 23.85 ? 124 PRO X CG  1 
ATOM   1047 C CD  . PRO A 1 124 ? 0.917   4.713   -9.065  1.00 21.10 ? 124 PRO X CD  1 
ATOM   1048 N N   . PRO A 1 125 ? 0.715   8.923   -11.278 1.00 20.08 ? 125 PRO X N   1 
ATOM   1049 C CA  . PRO A 1 125 ? -0.030  10.188  -11.274 1.00 21.14 ? 125 PRO X CA  1 
ATOM   1050 C C   . PRO A 1 125 ? -1.533  9.934   -11.282 1.00 22.28 ? 125 PRO X C   1 
ATOM   1051 O O   . PRO A 1 125 ? -1.988  8.977   -11.906 1.00 20.60 ? 125 PRO X O   1 
ATOM   1052 C CB  . PRO A 1 125 ? 0.413   10.868  -12.576 1.00 28.16 ? 125 PRO X CB  1 
ATOM   1053 C CG  . PRO A 1 125 ? 1.751   10.255  -12.885 1.00 26.61 ? 125 PRO X CG  1 
ATOM   1054 C CD  . PRO A 1 125 ? 1.671   8.840   -12.401 1.00 21.70 ? 125 PRO X CD  1 
ATOM   1055 N N   . TYR A 1 126 ? -2.273  10.752  -10.550 1.00 22.02 ? 126 TYR X N   1 
ATOM   1056 C CA  . TYR A 1 126 ? -3.727  10.697  -10.549 1.00 23.88 ? 126 TYR X CA  1 
ATOM   1057 C C   . TYR A 1 126 ? -4.254  12.120  -10.421 1.00 26.23 ? 126 TYR X C   1 
ATOM   1058 O O   . TYR A 1 126 ? -3.533  13.024  -9.969  1.00 24.19 ? 126 TYR X O   1 
ATOM   1059 C CB  . TYR A 1 126 ? -4.257  9.815   -9.412  1.00 21.07 ? 126 TYR X CB  1 
ATOM   1060 C CG  . TYR A 1 126 ? -3.823  10.241  -8.020  1.00 25.44 ? 126 TYR X CG  1 
ATOM   1061 C CD1 . TYR A 1 126 ? -2.585  9.854   -7.500  1.00 21.19 ? 126 TYR X CD1 1 
ATOM   1062 C CD2 . TYR A 1 126 ? -4.661  11.000  -7.212  1.00 22.78 ? 126 TYR X CD2 1 
ATOM   1063 C CE1 . TYR A 1 126 ? -2.189  10.227  -6.226  1.00 22.63 ? 126 TYR X CE1 1 
ATOM   1064 C CE2 . TYR A 1 126 ? -4.275  11.383  -5.934  1.00 17.86 ? 126 TYR X CE2 1 
ATOM   1065 C CZ  . TYR A 1 126 ? -3.038  10.998  -5.445  1.00 19.41 ? 126 TYR X CZ  1 
ATOM   1066 O OH  . TYR A 1 126 ? -2.666  11.371  -4.174  1.00 17.21 ? 126 TYR X OH  1 
ATOM   1067 N N   . THR A 1 127 ? -5.506  12.320  -10.811 1.00 30.30 ? 127 THR X N   1 
ATOM   1068 C CA  . THR A 1 127 ? -6.091  13.655  -10.766 1.00 26.14 ? 127 THR X CA  1 
ATOM   1069 C C   . THR A 1 127 ? -7.345  13.683  -9.895  1.00 25.72 ? 127 THR X C   1 
ATOM   1070 O O   . THR A 1 127 ? -8.138  12.732  -9.894  1.00 28.66 ? 127 THR X O   1 
ATOM   1071 C CB  . THR A 1 127 ? -6.421  14.158  -12.184 1.00 34.37 ? 127 THR X CB  1 
ATOM   1072 O OG1 . THR A 1 127 ? -7.053  15.440  -12.099 1.00 38.17 ? 127 THR X OG1 1 
ATOM   1073 C CG2 . THR A 1 127 ? -7.334  13.179  -12.901 1.00 34.34 ? 127 THR X CG2 1 
ATOM   1074 N N   . PHE A 1 128 ? -7.523  14.764  -9.138  1.00 32.28 ? 128 PHE X N   1 
ATOM   1075 C CA  . PHE A 1 128 ? -8.695  14.869  -8.265  1.00 37.04 ? 128 PHE X CA  1 
ATOM   1076 C C   . PHE A 1 128 ? -9.966  15.084  -9.057  1.00 39.85 ? 128 PHE X C   1 
ATOM   1077 O O   . PHE A 1 128 ? -11.060 15.049  -8.502  1.00 43.09 ? 128 PHE X O   1 
ATOM   1078 C CB  . PHE A 1 128 ? -8.520  15.989  -7.244  1.00 39.15 ? 128 PHE X CB  1 
ATOM   1079 C CG  . PHE A 1 128 ? -7.613  15.622  -6.112  1.00 37.18 ? 128 PHE X CG  1 
ATOM   1080 C CD1 . PHE A 1 128 ? -8.033  14.733  -5.137  1.00 32.30 ? 128 PHE X CD1 1 
ATOM   1081 C CD2 . PHE A 1 128 ? -6.331  16.145  -6.030  1.00 38.74 ? 128 PHE X CD2 1 
ATOM   1082 C CE1 . PHE A 1 128 ? -7.193  14.380  -4.096  1.00 32.31 ? 128 PHE X CE1 1 
ATOM   1083 C CE2 . PHE A 1 128 ? -5.491  15.794  -4.992  1.00 38.98 ? 128 PHE X CE2 1 
ATOM   1084 C CZ  . PHE A 1 128 ? -5.926  14.911  -4.025  1.00 35.85 ? 128 PHE X CZ  1 
ATOM   1085 N N   . GLU A 1 129 ? -9.834  15.300  -10.359 1.00 35.84 ? 129 GLU X N   1 
ATOM   1086 C CA  . GLU A 1 129 ? -11.023 15.372  -11.193 1.00 45.50 ? 129 GLU X CA  1 
ATOM   1087 C C   . GLU A 1 129 ? -11.602 13.977  -11.429 1.00 46.34 ? 129 GLU X C   1 
ATOM   1088 O O   . GLU A 1 129 ? -12.693 13.833  -11.977 1.00 49.13 ? 129 GLU X O   1 
ATOM   1089 C CB  . GLU A 1 129 ? -10.713 16.074  -12.514 1.00 53.52 ? 129 GLU X CB  1 
ATOM   1090 C CG  . GLU A 1 129 ? -10.119 17.459  -12.299 1.00 63.15 ? 129 GLU X CG  1 
ATOM   1091 C CD  . GLU A 1 129 ? -11.129 18.572  -12.538 1.00 90.90 ? 129 GLU X CD  1 
ATOM   1092 O OE1 . GLU A 1 129 ? -12.251 18.273  -13.003 1.00 92.15 ? 129 GLU X OE1 1 
ATOM   1093 O OE2 . GLU A 1 129 ? -10.815 19.741  -12.222 1.00 98.60 ? 129 GLU X OE2 1 
ATOM   1094 N N   . ASP A 1 130 ? -10.880 12.950  -10.989 1.00 34.78 ? 130 ASP X N   1 
ATOM   1095 C CA  . ASP A 1 130 ? -11.367 11.576  -11.093 1.00 33.80 ? 130 ASP X CA  1 
ATOM   1096 C C   . ASP A 1 130 ? -11.794 11.015  -9.741  1.00 34.87 ? 130 ASP X C   1 
ATOM   1097 O O   . ASP A 1 130 ? -12.435 9.962   -9.668  1.00 32.99 ? 130 ASP X O   1 
ATOM   1098 C CB  . ASP A 1 130 ? -10.297 10.651  -11.683 1.00 34.56 ? 130 ASP X CB  1 
ATOM   1099 C CG  . ASP A 1 130 ? -10.093 10.858  -13.166 1.00 50.86 ? 130 ASP X CG  1 
ATOM   1100 O OD1 . ASP A 1 130 ? -10.972 11.460  -13.817 1.00 48.24 ? 130 ASP X OD1 1 
ATOM   1101 O OD2 . ASP A 1 130 ? -9.053  10.391  -13.681 1.00 42.66 ? 130 ASP X OD2 1 
ATOM   1102 N N   . TRP A 1 131 ? -11.407 11.707  -8.675  1.00 30.71 ? 131 TRP X N   1 
ATOM   1103 C CA  . TRP A 1 131 ? -11.532 11.176  -7.325  1.00 28.55 ? 131 TRP X CA  1 
ATOM   1104 C C   . TRP A 1 131 ? -12.170 12.185  -6.382  1.00 30.83 ? 131 TRP X C   1 
ATOM   1105 O O   . TRP A 1 131 ? -11.698 13.314  -6.274  1.00 35.18 ? 131 TRP X O   1 
ATOM   1106 C CB  . TRP A 1 131 ? -10.151 10.770  -6.787  1.00 25.03 ? 131 TRP X CB  1 
ATOM   1107 C CG  . TRP A 1 131 ? -9.480  9.713   -7.608  1.00 24.26 ? 131 TRP X CG  1 
ATOM   1108 C CD1 . TRP A 1 131 ? -8.627  9.904   -8.669  1.00 25.71 ? 131 TRP X CD1 1 
ATOM   1109 C CD2 . TRP A 1 131 ? -9.626  8.294   -7.461  1.00 24.90 ? 131 TRP X CD2 1 
ATOM   1110 N NE1 . TRP A 1 131 ? -8.232  8.690   -9.180  1.00 25.22 ? 131 TRP X NE1 1 
ATOM   1111 C CE2 . TRP A 1 131 ? -8.831  7.685   -8.458  1.00 25.34 ? 131 TRP X CE2 1 
ATOM   1112 C CE3 . TRP A 1 131 ? -10.347 7.477   -6.580  1.00 23.74 ? 131 TRP X CE3 1 
ATOM   1113 C CZ2 . TRP A 1 131 ? -8.731  6.308   -8.590  1.00 24.08 ? 131 TRP X CZ2 1 
ATOM   1114 C CZ3 . TRP A 1 131 ? -10.255 6.103   -6.720  1.00 22.45 ? 131 TRP X CZ3 1 
ATOM   1115 C CH2 . TRP A 1 131 ? -9.450  5.532   -7.716  1.00 22.92 ? 131 TRP X CH2 1 
ATOM   1116 N N   . GLU A 1 132 ? -13.229 11.771  -5.693  1.00 25.93 ? 132 GLU X N   1 
ATOM   1117 C CA  . GLU A 1 132 ? -13.825 12.597  -4.663  1.00 28.38 ? 132 GLU X CA  1 
ATOM   1118 C C   . GLU A 1 132 ? -13.130 12.365  -3.329  1.00 26.03 ? 132 GLU X C   1 
ATOM   1119 O O   . GLU A 1 132 ? -12.815 11.223  -2.962  1.00 22.36 ? 132 GLU X O   1 
ATOM   1120 C CB  . GLU A 1 132 ? -15.319 12.312  -4.517  1.00 26.80 ? 132 GLU X CB  1 
ATOM   1121 C CG  . GLU A 1 132 ? -16.036 13.437  -3.792  1.00 43.69 ? 132 GLU X CG  1 
ATOM   1122 C CD  . GLU A 1 132 ? -17.486 13.134  -3.499  1.00 43.98 ? 132 GLU X CD  1 
ATOM   1123 O OE1 . GLU A 1 132 ? -17.997 12.101  -3.987  1.00 43.42 ? 132 GLU X OE1 1 
ATOM   1124 O OE2 . GLU A 1 132 ? -18.112 13.935  -2.771  1.00 62.83 ? 132 GLU X OE2 1 
ATOM   1125 N N   . VAL A 1 133 ? -12.906 13.447  -2.596  1.00 23.24 ? 133 VAL X N   1 
ATOM   1126 C CA  . VAL A 1 133 ? -12.292 13.365  -1.279  1.00 18.57 ? 133 VAL X CA  1 
ATOM   1127 C C   . VAL A 1 133 ? -13.358 13.013  -0.237  1.00 23.05 ? 133 VAL X C   1 
ATOM   1128 O O   . VAL A 1 133 ? -14.071 13.885  0.260   1.00 23.34 ? 133 VAL X O   1 
ATOM   1129 C CB  . VAL A 1 133 ? -11.601 14.689  -0.913  1.00 20.78 ? 133 VAL X CB  1 
ATOM   1130 C CG1 . VAL A 1 133 ? -10.983 14.605  0.480   1.00 19.42 ? 133 VAL X CG1 1 
ATOM   1131 C CG2 . VAL A 1 133 ? -10.558 15.057  -1.992  1.00 25.79 ? 133 VAL X CG2 1 
ATOM   1132 N N   . ALA A 1 134 ? -13.471 11.728  0.081   1.00 18.89 ? 134 ALA X N   1 
ATOM   1133 C CA  . ALA A 1 134 ? -14.436 11.268  1.086   1.00 21.99 ? 134 ALA X CA  1 
ATOM   1134 C C   . ALA A 1 134 ? -14.046 11.816  2.456   1.00 22.91 ? 134 ALA X C   1 
ATOM   1135 O O   . ALA A 1 134 ? -14.903 12.192  3.254   1.00 19.85 ? 134 ALA X O   1 
ATOM   1136 C CB  . ALA A 1 134 ? -14.503 9.750   1.112   1.00 20.51 ? 134 ALA X CB  1 
ATOM   1137 N N   . SER A 1 135 ? -12.740 11.855  2.721   1.00 19.60 ? 135 SER X N   1 
ATOM   1138 C CA  . SER A 1 135 ? -12.220 12.450  3.943   1.00 17.97 ? 135 SER X CA  1 
ATOM   1139 C C   . SER A 1 135 ? -10.747 12.826  3.808   1.00 19.51 ? 135 SER X C   1 
ATOM   1140 O O   . SER A 1 135 ? -10.003 12.267  2.990   1.00 17.34 ? 135 SER X O   1 
ATOM   1141 C CB  . SER A 1 135 ? -12.406 11.506  5.134   1.00 21.24 ? 135 SER X CB  1 
ATOM   1142 O OG  . SER A 1 135 ? -11.683 10.299  4.955   1.00 22.94 ? 135 SER X OG  1 
ATOM   1143 N N   . SER A 1 136 ? -10.355 13.792  4.622   1.00 17.46 ? 136 SER X N   1 
ATOM   1144 C CA  . SER A 1 136 ? -8.997  14.315  4.644   1.00 16.49 ? 136 SER X CA  1 
ATOM   1145 C C   . SER A 1 136 ? -8.713  14.743  6.063   1.00 21.19 ? 136 SER X C   1 
ATOM   1146 O O   . SER A 1 136 ? -9.379  15.647  6.598   1.00 21.33 ? 136 SER X O   1 
ATOM   1147 C CB  . SER A 1 136 ? -8.847  15.477  3.677   1.00 18.05 ? 136 SER X CB  1 
ATOM   1148 O OG  . SER A 1 136 ? -7.542  16.026  3.755   1.00 20.22 ? 136 SER X OG  1 
ATOM   1149 N N   . VAL A 1 137 ? -7.762  14.060  6.688   1.00 20.95 ? 137 VAL X N   1 
ATOM   1150 C CA  . VAL A 1 137 ? -7.451  14.265  8.097   1.00 23.11 ? 137 VAL X CA  1 
ATOM   1151 C C   . VAL A 1 137 ? -5.954  14.474  8.302   1.00 24.70 ? 137 VAL X C   1 
ATOM   1152 O O   . VAL A 1 137 ? -5.152  13.603  7.956   1.00 23.75 ? 137 VAL X O   1 
ATOM   1153 C CB  . VAL A 1 137 ? -7.911  13.073  8.941   1.00 21.98 ? 137 VAL X CB  1 
ATOM   1154 C CG1 . VAL A 1 137 ? -7.575  13.298  10.405  1.00 26.80 ? 137 VAL X CG1 1 
ATOM   1155 C CG2 . VAL A 1 137 ? -9.426  12.821  8.754   1.00 19.16 ? 137 VAL X CG2 1 
ATOM   1156 N N   . GLU A 1 138 ? -5.583  15.621  8.859   1.00 26.54 ? 138 GLU X N   1 
ATOM   1157 C CA  . GLU A 1 138 ? -4.188  15.881  9.205   1.00 27.41 ? 138 GLU X CA  1 
ATOM   1158 C C   . GLU A 1 138 ? -3.714  14.937  10.290  1.00 28.36 ? 138 GLU X C   1 
ATOM   1159 O O   . GLU A 1 138 ? -4.392  14.760  11.313  1.00 29.25 ? 138 GLU X O   1 
ATOM   1160 C CB  . GLU A 1 138 ? -3.998  17.315  9.672   1.00 37.24 ? 138 GLU X CB  1 
ATOM   1161 C CG  . GLU A 1 138 ? -4.273  18.365  8.633   1.00 35.98 ? 138 GLU X CG  1 
ATOM   1162 C CD  . GLU A 1 138 ? -4.108  19.756  9.207   1.00 46.19 ? 138 GLU X CD  1 
ATOM   1163 O OE1 . GLU A 1 138 ? -4.575  20.733  8.584   1.00 53.69 ? 138 GLU X OE1 1 
ATOM   1164 O OE2 . GLU A 1 138 ? -3.519  19.865  10.305  1.00 43.58 ? 138 GLU X OE2 1 
ATOM   1165 N N   . GLY A 1 139 ? -2.554  14.325  10.062  1.00 25.83 ? 139 GLY X N   1 
ATOM   1166 C CA  . GLY A 1 139 ? -1.921  13.477  11.055  1.00 24.15 ? 139 GLY X CA  1 
ATOM   1167 C C   . GLY A 1 139 ? -1.372  14.338  12.183  1.00 27.21 ? 139 GLY X C   1 
ATOM   1168 O O   . GLY A 1 139 ? -0.934  15.479  11.969  1.00 26.41 ? 139 GLY X O   1 
ATOM   1169 N N   . LYS A 1 140 ? -1.402  13.799  13.394  1.00 29.94 ? 140 LYS X N   1 
ATOM   1170 C CA  . LYS A 1 140 ? -0.880  14.524  14.539  1.00 33.11 ? 140 LYS X CA  1 
ATOM   1171 C C   . LYS A 1 140 ? 0.611   14.263  14.649  1.00 27.56 ? 140 LYS X C   1 
ATOM   1172 O O   . LYS A 1 140 ? 1.076   13.127  14.483  1.00 31.48 ? 140 LYS X O   1 
ATOM   1173 C CB  . LYS A 1 140 ? -1.604  14.120  15.827  1.00 43.06 ? 140 LYS X CB  1 
ATOM   1174 C CG  . LYS A 1 140 ? -3.114  14.409  15.822  1.00 42.07 ? 140 LYS X CG  1 
ATOM   1175 C CD  . LYS A 1 140 ? -3.411  15.905  15.841  1.00 49.76 ? 140 LYS X CD  1 
ATOM   1176 C CE  . LYS A 1 140 ? -4.425  16.274  16.929  1.00 58.59 ? 140 LYS X CE  1 
ATOM   1177 N NZ  . LYS A 1 140 ? -5.818  15.775  16.680  1.00 39.01 ? 140 LYS X NZ  1 
ATOM   1178 N N   . LEU A 1 141 ? 1.360   15.328  14.888  1.00 29.70 ? 141 LEU X N   1 
ATOM   1179 C CA  . LEU A 1 141 ? 2.809   15.230  15.041  1.00 32.87 ? 141 LEU X CA  1 
ATOM   1180 C C   . LEU A 1 141 ? 3.207   15.132  16.505  1.00 43.55 ? 141 LEU X C   1 
ATOM   1181 O O   . LEU A 1 141 ? 2.559   15.712  17.377  1.00 38.66 ? 141 LEU X O   1 
ATOM   1182 C CB  . LEU A 1 141 ? 3.494   16.431  14.404  1.00 34.44 ? 141 LEU X CB  1 
ATOM   1183 C CG  . LEU A 1 141 ? 3.170   16.637  12.928  1.00 35.96 ? 141 LEU X CG  1 
ATOM   1184 C CD1 . LEU A 1 141 ? 4.136   17.626  12.326  1.00 37.01 ? 141 LEU X CD1 1 
ATOM   1185 C CD2 . LEU A 1 141 ? 3.213   15.299  12.212  1.00 31.15 ? 141 LEU X CD2 1 
ATOM   1186 N N   . ASP A 1 142 ? 4.278   14.395  16.765  1.00 34.98 ? 142 ASP X N   1 
ATOM   1187 C CA  . ASP A 1 142 ? 4.800   14.257  18.112  1.00 38.88 ? 142 ASP X CA  1 
ATOM   1188 C C   . ASP A 1 142 ? 6.288   13.942  18.050  1.00 48.71 ? 142 ASP X C   1 
ATOM   1189 O O   . ASP A 1 142 ? 6.931   14.138  17.016  1.00 46.32 ? 142 ASP X O   1 
ATOM   1190 C CB  . ASP A 1 142 ? 4.041   13.177  18.883  1.00 39.91 ? 142 ASP X CB  1 
ATOM   1191 C CG  . ASP A 1 142 ? 4.052   11.828  18.179  1.00 43.33 ? 142 ASP X CG  1 
ATOM   1192 O OD1 . ASP A 1 142 ? 5.101   11.429  17.632  1.00 48.13 ? 142 ASP X OD1 1 
ATOM   1193 O OD2 . ASP A 1 142 ? 3.000   11.152  18.181  1.00 53.87 ? 142 ASP X OD2 1 
ATOM   1194 N N   . GLU A 1 143 ? 6.827   13.433  19.152  1.00 58.44 ? 143 GLU X N   1 
ATOM   1195 C CA  . GLU A 1 143 ? 8.248   13.126  19.220  1.00 58.83 ? 143 GLU X CA  1 
ATOM   1196 C C   . GLU A 1 143 ? 8.616   11.991  18.263  1.00 56.61 ? 143 GLU X C   1 
ATOM   1197 O O   . GLU A 1 143 ? 9.705   11.995  17.680  1.00 52.90 ? 143 GLU X O   1 
ATOM   1198 C CB  . GLU A 1 143 ? 8.652   12.768  20.658  1.00 66.61 ? 143 GLU X CB  1 
ATOM   1199 C CG  . GLU A 1 143 ? 8.507   13.903  21.695  1.00 80.43 ? 143 GLU X CG  1 
ATOM   1200 C CD  . GLU A 1 143 ? 8.888   15.296  21.176  1.00 88.22 ? 143 GLU X CD  1 
ATOM   1201 O OE1 . GLU A 1 143 ? 9.846   15.427  20.379  1.00 83.96 ? 143 GLU X OE1 1 
ATOM   1202 O OE2 . GLU A 1 143 ? 8.214   16.272  21.575  1.00 91.23 ? 143 GLU X OE2 1 
ATOM   1203 N N   . LYS A 1 144 ? 7.699   11.038  18.084  1.00 41.70 ? 144 LYS X N   1 
ATOM   1204 C CA  . LYS A 1 144 ? 7.969   9.859   17.259  1.00 46.20 ? 144 LYS X CA  1 
ATOM   1205 C C   . LYS A 1 144 ? 7.457   10.007  15.826  1.00 43.98 ? 144 LYS X C   1 
ATOM   1206 O O   . LYS A 1 144 ? 7.783   9.198   14.958  1.00 40.11 ? 144 LYS X O   1 
ATOM   1207 C CB  . LYS A 1 144 ? 7.351   8.612   17.896  1.00 48.45 ? 144 LYS X CB  1 
ATOM   1208 C CG  . LYS A 1 144 ? 8.175   8.028   19.039  1.00 60.20 ? 144 LYS X CG  1 
ATOM   1209 C CD  . LYS A 1 144 ? 7.743   6.603   19.362  1.00 76.15 ? 144 LYS X CD  1 
ATOM   1210 C CE  . LYS A 1 144 ? 8.820   5.859   20.144  1.00 86.56 ? 144 LYS X CE  1 
ATOM   1211 N NZ  . LYS A 1 144 ? 8.293   4.630   20.800  1.00 81.18 ? 144 LYS X NZ  1 
ATOM   1212 N N   . ASN A 1 145 ? 6.646   11.033  15.582  1.00 39.39 ? 145 ASN X N   1 
ATOM   1213 C CA  . ASN A 1 145 ? 6.070   11.251  14.254  1.00 33.29 ? 145 ASN X CA  1 
ATOM   1214 C C   . ASN A 1 145 ? 6.256   12.696  13.854  1.00 29.69 ? 145 ASN X C   1 
ATOM   1215 O O   . ASN A 1 145 ? 5.461   13.559  14.226  1.00 34.79 ? 145 ASN X O   1 
ATOM   1216 C CB  . ASN A 1 145 ? 4.586   10.872  14.235  1.00 36.72 ? 145 ASN X CB  1 
ATOM   1217 C CG  . ASN A 1 145 ? 4.353   9.415   14.598  1.00 36.44 ? 145 ASN X CG  1 
ATOM   1218 O OD1 . ASN A 1 145 ? 4.306   8.544   13.725  1.00 34.78 ? 145 ASN X OD1 1 
ATOM   1219 N ND2 . ASN A 1 145 ? 4.211   9.142   15.891  1.00 43.05 ? 145 ASN X ND2 1 
ATOM   1220 N N   . THR A 1 146 ? 7.310   12.961  13.095  1.00 28.52 ? 146 THR X N   1 
ATOM   1221 C CA  . THR A 1 146 ? 7.777   14.329  12.964  1.00 29.10 ? 146 THR X CA  1 
ATOM   1222 C C   . THR A 1 146 ? 7.600   14.882  11.555  1.00 25.29 ? 146 THR X C   1 
ATOM   1223 O O   . THR A 1 146 ? 7.891   16.051  11.308  1.00 26.17 ? 146 THR X O   1 
ATOM   1224 C CB  . THR A 1 146 ? 9.266   14.435  13.388  1.00 36.21 ? 146 THR X CB  1 
ATOM   1225 O OG1 . THR A 1 146 ? 10.088  13.672  12.495  1.00 41.05 ? 146 THR X OG1 1 
ATOM   1226 C CG2 . THR A 1 146 ? 9.442   13.911  14.812  1.00 41.14 ? 146 THR X CG2 1 
ATOM   1227 N N   . ILE A 1 147 ? 7.128   14.043  10.635  1.00 25.38 ? 147 ILE X N   1 
ATOM   1228 C CA  . ILE A 1 147 ? 6.853   14.485  9.275   1.00 21.57 ? 147 ILE X CA  1 
ATOM   1229 C C   . ILE A 1 147 ? 5.361   14.763  9.117   1.00 17.02 ? 147 ILE X C   1 
ATOM   1230 O O   . ILE A 1 147 ? 4.539   13.897  9.435   1.00 20.03 ? 147 ILE X O   1 
ATOM   1231 C CB  . ILE A 1 147 ? 7.283   13.434  8.257   1.00 22.19 ? 147 ILE X CB  1 
ATOM   1232 C CG1 . ILE A 1 147 ? 8.689   12.929  8.628   1.00 36.96 ? 147 ILE X CG1 1 
ATOM   1233 C CG2 . ILE A 1 147 ? 7.236   14.032  6.869   1.00 23.39 ? 147 ILE X CG2 1 
ATOM   1234 C CD1 . ILE A 1 147 ? 8.981   11.450  8.286   1.00 35.08 ? 147 ILE X CD1 1 
ATOM   1235 N N   . PRO A 1 148 ? 5.005   15.965  8.652   1.00 19.51 ? 148 PRO X N   1 
ATOM   1236 C CA  . PRO A 1 148 ? 3.575   16.228  8.457   1.00 19.76 ? 148 PRO X CA  1 
ATOM   1237 C C   . PRO A 1 148 ? 2.986   15.265  7.448   1.00 20.47 ? 148 PRO X C   1 
ATOM   1238 O O   . PRO A 1 148 ? 3.649   14.888  6.470   1.00 18.35 ? 148 PRO X O   1 
ATOM   1239 C CB  . PRO A 1 148 ? 3.539   17.667  7.938   1.00 22.40 ? 148 PRO X CB  1 
ATOM   1240 C CG  . PRO A 1 148 ? 4.834   18.269  8.358   1.00 25.20 ? 148 PRO X CG  1 
ATOM   1241 C CD  . PRO A 1 148 ? 5.831   17.147  8.351   1.00 20.17 ? 148 PRO X CD  1 
ATOM   1242 N N   . HIS A 1 149 ? 1.749   14.848  7.689   1.00 19.16 ? 149 HIS X N   1 
ATOM   1243 C CA  . HIS A 1 149 ? 1.123   13.864  6.825   1.00 19.06 ? 149 HIS X CA  1 
ATOM   1244 C C   . HIS A 1 149 ? -0.376  14.021  6.900   1.00 19.02 ? 149 HIS X C   1 
ATOM   1245 O O   . HIS A 1 149 ? -0.909  14.483  7.911   1.00 20.99 ? 149 HIS X O   1 
ATOM   1246 C CB  . HIS A 1 149 ? 1.533   12.431  7.209   1.00 17.32 ? 149 HIS X CB  1 
ATOM   1247 C CG  . HIS A 1 149 ? 1.350   12.108  8.662   1.00 22.97 ? 149 HIS X CG  1 
ATOM   1248 N ND1 . HIS A 1 149 ? 2.141   12.646  9.654   1.00 18.97 ? 149 HIS X ND1 1 
ATOM   1249 C CD2 . HIS A 1 149 ? 0.484   11.268  9.286   1.00 24.59 ? 149 HIS X CD2 1 
ATOM   1250 C CE1 . HIS A 1 149 ? 1.760   12.168  10.830  1.00 26.02 ? 149 HIS X CE1 1 
ATOM   1251 N NE2 . HIS A 1 149 ? 0.759   11.329  10.632  1.00 26.34 ? 149 HIS X NE2 1 
ATOM   1252 N N   . THR A 1 150 ? -1.041  13.634  5.821   1.00 17.20 ? 150 THR X N   1 
ATOM   1253 C CA  . THR A 1 150 ? -2.491  13.740  5.724   1.00 17.52 ? 150 THR X CA  1 
ATOM   1254 C C   . THR A 1 150 ? -3.108  12.434  5.258   1.00 17.77 ? 150 THR X C   1 
ATOM   1255 O O   . THR A 1 150 ? -2.674  11.860  4.262   1.00 18.14 ? 150 THR X O   1 
ATOM   1256 C CB  . THR A 1 150 ? -2.890  14.841  4.747   1.00 22.62 ? 150 THR X CB  1 
ATOM   1257 O OG1 . THR A 1 150 ? -2.206  16.039  5.112   1.00 26.32 ? 150 THR X OG1 1 
ATOM   1258 C CG2 . THR A 1 150 ? -4.412  15.071  4.794   1.00 20.06 ? 150 THR X CG2 1 
ATOM   1259 N N   . PHE A 1 151 ? -4.119  11.963  5.979   1.00 18.79 ? 151 PHE X N   1 
ATOM   1260 C CA  . PHE A 1 151 ? -4.822  10.760  5.569   1.00 16.24 ? 151 PHE X CA  1 
ATOM   1261 C C   . PHE A 1 151 ? -5.970  11.109  4.632   1.00 22.89 ? 151 PHE X C   1 
ATOM   1262 O O   . PHE A 1 151 ? -6.903  11.814  5.025   1.00 19.26 ? 151 PHE X O   1 
ATOM   1263 C CB  . PHE A 1 151 ? -5.340  10.010  6.799   1.00 18.18 ? 151 PHE X CB  1 
ATOM   1264 C CG  . PHE A 1 151 ? -4.258  9.636   7.779   1.00 20.99 ? 151 PHE X CG  1 
ATOM   1265 C CD1 . PHE A 1 151 ? -3.358  8.619   7.488   1.00 18.47 ? 151 PHE X CD1 1 
ATOM   1266 C CD2 . PHE A 1 151 ? -4.149  10.297  8.999   1.00 21.77 ? 151 PHE X CD2 1 
ATOM   1267 C CE1 . PHE A 1 151 ? -2.357  8.258   8.410   1.00 17.97 ? 151 PHE X CE1 1 
ATOM   1268 C CE2 . PHE A 1 151 ? -3.156  9.949   9.915   1.00 25.28 ? 151 PHE X CE2 1 
ATOM   1269 C CZ  . PHE A 1 151 ? -2.265  8.930   9.618   1.00 20.34 ? 151 PHE X CZ  1 
ATOM   1270 N N   . LEU A 1 152 ? -5.889  10.630  3.396   1.00 16.20 ? 152 LEU X N   1 
ATOM   1271 C CA  . LEU A 1 152 ? -6.952  10.846  2.411   1.00 19.68 ? 152 LEU X CA  1 
ATOM   1272 C C   . LEU A 1 152 ? -7.705  9.566   2.150   1.00 22.78 ? 152 LEU X C   1 
ATOM   1273 O O   . LEU A 1 152 ? -7.089  8.522   1.964   1.00 23.25 ? 152 LEU X O   1 
ATOM   1274 C CB  . LEU A 1 152 ? -6.401  11.332  1.071   1.00 18.06 ? 152 LEU X CB  1 
ATOM   1275 C CG  . LEU A 1 152 ? -5.579  12.598  0.991   1.00 19.93 ? 152 LEU X CG  1 
ATOM   1276 C CD1 . LEU A 1 152 ? -5.161  12.801  -0.473  1.00 21.68 ? 152 LEU X CD1 1 
ATOM   1277 C CD2 . LEU A 1 152 ? -6.385  13.783  1.519   1.00 19.55 ? 152 LEU X CD2 1 
ATOM   1278 N N   . HIS A 1 153 ? -9.032  9.643   2.114   1.00 17.97 ? 153 HIS X N   1 
ATOM   1279 C CA  . HIS A 1 153 ? -9.825  8.571   1.528   1.00 20.20 ? 153 HIS X CA  1 
ATOM   1280 C C   . HIS A 1 153 ? -10.465 9.116   0.259   1.00 21.02 ? 153 HIS X C   1 
ATOM   1281 O O   . HIS A 1 153 ? -11.292 10.028  0.325   1.00 18.72 ? 153 HIS X O   1 
ATOM   1282 C CB  . HIS A 1 153 ? -10.888 8.062   2.504   1.00 19.44 ? 153 HIS X CB  1 
ATOM   1283 C CG  . HIS A 1 153 ? -11.688 6.916   1.974   1.00 23.77 ? 153 HIS X CG  1 
ATOM   1284 N ND1 . HIS A 1 153 ? -12.955 6.620   2.431   1.00 20.42 ? 153 HIS X ND1 1 
ATOM   1285 C CD2 . HIS A 1 153 ? -11.399 5.985   1.032   1.00 17.35 ? 153 HIS X CD2 1 
ATOM   1286 C CE1 . HIS A 1 153 ? -13.417 5.563   1.786   1.00 20.83 ? 153 HIS X CE1 1 
ATOM   1287 N NE2 . HIS A 1 153 ? -12.494 5.162   0.930   1.00 20.07 ? 153 HIS X NE2 1 
ATOM   1288 N N   . LEU A 1 154 ? -10.063 8.577   -0.895  1.00 16.24 ? 154 LEU X N   1 
ATOM   1289 C CA  . LEU A 1 154 ? -10.560 9.031   -2.195  1.00 17.97 ? 154 LEU X CA  1 
ATOM   1290 C C   . LEU A 1 154 ? -11.438 7.950   -2.800  1.00 21.22 ? 154 LEU X C   1 
ATOM   1291 O O   . LEU A 1 154 ? -11.103 6.764   -2.745  1.00 19.56 ? 154 LEU X O   1 
ATOM   1292 C CB  . LEU A 1 154 ? -9.401  9.358   -3.145  1.00 18.48 ? 154 LEU X CB  1 
ATOM   1293 C CG  . LEU A 1 154 ? -8.346  10.327  -2.607  1.00 22.30 ? 154 LEU X CG  1 
ATOM   1294 C CD1 . LEU A 1 154 ? -7.239  10.555  -3.656  1.00 28.22 ? 154 LEU X CD1 1 
ATOM   1295 C CD2 . LEU A 1 154 ? -8.948  11.656  -2.163  1.00 23.01 ? 154 LEU X CD2 1 
ATOM   1296 N N   . ILE A 1 155 ? -12.564 8.359   -3.368  1.00 20.61 ? 155 ILE X N   1 
ATOM   1297 C CA  . ILE A 1 155 ? -13.502 7.417   -3.957  1.00 19.65 ? 155 ILE X CA  1 
ATOM   1298 C C   . ILE A 1 155 ? -13.656 7.778   -5.424  1.00 22.21 ? 155 ILE X C   1 
ATOM   1299 O O   . ILE A 1 155 ? -13.750 8.952   -5.772  1.00 24.50 ? 155 ILE X O   1 
ATOM   1300 C CB  . ILE A 1 155 ? -14.865 7.444   -3.216  1.00 22.27 ? 155 ILE X CB  1 
ATOM   1301 C CG1 . ILE A 1 155 ? -14.674 6.999   -1.765  1.00 19.81 ? 155 ILE X CG1 1 
ATOM   1302 C CG2 . ILE A 1 155 ? -15.874 6.516   -3.894  1.00 34.42 ? 155 ILE X CG2 1 
ATOM   1303 C CD1 . ILE A 1 155 ? -15.945 7.102   -0.923  1.00 31.53 ? 155 ILE X CD1 1 
ATOM   1304 N N   . ARG A 1 156 ? -13.621 6.777   -6.295  1.00 28.98 ? 156 ARG X N   1 
ATOM   1305 C CA  . ARG A 1 156 ? -13.688 7.049   -7.724  1.00 28.99 ? 156 ARG X CA  1 
ATOM   1306 C C   . ARG A 1 156 ? -15.023 7.703   -8.075  1.00 32.01 ? 156 ARG X C   1 
ATOM   1307 O O   . ARG A 1 156 ? -16.065 7.228   -7.642  1.00 32.05 ? 156 ARG X O   1 
ATOM   1308 C CB  . ARG A 1 156 ? -13.497 5.760   -8.531  1.00 28.79 ? 156 ARG X CB  1 
ATOM   1309 C CG  . ARG A 1 156 ? -13.478 5.999   -10.022 1.00 33.00 ? 156 ARG X CG  1 
ATOM   1310 C CD  . ARG A 1 156 ? -13.369 4.698   -10.791 1.00 32.26 ? 156 ARG X CD  1 
ATOM   1311 N NE  . ARG A 1 156 ? -12.285 3.858   -10.294 1.00 38.99 ? 156 ARG X NE  1 
ATOM   1312 C CZ  . ARG A 1 156 ? -11.020 3.953   -10.691 1.00 33.56 ? 156 ARG X CZ  1 
ATOM   1313 N NH1 . ARG A 1 156 ? -10.668 4.864   -11.596 1.00 30.94 ? 156 ARG X NH1 1 
ATOM   1314 N NH2 . ARG A 1 156 ? -10.113 3.123   -10.184 1.00 28.22 ? 156 ARG X NH2 1 
ATOM   1315 N N   . LYS A 1 157 ? -14.987 8.799   -8.834  1.00 31.03 ? 157 LYS X N   1 
ATOM   1316 C CA  . LYS A 1 157 ? -16.219 9.476   -9.250  1.00 35.68 ? 157 LYS X CA  1 
ATOM   1317 C C   . LYS A 1 157 ? -16.918 8.694   -10.359 1.00 50.68 ? 157 LYS X C   1 
ATOM   1318 O O   . LYS A 1 157 ? -18.152 8.643   -10.437 1.00 54.60 ? 157 LYS X O   1 
ATOM   1319 C CB  . LYS A 1 157 ? -15.938 10.898  -9.730  1.00 35.32 ? 157 LYS X CB  1 
ATOM   1320 C CG  . LYS A 1 157 ? -15.390 11.852  -8.676  1.00 35.22 ? 157 LYS X CG  1 
ATOM   1321 C CD  . LYS A 1 157 ? -15.228 13.255  -9.250  1.00 30.94 ? 157 LYS X CD  1 
ATOM   1322 C CE  . LYS A 1 157 ? -14.627 14.205  -8.240  1.00 37.05 ? 157 LYS X CE  1 
ATOM   1323 N NZ  . LYS A 1 157 ? -14.334 15.557  -8.810  1.00 41.33 ? 157 LYS X NZ  1 
HETATM 1324 P PA  . NAP B 2 .   ? 6.581   -4.819  -6.067  1.00 21.02 ? 201 NAP X PA  1 
HETATM 1325 O O1A . NAP B 2 .   ? 5.477   -4.238  -6.862  1.00 19.18 ? 201 NAP X O1A 1 
HETATM 1326 O O2A . NAP B 2 .   ? 6.456   -4.825  -4.606  1.00 21.92 ? 201 NAP X O2A 1 
HETATM 1327 O O5B . NAP B 2 .   ? 6.958   -6.309  -6.586  1.00 18.93 ? 201 NAP X O5B 1 
HETATM 1328 C C5B . NAP B 2 .   ? 7.203   -6.515  -7.961  1.00 19.02 ? 201 NAP X C5B 1 
HETATM 1329 C C4B . NAP B 2 .   ? 7.079   -8.008  -8.183  1.00 18.02 ? 201 NAP X C4B 1 
HETATM 1330 O O4B . NAP B 2 .   ? 5.719   -8.352  -8.032  1.00 22.70 ? 201 NAP X O4B 1 
HETATM 1331 C C3B . NAP B 2 .   ? 7.423   -8.451  -9.596  1.00 23.76 ? 201 NAP X C3B 1 
HETATM 1332 O O3B . NAP B 2 .   ? 8.820   -8.572  -9.791  1.00 19.04 ? 201 NAP X O3B 1 
HETATM 1333 C C2B . NAP B 2 .   ? 6.683   -9.770  -9.630  1.00 22.67 ? 201 NAP X C2B 1 
HETATM 1334 O O2B . NAP B 2 .   ? 7.339   -10.718 -8.813  1.00 25.21 ? 201 NAP X O2B 1 
HETATM 1335 C C1B . NAP B 2 .   ? 5.400   -9.434  -8.885  1.00 18.99 ? 201 NAP X C1B 1 
HETATM 1336 N N9A . NAP B 2 .   ? 4.354   -9.084  -9.862  1.00 23.01 ? 201 NAP X N9A 1 
HETATM 1337 C C8A . NAP B 2 .   ? 3.853   -7.829  -10.135 1.00 24.22 ? 201 NAP X C8A 1 
HETATM 1338 N N7A . NAP B 2 .   ? 2.893   -7.947  -11.085 1.00 27.68 ? 201 NAP X N7A 1 
HETATM 1339 C C5A . NAP B 2 .   ? 2.783   -9.259  -11.419 1.00 25.75 ? 201 NAP X C5A 1 
HETATM 1340 C C6A . NAP B 2 .   ? 1.969   -9.934  -12.315 1.00 31.81 ? 201 NAP X C6A 1 
HETATM 1341 N N6A . NAP B 2 .   ? 1.091   -9.274  -13.064 1.00 33.14 ? 201 NAP X N6A 1 
HETATM 1342 N N1A . NAP B 2 .   ? 2.090   -11.304 -12.433 1.00 29.28 ? 201 NAP X N1A 1 
HETATM 1343 C C2A . NAP B 2 .   ? 2.993   -11.992 -11.652 1.00 27.45 ? 201 NAP X C2A 1 
HETATM 1344 N N3A . NAP B 2 .   ? 3.801   -11.325 -10.761 1.00 24.43 ? 201 NAP X N3A 1 
HETATM 1345 C C4A . NAP B 2 .   ? 3.691   -9.979  -10.645 1.00 27.69 ? 201 NAP X C4A 1 
HETATM 1346 O O3  . NAP B 2 .   ? 7.929   -4.050  -6.510  1.00 22.39 ? 201 NAP X O3  1 
HETATM 1347 P PN  . NAP B 2 .   ? 8.295   -2.513  -6.861  1.00 19.63 ? 201 NAP X PN  1 
HETATM 1348 O O1N . NAP B 2 .   ? 9.764   -2.477  -7.002  1.00 18.57 ? 201 NAP X O1N 1 
HETATM 1349 O O2N . NAP B 2 .   ? 7.472   -2.072  -7.978  1.00 19.65 ? 201 NAP X O2N 1 
HETATM 1350 O O5D . NAP B 2 .   ? 7.906   -1.727  -5.511  1.00 18.53 ? 201 NAP X O5D 1 
HETATM 1351 C C5D . NAP B 2 .   ? 8.642   -1.925  -4.323  1.00 19.89 ? 201 NAP X C5D 1 
HETATM 1352 C C4D . NAP B 2 .   ? 8.786   -0.595  -3.604  1.00 20.49 ? 201 NAP X C4D 1 
HETATM 1353 O O4D . NAP B 2 .   ? 7.496   -0.181  -3.148  1.00 18.14 ? 201 NAP X O4D 1 
HETATM 1354 C C3D . NAP B 2 .   ? 9.668   -0.730  -2.373  1.00 20.22 ? 201 NAP X C3D 1 
HETATM 1355 O O3D . NAP B 2 .   ? 10.562  0.367   -2.278  1.00 18.76 ? 201 NAP X O3D 1 
HETATM 1356 C C2D . NAP B 2 .   ? 8.693   -0.664  -1.217  1.00 19.71 ? 201 NAP X C2D 1 
HETATM 1357 O O2D . NAP B 2 .   ? 9.261   -0.059  -0.088  1.00 18.13 ? 201 NAP X O2D 1 
HETATM 1358 C C1D . NAP B 2 .   ? 7.644   0.250   -1.815  1.00 16.04 ? 201 NAP X C1D 1 
HETATM 1359 N N1N . NAP B 2 .   ? 6.323   0.221   -1.164  1.00 19.57 ? 201 NAP X N1N 1 
HETATM 1360 C C2N . NAP B 2 .   ? 5.868   1.386   -0.627  1.00 17.82 ? 201 NAP X C2N 1 
HETATM 1361 C C3N . NAP B 2 .   ? 4.622   1.422   -0.036  1.00 16.20 ? 201 NAP X C3N 1 
HETATM 1362 C C7N . NAP B 2 .   ? 4.103   2.737   0.453   1.00 17.90 ? 201 NAP X C7N 1 
HETATM 1363 O O7N . NAP B 2 .   ? 2.765   2.793   0.817   1.00 20.41 ? 201 NAP X O7N 1 
HETATM 1364 N N7N . NAP B 2 .   ? 4.915   3.785   0.536   1.00 18.56 ? 201 NAP X N7N 1 
HETATM 1365 C C4N . NAP B 2 .   ? 3.824   0.279   -0.001  1.00 19.70 ? 201 NAP X C4N 1 
HETATM 1366 C C5N . NAP B 2 .   ? 4.291   -0.906  -0.567  1.00 19.77 ? 201 NAP X C5N 1 
HETATM 1367 C C6N . NAP B 2 .   ? 5.558   -0.914  -1.157  1.00 19.52 ? 201 NAP X C6N 1 
HETATM 1368 P P2B . NAP B 2 .   ? 8.372   -11.827 -9.427  1.00 24.00 ? 201 NAP X P2B 1 
HETATM 1369 O O1X . NAP B 2 .   ? 9.554   -11.068 -9.987  1.00 26.12 ? 201 NAP X O1X 1 
HETATM 1370 O O2X . NAP B 2 .   ? 8.775   -12.633 -8.223  1.00 20.89 ? 201 NAP X O2X 1 
HETATM 1371 O O3X . NAP B 2 .   ? 7.627   -12.584 -10.497 1.00 23.20 ? 201 NAP X O3X 1 
HETATM 1372 C C4  . U06 C 3 .   ? 1.107   1.112   2.624   0.72 31.03 ? 202 U06 X C4  1 
HETATM 1373 C C5  . U06 C 3 .   ? 2.293   1.029   3.334   0.72 30.96 ? 202 U06 X C5  1 
HETATM 1374 C C6  . U06 C 3 .   ? 2.531   1.993   4.291   0.72 26.14 ? 202 U06 X C6  1 
HETATM 1375 N N1  . U06 C 3 .   ? 1.641   2.948   4.532   0.72 30.60 ? 202 U06 X N1  1 
HETATM 1376 N N3  . U06 C 3 .   ? 0.239   2.099   2.890   0.72 28.56 ? 202 U06 X N3  1 
HETATM 1377 C CAA . U06 C 3 .   ? 3.305   1.083   6.248   0.72 33.55 ? 202 U06 X CAA 1 
HETATM 1378 C CAB . U06 C 3 .   ? 3.669   1.944   5.044   0.72 22.62 ? 202 U06 X CAB 1 
HETATM 1379 C C2  . U06 C 3 .   ? 0.509   3.011   3.837   0.72 27.90 ? 202 U06 X C2  1 
HETATM 1380 N NAF . U06 C 3 .   ? -0.336  3.982   4.126   0.72 17.90 ? 202 U06 X NAF 1 
HETATM 1381 N NAI . U06 C 3 .   ? 0.887   0.188   1.683   0.72 30.20 ? 202 U06 X NAI 1 
HETATM 1382 C CAK . U06 C 3 .   ? 3.278   -0.001  3.107   0.72 29.89 ? 202 U06 X CAK 1 
HETATM 1383 C CAL . U06 C 3 .   ? 4.146   -0.883  2.926   0.72 32.87 ? 202 U06 X CAL 1 
HETATM 1384 C CAM . U06 C 3 .   ? 5.164   -1.923  2.700   0.72 32.16 ? 202 U06 X CAM 1 
HETATM 1385 C CAN . U06 C 3 .   ? 5.957   -2.037  3.825   0.72 38.86 ? 202 U06 X CAN 1 
HETATM 1386 C CAU . U06 C 3 .   ? 5.372   -2.134  5.079   0.72 40.81 ? 202 U06 X CAU 1 
HETATM 1387 C CAO . U06 C 3 .   ? 7.337   -2.055  3.701   0.72 34.76 ? 202 U06 X CAO 1 
HETATM 1388 O OAP . U06 C 3 .   ? 7.815   -1.951  2.433   0.72 35.46 ? 202 U06 X OAP 1 
HETATM 1389 C CAQ . U06 C 3 .   ? 9.231   -1.762  2.511   0.72 35.02 ? 202 U06 X CAQ 1 
HETATM 1390 C CAR . U06 C 3 .   ? 8.157   -2.171  4.818   0.72 39.22 ? 202 U06 X CAR 1 
HETATM 1391 C CAS . U06 C 3 .   ? 7.568   -2.266  6.076   0.72 45.25 ? 202 U06 X CAS 1 
HETATM 1392 C CAT . U06 C 3 .   ? 6.180   -2.260  6.200   0.72 43.20 ? 202 U06 X CAT 1 
HETATM 1393 C CAV . U06 C 3 .   ? 5.574   -2.345  7.442   0.72 48.14 ? 202 U06 X CAV 1 
HETATM 1394 C CAW . U06 C 3 .   ? 6.332   -2.247  8.602   0.72 56.85 ? 202 U06 X CAW 1 
HETATM 1395 C CAX . U06 C 3 .   ? 5.698   -2.320  9.839   0.72 59.76 ? 202 U06 X CAX 1 
HETATM 1396 C CAY . U06 C 3 .   ? 4.317   -2.484  9.908   0.72 56.21 ? 202 U06 X CAY 1 
HETATM 1397 C CBB . U06 C 3 .   ? 3.685   -2.548  11.140  0.72 55.16 ? 202 U06 X CBB 1 
HETATM 1398 O OBD . U06 C 3 .   ? 2.448   -2.734  11.194  0.72 62.93 ? 202 U06 X OBD 1 
HETATM 1399 O OBC . U06 C 3 .   ? 4.346   -2.388  12.190  0.72 60.14 ? 202 U06 X OBC 1 
HETATM 1400 C CAZ . U06 C 3 .   ? 3.559   -2.575  8.747   0.72 58.99 ? 202 U06 X CAZ 1 
HETATM 1401 C CBA . U06 C 3 .   ? 4.192   -2.504  7.510   0.72 50.95 ? 202 U06 X CBA 1 
HETATM 1402 C C1  . GOL D 4 .   ? -0.751  13.994  -6.432  1.00 45.61 ? 203 GOL X C1  1 
HETATM 1403 O O1  . GOL D 4 .   ? -2.128  14.302  -6.519  1.00 53.41 ? 203 GOL X O1  1 
HETATM 1404 C C2  . GOL D 4 .   ? -0.179  14.143  -7.831  1.00 48.62 ? 203 GOL X C2  1 
HETATM 1405 O O2  . GOL D 4 .   ? 1.239   14.127  -7.821  1.00 45.27 ? 203 GOL X O2  1 
HETATM 1406 C C3  . GOL D 4 .   ? -0.751  13.025  -8.691  1.00 29.37 ? 203 GOL X C3  1 
HETATM 1407 O O3  . GOL D 4 .   ? -0.453  13.299  -10.041 1.00 36.74 ? 203 GOL X O3  1 
HETATM 1408 O O   . HOH E 5 .   ? 20.523  6.553   -5.774  1.00 36.94 ? 301 HOH X O   1 
HETATM 1409 O O   . HOH E 5 .   ? 13.174  -9.263  -3.821  1.00 51.58 ? 302 HOH X O   1 
HETATM 1410 O O   . HOH E 5 .   ? 5.841   -17.157 7.642   1.00 50.34 ? 303 HOH X O   1 
HETATM 1411 O O   . HOH E 5 .   ? -2.684  10.547  13.907  1.00 39.19 ? 304 HOH X O   1 
HETATM 1412 O O   . HOH E 5 .   ? 20.092  12.130  1.032   1.00 47.66 ? 305 HOH X O   1 
HETATM 1413 O O   . HOH E 5 .   ? -3.277  -6.561  13.796  1.00 44.46 ? 306 HOH X O   1 
HETATM 1414 O O   . HOH E 5 .   ? 18.652  2.455   1.709   1.00 39.64 ? 307 HOH X O   1 
HETATM 1415 O O   . HOH E 5 .   ? 2.779   -15.376 -13.051 1.00 39.59 ? 308 HOH X O   1 
HETATM 1416 O O   . HOH E 5 .   ? 0.455   17.693  15.198  1.00 43.67 ? 309 HOH X O   1 
HETATM 1417 O O   . HOH E 5 .   ? 0.031   -3.458  9.967   1.00 41.40 ? 310 HOH X O   1 
HETATM 1418 O O   . HOH E 5 .   ? -1.931  17.181  1.400   1.00 44.98 ? 311 HOH X O   1 
HETATM 1419 O O   . HOH E 5 .   ? 15.902  2.864   1.811   1.00 36.19 ? 312 HOH X O   1 
HETATM 1420 O O   . HOH E 5 .   ? -12.603 -8.432  4.694   1.00 36.80 ? 313 HOH X O   1 
HETATM 1421 O O   . HOH E 5 .   ? -2.199  -14.980 5.411   1.00 38.47 ? 314 HOH X O   1 
HETATM 1422 O O   . HOH E 5 .   ? -9.462  -12.396 0.849   1.00 34.52 ? 315 HOH X O   1 
HETATM 1423 O O   . HOH E 5 .   ? 4.370   4.856   5.828   1.00 29.71 ? 316 HOH X O   1 
HETATM 1424 O O   . HOH E 5 .   ? -6.661  17.203  1.617   1.00 37.93 ? 317 HOH X O   1 
HETATM 1425 O O   . HOH E 5 .   ? 12.726  -6.409  -1.499  1.00 33.33 ? 318 HOH X O   1 
HETATM 1426 O O   . HOH E 5 .   ? 1.661   -20.873 2.165   1.00 31.91 ? 319 HOH X O   1 
HETATM 1427 O O   . HOH E 5 .   ? 10.717  0.065   5.158   1.00 33.51 ? 320 HOH X O   1 
HETATM 1428 O O   . HOH E 5 .   ? -7.649  14.624  15.205  1.00 23.05 ? 321 HOH X O   1 
HETATM 1429 O O   . HOH E 5 .   ? 12.587  0.351   -4.126  1.00 19.72 ? 322 HOH X O   1 
HETATM 1430 O O   . HOH E 5 .   ? -10.985 -1.189  7.169   1.00 37.13 ? 323 HOH X O   1 
HETATM 1431 O O   . HOH E 5 .   ? 8.823   -20.093 -1.009  1.00 35.29 ? 324 HOH X O   1 
HETATM 1432 O O   . HOH E 5 .   ? 10.419  13.260  -3.693  1.00 21.59 ? 325 HOH X O   1 
HETATM 1433 O O   . HOH E 5 .   ? -10.595 -9.782  3.224   1.00 35.33 ? 326 HOH X O   1 
HETATM 1434 O O   . HOH E 5 .   ? -9.177  10.335  5.834   1.00 19.75 ? 327 HOH X O   1 
HETATM 1435 O O   . HOH E 5 .   ? 8.122   -24.884 -9.440  1.00 36.12 ? 328 HOH X O   1 
HETATM 1436 O O   . HOH E 5 .   ? 8.577   17.459  13.476  1.00 35.96 ? 329 HOH X O   1 
HETATM 1437 O O   . HOH E 5 .   ? 10.601  -15.434 -5.390  1.00 34.55 ? 330 HOH X O   1 
HETATM 1438 O O   . HOH E 5 .   ? 12.168  -1.852  -5.706  1.00 24.61 ? 331 HOH X O   1 
HETATM 1439 O O   . HOH E 5 .   ? 17.407  -0.599  1.750   1.00 34.36 ? 332 HOH X O   1 
HETATM 1440 O O   . HOH E 5 .   ? 1.280   -12.403 -14.751 1.00 40.19 ? 333 HOH X O   1 
HETATM 1441 O O   . HOH E 5 .   ? -8.080  5.711   -12.684 1.00 36.56 ? 334 HOH X O   1 
HETATM 1442 O O   . HOH E 5 .   ? -12.111 15.967  -5.980  1.00 39.06 ? 335 HOH X O   1 
HETATM 1443 O O   . HOH E 5 .   ? 10.994  -14.162 -7.989  1.00 30.03 ? 336 HOH X O   1 
HETATM 1444 O O   . HOH E 5 .   ? 14.964  8.762   3.148   1.00 36.00 ? 337 HOH X O   1 
HETATM 1445 O O   . HOH E 5 .   ? 0.522   16.499  9.927   1.00 22.23 ? 338 HOH X O   1 
HETATM 1446 O O   . HOH E 5 .   ? -17.251 16.351  -1.899  1.00 43.91 ? 339 HOH X O   1 
HETATM 1447 O O   . HOH E 5 .   ? 2.873   -18.988 0.130   1.00 35.86 ? 340 HOH X O   1 
HETATM 1448 O O   . HOH E 5 .   ? -2.331  13.986  -3.512  1.00 32.27 ? 341 HOH X O   1 
HETATM 1449 O O   . HOH E 5 .   ? 10.622  -3.809  -2.020  1.00 31.36 ? 342 HOH X O   1 
HETATM 1450 O O   . HOH E 5 .   ? 16.639  8.275   -6.778  1.00 27.19 ? 343 HOH X O   1 
HETATM 1451 O O   . HOH E 5 .   ? 10.833  -15.927 0.055   1.00 48.28 ? 344 HOH X O   1 
HETATM 1452 O O   . HOH E 5 .   ? -13.123 0.968   1.478   1.00 26.26 ? 345 HOH X O   1 
HETATM 1453 O O   . HOH E 5 .   ? 1.355   -20.973 -0.984  1.00 43.80 ? 346 HOH X O   1 
HETATM 1454 O O   . HOH E 5 .   ? 8.496   -0.899  -10.219 1.00 37.13 ? 347 HOH X O   1 
HETATM 1455 O O   . HOH E 5 .   ? 10.897  -2.840  -9.462  1.00 41.13 ? 348 HOH X O   1 
HETATM 1456 O O   . HOH E 5 .   ? 18.312  8.533   0.398   1.00 38.01 ? 349 HOH X O   1 
HETATM 1457 O O   . HOH E 5 .   ? -6.776  17.783  5.708   1.00 32.67 ? 350 HOH X O   1 
HETATM 1458 O O   . HOH E 5 .   ? 7.422   13.092  -9.240  1.00 22.85 ? 351 HOH X O   1 
HETATM 1459 O O   . HOH E 5 .   ? -1.560  2.736   -14.431 1.00 49.75 ? 352 HOH X O   1 
HETATM 1460 O O   . HOH E 5 .   ? 4.065   4.737   -10.969 1.00 21.17 ? 353 HOH X O   1 
HETATM 1461 O O   . HOH E 5 .   ? -6.384  15.858  12.879  1.00 32.61 ? 354 HOH X O   1 
HETATM 1462 O O   . HOH E 5 .   ? -8.682  7.763   -14.462 1.00 50.99 ? 355 HOH X O   1 
HETATM 1463 O O   . HOH E 5 .   ? 8.972   10.761  12.342  1.00 41.14 ? 356 HOH X O   1 
HETATM 1464 O O   . HOH E 5 .   ? 7.398   -11.168 -12.871 1.00 29.71 ? 357 HOH X O   1 
HETATM 1465 O O   . HOH E 5 .   ? 15.517  7.956   0.561   1.00 30.16 ? 358 HOH X O   1 
HETATM 1466 O O   . HOH E 5 .   ? -13.776 8.222   4.573   1.00 25.00 ? 359 HOH X O   1 
HETATM 1467 O O   . HOH E 5 .   ? -2.550  -18.377 -9.323  1.00 43.38 ? 360 HOH X O   1 
HETATM 1468 O O   . HOH E 5 .   ? -13.168 -2.939  5.970   1.00 48.87 ? 361 HOH X O   1 
HETATM 1469 O O   . HOH E 5 .   ? -13.777 15.977  -3.457  1.00 31.05 ? 362 HOH X O   1 
HETATM 1470 O O   . HOH E 5 .   ? 13.979  1.876   -9.476  1.00 45.12 ? 363 HOH X O   1 
HETATM 1471 O O   . HOH E 5 .   ? 15.148  11.270  1.323   1.00 25.87 ? 364 HOH X O   1 
HETATM 1472 O O   . HOH E 5 .   ? -6.721  10.053  -12.018 1.00 33.52 ? 365 HOH X O   1 
HETATM 1473 O O   . HOH E 5 .   ? -13.551 4.237   5.374   1.00 39.76 ? 366 HOH X O   1 
HETATM 1474 O O   . HOH E 5 .   ? -0.286  17.842  -0.151  1.00 41.52 ? 367 HOH X O   1 
HETATM 1475 O O   . HOH E 5 .   ? -4.477  0.363   -13.602 1.00 30.10 ? 368 HOH X O   1 
HETATM 1476 O O   . HOH E 5 .   ? -5.938  7.085   4.278   1.00 18.75 ? 369 HOH X O   1 
HETATM 1477 O O   . HOH E 5 .   ? -2.997  5.283   3.745   1.00 20.79 ? 370 HOH X O   1 
HETATM 1478 O O   . HOH E 5 .   ? 7.854   4.284   8.634   1.00 38.94 ? 371 HOH X O   1 
HETATM 1479 O O   . HOH E 5 .   ? 6.836   -0.564  -12.655 1.00 35.80 ? 372 HOH X O   1 
HETATM 1480 O O   . HOH E 5 .   ? -1.155  -20.061 -1.370  1.00 43.34 ? 373 HOH X O   1 
HETATM 1481 O O   . HOH E 5 .   ? -1.278  -10.783 -14.509 1.00 34.92 ? 374 HOH X O   1 
HETATM 1482 O O   . HOH E 5 .   ? 3.196   -2.024  -14.104 1.00 41.20 ? 375 HOH X O   1 
HETATM 1483 O O   . HOH E 5 .   ? -1.021  7.715   -14.385 1.00 38.57 ? 376 HOH X O   1 
HETATM 1484 O O   . HOH E 5 .   ? 11.485  -15.824 -2.740  1.00 58.83 ? 377 HOH X O   1 
HETATM 1485 O O   . HOH E 5 .   ? -20.937 11.893  -3.919  1.00 46.16 ? 378 HOH X O   1 
HETATM 1486 O O   . HOH E 5 .   ? -10.188 18.417  7.425   1.00 21.68 ? 379 HOH X O   1 
HETATM 1487 O O   . HOH E 5 .   ? 14.021  -7.461  -10.260 1.00 35.20 ? 380 HOH X O   1 
HETATM 1488 O O   . HOH E 5 .   ? -12.103 0.358   5.128   1.00 38.14 ? 381 HOH X O   1 
HETATM 1489 O O   . HOH E 5 .   ? -6.479  7.608   -11.413 1.00 34.51 ? 382 HOH X O   1 
HETATM 1490 O O   . HOH E 5 .   ? -0.717  17.489  7.488   1.00 32.78 ? 383 HOH X O   1 
HETATM 1491 O O   . HOH E 5 .   ? -9.872  -16.838 -1.885  1.00 42.78 ? 384 HOH X O   1 
HETATM 1492 O O   . HOH E 5 .   ? -16.264 9.621   4.255   1.00 24.49 ? 385 HOH X O   1 
HETATM 1493 O O   . HOH E 5 .   ? 9.901   4.412   -11.373 1.00 40.63 ? 386 HOH X O   1 
HETATM 1494 O O   . HOH E 5 .   ? 9.033   -19.731 -11.492 1.00 43.61 ? 387 HOH X O   1 
HETATM 1495 O O   . HOH E 5 .   ? 5.553   4.730   7.718   1.00 36.90 ? 388 HOH X O   1 
HETATM 1496 O O   . HOH E 5 .   ? 11.225  12.578  -6.308  1.00 22.82 ? 389 HOH X O   1 
HETATM 1497 O O   . HOH E 5 .   ? -12.712 7.627   6.499   1.00 48.33 ? 390 HOH X O   1 
HETATM 1498 O O   . HOH E 5 .   ? -16.509 7.182   2.691   1.00 38.44 ? 391 HOH X O   1 
HETATM 1499 O O   . HOH E 5 .   ? 6.065   -8.425  -12.974 1.00 40.28 ? 392 HOH X O   1 
HETATM 1500 O O   . HOH E 5 .   ? -7.772  19.350  7.444   1.00 31.66 ? 393 HOH X O   1 
HETATM 1501 O O   . HOH E 5 .   ? -8.296  7.592   5.441   1.00 26.45 ? 394 HOH X O   1 
HETATM 1502 O O   . HOH E 5 .   ? 11.350  15.740  -9.549  1.00 34.92 ? 395 HOH X O   1 
HETATM 1503 O O   . HOH E 5 .   ? 0.214   14.935  -3.511  1.00 45.10 ? 396 HOH X O   1 
HETATM 1504 O O   . HOH E 5 .   ? 10.026  13.510  -8.736  1.00 28.55 ? 397 HOH X O   1 
HETATM 1505 O O   . HOH E 5 .   ? 0.722   -1.576  -15.848 1.00 47.44 ? 398 HOH X O   1 
HETATM 1506 O O   . HOH E 5 .   ? 15.477  5.843   2.368   1.00 39.09 ? 399 HOH X O   1 
HETATM 1507 O O   . HOH E 5 .   ? 17.263  12.830  1.965   1.00 29.96 ? 400 HOH X O   1 
# 
